data_3C2U
#
_entry.id   3C2U
#
_cell.length_a   77.579
_cell.length_b   84.401
_cell.length_c   94.039
_cell.angle_alpha   67.84
_cell.angle_beta   81.31
_cell.angle_gamma   75.08
#
_symmetry.space_group_name_H-M   'P 1'
#
loop_
_entity.id
_entity.type
_entity.pdbx_description
1 polymer Xylosidase/arabinosidase
2 non-polymer 2-[3-(2-HYDROXY-1,1-DIHYDROXYMETHYL-ETHYLAMINO)-PROPYLAMINO]-2-HYDROXYMETHYL-PROPANE-1,3-DIOL
3 water water
#
_entity_poly.entity_id   1
_entity_poly.type   'polypeptide(L)'
_entity_poly.pdbx_seq_one_letter_code
;MNIQNPVLKGFNPDPSIVRAGDDYYIATSTFEWFPGVQIHHSKDLVHWHLVAHPLSTTEFLDMKGNPDSGGIWAPDLSYA
DGKFWLIYTDVKVVDGMWKDCHNYLTTAEDIKGPWSKPILLNGAGFDASLFHDPSGKKYLVNMYWDQRVYHHNFYGIALQ
EYSVAEEKLIGKPEIIYKGTDIAYTEGPHLYYINDMYYLMTAEGGTTYQHSETIARSKTIHGPYEIQPDYPLLSAWKEVH
NPLQKCGHASLVETQNGQWYLAHLTGRPLPAPAGFPSREREQHAFCPLGRETAIQKIEWQDGWPVVVGGQQGSLEVEAPD
LPQQEWAPTYEERDDFDKDTLNINFQTLRIPFSEHLGSLTARPGFLRLYGRESLQSKFTQAHIARRWQSFNFDAGTSVEF
SPNSFQQMAGLTCYYNTENWSSIHVTWNEEKGRIIDLVTADNGTFSMPLAGAEIPIPDEVKTVHFKVSVRGRIYQYAYSF
DGETFHTLPIELPSWKLSDDYVRGGGFFTGAFVGINAIDITGTALPADFDYFTYKELD
;
_entity_poly.pdbx_strand_id   A,B,C,D
#
loop_
_chem_comp.id
_chem_comp.type
_chem_comp.name
_chem_comp.formula
B3P non-polymer 2-[3-(2-HYDROXY-1,1-DIHYDROXYMETHYL-ETHYLAMINO)-PROPYLAMINO]-2-HYDROXYMETHYL-PROPANE-1,3-DIOL 'C11 H26 N2 O6'
#
# COMPACT_ATOMS: atom_id res chain seq x y z
N MET A 1 33.79 0.37 -40.48
CA MET A 1 33.09 -0.27 -39.33
C MET A 1 31.66 0.21 -39.30
N ASN A 2 30.72 -0.69 -39.05
CA ASN A 2 29.31 -0.29 -38.97
C ASN A 2 28.93 0.31 -37.63
N ILE A 3 27.78 0.97 -37.62
CA ILE A 3 27.23 1.44 -36.36
C ILE A 3 26.89 0.26 -35.46
N GLN A 4 27.31 0.33 -34.20
N GLN A 4 27.30 0.34 -34.21
CA GLN A 4 27.01 -0.70 -33.21
CA GLN A 4 26.97 -0.68 -33.23
C GLN A 4 26.28 -0.08 -32.02
C GLN A 4 26.25 0.02 -32.10
N ASN A 5 24.98 -0.28 -32.00
CA ASN A 5 24.12 0.33 -31.01
C ASN A 5 24.20 -0.35 -29.65
N PRO A 6 23.95 0.42 -28.59
CA PRO A 6 23.79 1.87 -28.59
C PRO A 6 25.08 2.58 -28.83
N VAL A 7 25.00 3.70 -29.52
CA VAL A 7 26.20 4.51 -29.74
C VAL A 7 26.56 5.38 -28.56
N LEU A 8 25.58 5.80 -27.79
CA LEU A 8 25.83 6.51 -26.53
C LEU A 8 25.33 5.59 -25.44
N LYS A 9 26.25 5.05 -24.66
CA LYS A 9 25.93 4.04 -23.67
C LYS A 9 25.70 4.61 -22.29
N GLY A 10 24.92 3.88 -21.52
CA GLY A 10 24.45 4.36 -20.24
C GLY A 10 23.48 5.51 -20.42
N PHE A 11 23.16 6.18 -19.32
CA PHE A 11 22.13 7.23 -19.27
C PHE A 11 22.40 8.35 -20.26
N ASN A 12 21.62 8.33 -21.33
CA ASN A 12 21.80 9.18 -22.48
C ASN A 12 20.53 9.22 -23.28
N PRO A 13 19.42 9.75 -22.69
CA PRO A 13 18.11 9.63 -23.31
C PRO A 13 17.80 10.75 -24.27
N ASP A 14 16.65 10.64 -24.93
CA ASP A 14 16.05 11.73 -25.66
C ASP A 14 17.01 12.38 -26.65
N PRO A 15 17.65 11.59 -27.53
CA PRO A 15 18.67 12.18 -28.39
C PRO A 15 18.12 13.13 -29.40
N SER A 16 18.73 14.30 -29.46
CA SER A 16 18.49 15.30 -30.54
C SER A 16 19.74 15.41 -31.36
N ILE A 17 19.69 14.84 -32.56
CA ILE A 17 20.80 14.83 -33.47
C ILE A 17 20.70 16.00 -34.46
N VAL A 18 21.85 16.56 -34.77
CA VAL A 18 21.97 17.62 -35.77
C VAL A 18 23.26 17.48 -36.55
N ARG A 19 23.20 17.80 -37.84
CA ARG A 19 24.38 17.98 -38.64
C ARG A 19 24.64 19.47 -38.88
N ALA A 20 25.88 19.87 -38.62
CA ALA A 20 26.35 21.22 -38.96
C ALA A 20 27.59 21.02 -39.83
N GLY A 21 27.41 21.18 -41.13
CA GLY A 21 28.46 20.87 -42.09
C GLY A 21 28.85 19.38 -42.04
N ASP A 22 30.11 19.11 -41.71
CA ASP A 22 30.63 17.75 -41.62
C ASP A 22 30.55 17.19 -40.19
N ASP A 23 30.14 18.04 -39.25
CA ASP A 23 30.04 17.66 -37.84
C ASP A 23 28.64 17.22 -37.44
N TYR A 24 28.55 16.14 -36.68
CA TYR A 24 27.32 15.66 -36.09
C TYR A 24 27.39 15.81 -34.58
N TYR A 25 26.27 16.22 -34.01
CA TYR A 25 26.11 16.35 -32.56
C TYR A 25 24.82 15.69 -32.13
N ILE A 26 24.85 15.10 -30.95
CA ILE A 26 23.63 14.63 -30.29
C ILE A 26 23.60 15.22 -28.90
N ALA A 27 22.51 15.90 -28.58
CA ALA A 27 22.23 16.34 -27.22
C ALA A 27 21.34 15.31 -26.56
N THR A 28 21.67 14.99 -25.31
CA THR A 28 20.82 14.09 -24.50
C THR A 28 20.44 14.74 -23.15
N SER A 29 19.28 14.29 -22.63
CA SER A 29 18.77 14.78 -21.37
C SER A 29 19.56 14.34 -20.16
N THR A 30 19.60 15.24 -19.16
CA THR A 30 20.41 15.07 -17.99
C THR A 30 19.68 15.12 -16.67
N PHE A 31 18.43 15.60 -16.69
CA PHE A 31 17.53 15.60 -15.50
C PHE A 31 18.22 16.34 -14.39
N GLU A 32 18.39 15.76 -13.21
CA GLU A 32 18.95 16.46 -12.08
C GLU A 32 20.49 16.50 -12.08
N TRP A 33 21.15 15.89 -13.04
CA TRP A 33 22.62 15.85 -13.04
C TRP A 33 23.24 17.09 -13.73
N PHE A 34 24.31 17.60 -13.13
CA PHE A 34 24.85 18.93 -13.50
C PHE A 34 26.33 18.76 -13.86
N PRO A 35 26.80 19.49 -14.92
CA PRO A 35 26.09 20.46 -15.79
C PRO A 35 25.11 19.81 -16.76
N GLY A 36 24.16 20.61 -17.22
CA GLY A 36 23.06 20.12 -18.04
C GLY A 36 23.28 20.07 -19.54
N VAL A 37 22.65 19.05 -20.11
CA VAL A 37 22.58 18.70 -21.52
C VAL A 37 23.91 18.13 -22.00
N GLN A 38 24.02 16.82 -22.06
CA GLN A 38 25.23 16.21 -22.63
C GLN A 38 25.22 16.40 -24.14
N ILE A 39 26.37 16.78 -24.69
CA ILE A 39 26.53 16.83 -26.12
C ILE A 39 27.71 15.99 -26.55
N HIS A 40 27.44 15.05 -27.45
CA HIS A 40 28.45 14.17 -28.02
C HIS A 40 28.61 14.57 -29.51
N HIS A 41 29.81 14.35 -30.03
CA HIS A 41 30.18 14.70 -31.37
C HIS A 41 30.66 13.48 -32.12
N SER A 42 30.47 13.55 -33.45
CA SER A 42 30.92 12.54 -34.38
C SER A 42 31.07 13.15 -35.77
N LYS A 43 31.93 12.55 -36.58
CA LYS A 43 31.96 12.88 -38.00
C LYS A 43 31.54 11.71 -38.90
N ASP A 44 31.22 10.55 -38.33
CA ASP A 44 30.82 9.39 -39.14
C ASP A 44 29.58 8.62 -38.65
N LEU A 45 29.01 9.05 -37.51
CA LEU A 45 27.88 8.39 -36.83
C LEU A 45 28.19 7.07 -36.18
N VAL A 46 29.45 6.64 -36.29
CA VAL A 46 29.92 5.39 -35.73
C VAL A 46 30.66 5.61 -34.41
N HIS A 47 31.58 6.57 -34.41
CA HIS A 47 32.45 6.86 -33.28
C HIS A 47 32.03 8.18 -32.69
N TRP A 48 31.77 8.16 -31.38
CA TRP A 48 31.25 9.32 -30.68
C TRP A 48 32.16 9.69 -29.51
N HIS A 49 32.20 10.97 -29.16
CA HIS A 49 32.88 11.40 -27.92
C HIS A 49 32.10 12.53 -27.27
N LEU A 50 32.14 12.55 -25.94
CA LEU A 50 31.48 13.54 -25.13
C LEU A 50 32.30 14.82 -25.10
N VAL A 51 31.70 15.91 -25.55
CA VAL A 51 32.44 17.15 -25.75
C VAL A 51 31.95 18.38 -25.00
N ALA A 52 30.69 18.43 -24.55
CA ALA A 52 30.18 19.67 -23.94
C ALA A 52 28.96 19.42 -23.05
N HIS A 53 28.76 20.34 -22.12
CA HIS A 53 27.50 20.48 -21.39
C HIS A 53 27.21 21.99 -21.35
N PRO A 54 26.32 22.50 -22.21
CA PRO A 54 26.13 23.96 -22.25
C PRO A 54 25.58 24.59 -20.98
N LEU A 55 24.79 23.86 -20.19
CA LEU A 55 24.12 24.47 -19.05
C LEU A 55 25.02 24.34 -17.83
N SER A 56 25.98 25.26 -17.73
CA SER A 56 27.18 25.06 -16.93
C SER A 56 27.21 25.93 -15.67
N THR A 57 26.23 26.81 -15.51
CA THR A 57 26.15 27.67 -14.34
C THR A 57 24.69 27.83 -13.91
N THR A 58 24.45 28.36 -12.71
CA THR A 58 23.10 28.58 -12.22
C THR A 58 22.33 29.65 -12.98
N GLU A 59 23.01 30.46 -13.78
CA GLU A 59 22.30 31.38 -14.66
C GLU A 59 21.59 30.61 -15.76
N PHE A 60 22.15 29.48 -16.17
CA PHE A 60 21.48 28.64 -17.14
C PHE A 60 20.49 27.68 -16.51
N LEU A 61 20.80 27.23 -15.30
CA LEU A 61 20.12 26.06 -14.77
C LEU A 61 20.25 26.03 -13.26
N ASP A 62 19.15 26.21 -12.57
CA ASP A 62 19.10 26.34 -11.14
C ASP A 62 18.19 25.21 -10.64
N MET A 63 18.79 24.10 -10.22
CA MET A 63 18.06 22.90 -9.86
C MET A 63 18.07 22.50 -8.40
N LYS A 64 18.66 23.30 -7.51
N LYS A 64 18.57 23.38 -7.53
CA LYS A 64 18.62 22.93 -6.11
CA LYS A 64 18.47 23.12 -6.11
C LYS A 64 17.14 22.80 -5.67
C LYS A 64 17.02 22.78 -5.75
N GLY A 65 16.82 21.67 -5.03
CA GLY A 65 15.50 21.29 -4.64
C GLY A 65 14.68 20.56 -5.69
N ASN A 66 15.15 20.45 -6.93
CA ASN A 66 14.32 19.81 -7.93
C ASN A 66 14.04 18.35 -7.57
N PRO A 67 12.88 17.83 -7.98
N PRO A 67 12.84 17.85 -7.88
CA PRO A 67 12.57 16.40 -7.78
CA PRO A 67 12.61 16.40 -7.64
C PRO A 67 13.57 15.52 -8.49
C PRO A 67 13.53 15.52 -8.48
N ASP A 68 13.72 14.31 -8.01
CA ASP A 68 14.42 13.29 -8.74
C ASP A 68 13.69 13.08 -10.11
N SER A 69 14.48 13.08 -11.19
CA SER A 69 14.01 12.95 -12.54
C SER A 69 13.15 14.15 -12.96
N GLY A 70 13.32 15.27 -12.27
CA GLY A 70 12.94 16.60 -12.75
C GLY A 70 14.13 17.21 -13.50
N GLY A 71 14.20 18.53 -13.53
CA GLY A 71 15.31 19.15 -14.23
C GLY A 71 15.22 18.98 -15.73
N ILE A 72 16.37 18.76 -16.36
CA ILE A 72 16.49 18.81 -17.80
C ILE A 72 15.87 17.57 -18.45
N TRP A 73 14.74 17.79 -19.10
CA TRP A 73 14.06 16.76 -19.87
C TRP A 73 14.59 16.82 -21.31
N ALA A 74 13.88 16.27 -22.27
CA ALA A 74 14.43 16.18 -23.63
C ALA A 74 14.89 17.54 -24.13
N PRO A 75 16.14 17.62 -24.65
CA PRO A 75 16.67 18.85 -25.27
C PRO A 75 16.45 18.86 -26.77
N ASP A 76 16.59 20.04 -27.37
CA ASP A 76 16.51 20.13 -28.83
C ASP A 76 17.62 21.00 -29.32
N LEU A 77 18.48 20.43 -30.13
CA LEU A 77 19.67 21.11 -30.66
C LEU A 77 19.54 21.20 -32.17
N SER A 78 19.62 22.42 -32.67
CA SER A 78 19.55 22.68 -34.10
C SER A 78 20.68 23.61 -34.51
N TYR A 79 20.86 23.77 -35.81
CA TYR A 79 21.88 24.64 -36.36
C TYR A 79 21.29 25.41 -37.54
N ALA A 80 21.35 26.73 -37.46
CA ALA A 80 20.86 27.62 -38.51
C ALA A 80 21.42 29.02 -38.32
N ASP A 81 21.57 29.76 -39.41
CA ASP A 81 21.97 31.17 -39.35
C ASP A 81 23.31 31.30 -38.61
N GLY A 82 24.21 30.36 -38.82
CA GLY A 82 25.56 30.43 -38.28
C GLY A 82 25.65 30.15 -36.79
N LYS A 83 24.61 29.57 -36.18
CA LYS A 83 24.71 29.21 -34.79
C LYS A 83 23.92 27.99 -34.42
N PHE A 84 24.31 27.43 -33.28
CA PHE A 84 23.51 26.38 -32.61
C PHE A 84 22.43 27.03 -31.79
N TRP A 85 21.27 26.38 -31.79
CA TRP A 85 20.12 26.76 -30.98
C TRP A 85 19.78 25.59 -30.10
N LEU A 86 19.74 25.84 -28.80
CA LEU A 86 19.43 24.80 -27.81
C LEU A 86 18.16 25.18 -27.08
N ILE A 87 17.13 24.34 -27.23
CA ILE A 87 15.95 24.46 -26.41
C ILE A 87 16.06 23.48 -25.27
N TYR A 88 15.82 23.92 -24.05
CA TYR A 88 15.91 23.06 -22.90
C TYR A 88 14.75 23.33 -21.97
N THR A 89 14.48 22.37 -21.08
CA THR A 89 13.30 22.38 -20.24
C THR A 89 13.69 22.01 -18.82
N ASP A 90 13.38 22.88 -17.86
CA ASP A 90 13.56 22.59 -16.42
C ASP A 90 12.21 22.22 -15.83
N VAL A 91 12.05 20.94 -15.49
CA VAL A 91 10.78 20.44 -14.96
C VAL A 91 10.84 20.47 -13.42
N LYS A 92 9.82 21.07 -12.84
CA LYS A 92 9.73 21.27 -11.41
C LYS A 92 8.82 20.29 -10.70
N VAL A 93 7.83 19.72 -11.42
CA VAL A 93 6.85 18.79 -10.85
C VAL A 93 6.78 17.58 -11.77
N VAL A 94 7.01 16.39 -11.21
CA VAL A 94 7.13 15.18 -12.02
C VAL A 94 6.11 14.10 -11.69
N ASP A 95 5.15 14.38 -10.83
N ASP A 95 5.15 14.42 -10.83
CA ASP A 95 4.08 13.39 -10.57
CA ASP A 95 4.06 13.51 -10.55
C ASP A 95 2.80 14.13 -10.20
C ASP A 95 2.76 14.24 -10.39
N GLY A 96 1.68 13.49 -10.45
CA GLY A 96 0.37 14.06 -10.22
C GLY A 96 -0.27 14.65 -11.45
N MET A 97 -1.18 15.59 -11.25
CA MET A 97 -2.02 16.09 -12.33
C MET A 97 -1.35 17.16 -13.20
N TRP A 98 -0.29 17.83 -12.70
CA TRP A 98 0.43 18.84 -13.45
C TRP A 98 1.87 18.37 -13.67
N LYS A 99 2.55 19.04 -14.60
CA LYS A 99 3.94 18.76 -14.92
C LYS A 99 4.64 20.12 -15.11
N ASP A 100 4.56 20.97 -14.11
CA ASP A 100 5.11 22.31 -14.19
C ASP A 100 6.53 22.32 -14.68
N CYS A 101 6.76 23.14 -15.71
CA CYS A 101 8.08 23.19 -16.34
C CYS A 101 8.25 24.51 -17.09
N HIS A 102 9.48 24.77 -17.50
CA HIS A 102 9.79 25.98 -18.23
C HIS A 102 10.76 25.64 -19.34
N ASN A 103 10.46 26.13 -20.54
CA ASN A 103 11.30 25.94 -21.74
C ASN A 103 12.07 27.21 -22.02
N TYR A 104 13.35 27.03 -22.34
CA TYR A 104 14.28 28.11 -22.57
C TYR A 104 15.00 27.90 -23.90
N LEU A 105 15.52 29.01 -24.44
CA LEU A 105 16.40 29.01 -25.60
C LEU A 105 17.73 29.63 -25.25
N THR A 106 18.81 28.95 -25.65
CA THR A 106 20.18 29.54 -25.66
C THR A 106 20.85 29.19 -26.96
N THR A 107 21.76 30.05 -27.40
CA THR A 107 22.40 29.89 -28.68
C THR A 107 23.91 30.06 -28.51
N ALA A 108 24.66 29.53 -29.46
CA ALA A 108 26.14 29.62 -29.43
C ALA A 108 26.70 29.44 -30.82
N GLU A 109 27.81 30.10 -31.12
CA GLU A 109 28.48 29.86 -32.40
C GLU A 109 29.35 28.60 -32.41
N ASP A 110 29.81 28.16 -31.25
N ASP A 110 29.75 28.15 -31.22
CA ASP A 110 30.56 26.92 -31.15
CA ASP A 110 30.63 27.01 -31.02
C ASP A 110 29.98 26.10 -30.02
C ASP A 110 29.92 26.11 -30.02
N ILE A 111 29.94 24.79 -30.22
CA ILE A 111 29.27 23.88 -29.29
C ILE A 111 29.76 24.04 -27.84
N LYS A 112 31.02 24.43 -27.68
CA LYS A 112 31.58 24.63 -26.35
C LYS A 112 31.30 25.96 -25.73
N GLY A 113 30.58 26.83 -26.44
CA GLY A 113 30.22 28.13 -25.91
C GLY A 113 31.14 29.22 -26.42
N PRO A 114 30.93 30.43 -25.93
CA PRO A 114 29.92 30.78 -24.94
C PRO A 114 28.47 30.71 -25.43
N TRP A 115 27.60 30.32 -24.50
CA TRP A 115 26.18 30.29 -24.73
C TRP A 115 25.49 31.56 -24.25
N SER A 116 24.50 31.99 -25.01
CA SER A 116 23.82 33.23 -24.73
C SER A 116 22.87 33.13 -23.54
N LYS A 117 22.64 34.28 -22.92
CA LYS A 117 21.71 34.37 -21.81
C LYS A 117 20.38 33.71 -22.19
N PRO A 118 19.91 32.77 -21.36
CA PRO A 118 18.68 32.08 -21.76
C PRO A 118 17.47 32.98 -21.86
N ILE A 119 16.63 32.64 -22.82
CA ILE A 119 15.36 33.28 -23.04
C ILE A 119 14.25 32.29 -22.61
N LEU A 120 13.40 32.74 -21.70
CA LEU A 120 12.24 31.94 -21.24
C LEU A 120 11.16 32.00 -22.29
N LEU A 121 10.78 30.83 -22.80
CA LEU A 121 9.75 30.73 -23.86
C LEU A 121 8.34 30.57 -23.34
N ASN A 122 8.10 29.47 -22.66
CA ASN A 122 6.78 29.06 -22.25
C ASN A 122 6.87 27.87 -21.28
N GLY A 123 5.70 27.40 -20.88
CA GLY A 123 5.59 26.27 -19.97
C GLY A 123 4.42 25.34 -20.28
N ALA A 124 3.84 25.47 -21.48
CA ALA A 124 2.61 24.78 -21.82
C ALA A 124 2.75 23.28 -21.90
N GLY A 125 3.99 22.83 -22.05
CA GLY A 125 4.32 21.41 -22.04
C GLY A 125 5.82 21.31 -22.25
N PHE A 126 6.34 20.12 -22.05
CA PHE A 126 7.75 19.79 -22.24
C PHE A 126 7.99 19.38 -23.70
N ASP A 127 9.22 19.00 -23.99
CA ASP A 127 9.62 18.56 -25.32
C ASP A 127 9.49 19.67 -26.38
N ALA A 128 9.90 20.86 -26.00
CA ALA A 128 9.94 21.96 -26.92
C ALA A 128 11.08 21.76 -27.91
N SER A 129 10.81 22.11 -29.16
CA SER A 129 11.72 21.95 -30.27
C SER A 129 11.54 23.10 -31.25
N LEU A 130 12.66 23.63 -31.70
CA LEU A 130 12.72 24.79 -32.63
C LEU A 130 12.93 24.34 -34.08
N PHE A 131 12.04 24.85 -34.92
CA PHE A 131 12.01 24.55 -36.34
C PHE A 131 12.34 25.80 -37.14
N HIS A 132 13.29 25.64 -38.07
CA HIS A 132 13.76 26.75 -38.90
C HIS A 132 13.10 26.64 -40.25
N ASP A 133 12.02 27.38 -40.46
CA ASP A 133 11.23 27.24 -41.69
C ASP A 133 12.03 27.81 -42.85
N PRO A 134 11.88 27.23 -44.06
CA PRO A 134 12.61 27.83 -45.20
C PRO A 134 12.31 29.30 -45.49
N SER A 135 11.18 29.80 -45.03
CA SER A 135 10.84 31.23 -45.15
C SER A 135 11.76 32.14 -44.35
N GLY A 136 12.50 31.57 -43.38
CA GLY A 136 13.25 32.37 -42.42
C GLY A 136 12.56 32.54 -41.10
N LYS A 137 11.25 32.26 -41.05
CA LYS A 137 10.52 32.26 -39.78
C LYS A 137 10.96 31.08 -38.92
N LYS A 138 10.82 31.24 -37.61
CA LYS A 138 11.13 30.19 -36.64
C LYS A 138 9.83 29.80 -35.92
N TYR A 139 9.70 28.50 -35.62
CA TYR A 139 8.55 27.99 -34.91
C TYR A 139 8.95 27.09 -33.77
N LEU A 140 8.21 27.11 -32.69
CA LEU A 140 8.36 26.19 -31.58
C LEU A 140 7.22 25.20 -31.59
N VAL A 141 7.54 23.92 -31.43
CA VAL A 141 6.53 22.94 -31.17
C VAL A 141 6.82 22.35 -29.79
N ASN A 142 5.78 22.02 -29.04
CA ASN A 142 5.93 21.31 -27.77
C ASN A 142 4.67 20.47 -27.57
N MET A 143 4.75 19.48 -26.69
CA MET A 143 3.52 18.87 -26.25
C MET A 143 2.71 19.89 -25.45
N TYR A 144 1.41 19.68 -25.33
CA TYR A 144 0.52 20.54 -24.59
C TYR A 144 -0.13 19.71 -23.48
N TRP A 145 0.08 20.12 -22.22
CA TRP A 145 -0.37 19.38 -21.07
C TRP A 145 -1.81 19.73 -20.66
N ASP A 146 -2.62 18.69 -20.51
CA ASP A 146 -3.99 18.78 -20.01
C ASP A 146 -4.00 18.11 -18.64
N GLN A 147 -4.18 18.91 -17.59
CA GLN A 147 -4.19 18.41 -16.23
C GLN A 147 -5.47 17.69 -15.79
N ARG A 148 -6.55 17.81 -16.56
CA ARG A 148 -7.87 17.40 -16.09
C ARG A 148 -7.87 15.89 -15.89
N VAL A 149 -8.35 15.48 -14.73
CA VAL A 149 -8.06 14.15 -14.21
C VAL A 149 -8.77 13.03 -14.96
N TYR A 150 -9.82 13.37 -15.69
CA TYR A 150 -10.58 12.40 -16.52
C TYR A 150 -10.08 12.33 -17.96
N HIS A 151 -9.01 13.08 -18.27
CA HIS A 151 -8.42 13.05 -19.61
C HIS A 151 -7.01 12.49 -19.56
N HIS A 152 -6.59 11.97 -20.69
CA HIS A 152 -5.16 11.69 -20.92
C HIS A 152 -4.44 13.04 -20.91
N ASN A 153 -3.29 13.08 -20.28
CA ASN A 153 -2.61 14.36 -20.12
C ASN A 153 -1.99 14.94 -21.39
N PHE A 154 -1.81 14.13 -22.43
CA PHE A 154 -1.04 14.52 -23.61
C PHE A 154 -2.05 14.97 -24.65
N TYR A 155 -2.34 16.27 -24.64
CA TYR A 155 -3.43 16.85 -25.45
C TYR A 155 -3.07 17.01 -26.93
N GLY A 156 -1.81 16.75 -27.28
CA GLY A 156 -1.35 16.91 -28.63
C GLY A 156 -0.13 17.81 -28.72
N ILE A 157 0.12 18.30 -29.93
CA ILE A 157 1.28 19.11 -30.23
C ILE A 157 0.84 20.54 -30.57
N ALA A 158 1.40 21.51 -29.84
CA ALA A 158 1.16 22.94 -30.01
C ALA A 158 2.26 23.55 -30.84
N LEU A 159 1.87 24.49 -31.69
CA LEU A 159 2.77 25.22 -32.56
C LEU A 159 2.58 26.73 -32.31
N GLN A 160 3.68 27.46 -32.22
CA GLN A 160 3.71 28.91 -32.20
C GLN A 160 4.93 29.43 -32.90
N GLU A 161 4.79 30.57 -33.55
CA GLU A 161 5.94 31.24 -34.15
C GLU A 161 6.79 31.87 -33.05
N TYR A 162 8.12 31.72 -33.18
CA TYR A 162 9.05 32.39 -32.32
C TYR A 162 9.63 33.61 -33.04
N SER A 163 9.53 34.80 -32.44
CA SER A 163 10.13 35.99 -32.99
C SER A 163 11.53 36.15 -32.49
N VAL A 164 12.49 36.09 -33.39
CA VAL A 164 13.89 36.26 -33.04
C VAL A 164 14.09 37.71 -32.58
N ALA A 165 13.50 38.66 -33.29
CA ALA A 165 13.66 40.07 -32.93
C ALA A 165 13.11 40.39 -31.55
N GLU A 166 11.95 39.85 -31.21
CA GLU A 166 11.29 40.18 -29.95
C GLU A 166 11.62 39.19 -28.82
N GLU A 167 12.37 38.14 -29.16
CA GLU A 167 12.74 37.10 -28.19
C GLU A 167 11.54 36.56 -27.40
N LYS A 168 10.47 36.28 -28.13
CA LYS A 168 9.32 35.65 -27.54
C LYS A 168 8.47 34.94 -28.58
N LEU A 169 7.62 34.06 -28.09
CA LEU A 169 6.62 33.44 -28.91
C LEU A 169 5.55 34.50 -29.18
N ILE A 170 5.04 34.50 -30.39
CA ILE A 170 3.99 35.44 -30.76
C ILE A 170 2.69 34.68 -31.01
N GLY A 171 1.60 35.42 -31.02
CA GLY A 171 0.30 34.79 -31.20
C GLY A 171 -0.03 33.96 -29.99
N LYS A 172 -0.74 32.87 -30.23
CA LYS A 172 -1.11 31.95 -29.17
C LYS A 172 -0.90 30.52 -29.63
N PRO A 173 -0.81 29.58 -28.70
CA PRO A 173 -0.68 28.17 -29.08
C PRO A 173 -1.80 27.71 -29.99
N GLU A 174 -1.45 26.94 -31.02
CA GLU A 174 -2.38 26.25 -31.93
C GLU A 174 -2.05 24.76 -31.88
N ILE A 175 -3.06 23.96 -31.58
CA ILE A 175 -2.88 22.52 -31.56
C ILE A 175 -2.96 22.04 -32.99
N ILE A 176 -1.86 21.56 -33.52
CA ILE A 176 -1.77 21.12 -34.92
C ILE A 176 -1.92 19.61 -35.15
N TYR A 177 -1.87 18.83 -34.08
CA TYR A 177 -1.85 17.37 -34.20
C TYR A 177 -2.20 16.80 -32.86
N LYS A 178 -3.02 15.75 -32.88
CA LYS A 178 -3.48 15.10 -31.67
C LYS A 178 -2.83 13.75 -31.39
N GLY A 179 -2.02 13.26 -32.30
CA GLY A 179 -1.41 11.96 -32.17
C GLY A 179 -2.26 10.82 -32.65
N THR A 180 -1.78 9.59 -32.49
CA THR A 180 -2.53 8.42 -32.79
C THR A 180 -3.17 7.83 -31.53
N ASP A 181 -3.80 6.67 -31.71
CA ASP A 181 -4.36 5.93 -30.59
C ASP A 181 -3.33 5.55 -29.56
N ILE A 182 -2.07 5.41 -29.97
CA ILE A 182 -1.01 4.96 -29.07
C ILE A 182 -0.75 6.06 -28.00
N ALA A 183 -1.00 7.32 -28.36
CA ALA A 183 -1.02 8.42 -27.42
C ALA A 183 0.30 8.65 -26.69
N TYR A 184 0.29 9.29 -25.53
CA TYR A 184 1.51 9.86 -24.93
C TYR A 184 2.28 10.64 -25.99
N THR A 185 1.57 11.43 -26.79
CA THR A 185 2.20 12.07 -27.94
C THR A 185 3.15 13.19 -27.45
N GLU A 186 4.44 13.04 -27.73
CA GLU A 186 5.42 13.95 -27.23
C GLU A 186 6.61 13.96 -28.20
N GLY A 187 7.73 14.51 -27.77
CA GLY A 187 8.89 14.66 -28.63
C GLY A 187 8.68 15.17 -30.04
N PRO A 188 7.86 16.21 -30.24
CA PRO A 188 7.63 16.65 -31.61
C PRO A 188 8.83 17.27 -32.27
N HIS A 189 9.03 16.92 -33.53
CA HIS A 189 10.01 17.60 -34.37
C HIS A 189 9.43 17.81 -35.74
N LEU A 190 9.59 19.02 -36.29
CA LEU A 190 9.23 19.29 -37.66
C LEU A 190 10.45 19.25 -38.60
N TYR A 191 10.18 18.81 -39.84
CA TYR A 191 11.17 18.71 -40.93
C TYR A 191 10.48 19.18 -42.21
N TYR A 192 11.21 19.91 -43.02
CA TYR A 192 10.75 20.31 -44.34
C TYR A 192 11.40 19.41 -45.36
N ILE A 193 10.62 18.47 -45.87
CA ILE A 193 11.09 17.42 -46.75
C ILE A 193 10.00 17.25 -47.83
N ASN A 194 10.40 16.98 -49.07
CA ASN A 194 9.45 16.75 -50.14
C ASN A 194 8.50 17.93 -50.31
N ASP A 195 9.04 19.13 -50.10
CA ASP A 195 8.27 20.37 -50.25
C ASP A 195 7.03 20.40 -49.37
N MET A 196 7.13 19.79 -48.18
CA MET A 196 6.05 19.78 -47.25
C MET A 196 6.58 19.57 -45.83
N TYR A 197 5.67 19.49 -44.87
CA TYR A 197 6.05 19.45 -43.46
C TYR A 197 5.79 18.09 -42.90
N TYR A 198 6.82 17.52 -42.30
CA TYR A 198 6.71 16.26 -41.60
C TYR A 198 6.85 16.53 -40.10
N LEU A 199 5.89 16.04 -39.35
CA LEU A 199 5.86 16.15 -37.89
C LEU A 199 6.08 14.75 -37.34
N MET A 200 7.21 14.57 -36.65
CA MET A 200 7.54 13.27 -36.07
C MET A 200 7.38 13.38 -34.56
N THR A 201 6.83 12.34 -33.94
CA THR A 201 6.52 12.35 -32.51
C THR A 201 6.84 10.98 -31.91
N ALA A 202 7.19 11.02 -30.64
CA ALA A 202 7.24 9.84 -29.79
C ALA A 202 5.86 9.57 -29.22
N GLU A 203 5.53 8.28 -29.08
CA GLU A 203 4.24 7.86 -28.53
C GLU A 203 4.39 6.61 -27.72
N GLY A 204 3.43 6.40 -26.83
CA GLY A 204 3.30 5.20 -26.04
C GLY A 204 3.97 5.26 -24.69
N GLY A 205 4.74 6.33 -24.44
CA GLY A 205 5.51 6.48 -23.22
C GLY A 205 6.83 5.74 -23.30
N THR A 206 7.77 6.22 -22.52
CA THR A 206 9.15 5.80 -22.60
C THR A 206 9.46 4.45 -21.95
N THR A 207 8.47 3.60 -21.89
CA THR A 207 8.50 2.26 -21.37
C THR A 207 8.64 1.25 -22.51
N TYR A 208 8.33 -0.01 -22.28
CA TYR A 208 8.38 -1.02 -23.34
C TYR A 208 7.37 -0.75 -24.43
N GLN A 209 6.37 0.10 -24.20
CA GLN A 209 5.36 0.49 -25.18
C GLN A 209 5.77 1.65 -26.10
N HIS A 210 6.96 2.18 -25.89
CA HIS A 210 7.45 3.33 -26.64
C HIS A 210 7.47 3.08 -28.14
N SER A 211 7.36 4.16 -28.87
CA SER A 211 7.32 4.17 -30.31
C SER A 211 7.59 5.58 -30.85
N GLU A 212 7.76 5.65 -32.17
CA GLU A 212 7.84 6.91 -32.90
C GLU A 212 7.00 6.78 -34.16
N THR A 213 6.29 7.83 -34.50
CA THR A 213 5.43 7.86 -35.73
C THR A 213 5.69 9.21 -36.41
N ILE A 214 5.55 9.23 -37.71
CA ILE A 214 5.62 10.47 -38.48
C ILE A 214 4.32 10.72 -39.26
N ALA A 215 4.08 12.00 -39.54
CA ALA A 215 2.89 12.47 -40.21
C ALA A 215 3.32 13.62 -41.12
N ARG A 216 2.50 13.96 -42.11
CA ARG A 216 2.90 14.95 -43.08
C ARG A 216 1.74 15.82 -43.53
N SER A 217 2.08 17.05 -43.91
CA SER A 217 1.08 18.08 -44.23
C SER A 217 1.66 19.06 -45.23
N LYS A 218 0.82 19.53 -46.16
CA LYS A 218 1.24 20.58 -47.08
C LYS A 218 1.65 21.85 -46.39
N THR A 219 0.90 22.24 -45.37
CA THR A 219 1.18 23.45 -44.61
C THR A 219 1.57 23.07 -43.17
N ILE A 220 2.24 23.99 -42.49
CA ILE A 220 2.72 23.73 -41.14
C ILE A 220 1.61 23.52 -40.13
N HIS A 221 0.45 24.08 -40.42
CA HIS A 221 -0.70 24.10 -39.53
C HIS A 221 -1.50 22.82 -39.56
N GLY A 222 -1.20 21.94 -40.52
CA GLY A 222 -1.93 20.71 -40.71
C GLY A 222 -3.23 20.97 -41.46
N PRO A 223 -4.10 19.96 -41.48
CA PRO A 223 -3.97 18.68 -40.79
C PRO A 223 -2.89 17.74 -41.34
N TYR A 224 -2.30 16.97 -40.44
CA TYR A 224 -1.27 16.01 -40.73
C TYR A 224 -1.84 14.61 -40.99
N GLU A 225 -1.41 14.02 -42.09
CA GLU A 225 -1.73 12.66 -42.40
C GLU A 225 -0.69 11.76 -41.74
N ILE A 226 -1.18 10.82 -40.95
CA ILE A 226 -0.31 9.85 -40.27
C ILE A 226 0.19 8.80 -41.26
N GLN A 227 1.46 8.39 -41.15
CA GLN A 227 2.03 7.37 -42.02
C GLN A 227 1.19 6.10 -41.96
N PRO A 228 1.03 5.44 -43.12
CA PRO A 228 0.10 4.31 -43.09
C PRO A 228 0.50 3.16 -42.17
N ASP A 229 1.79 2.93 -42.10
CA ASP A 229 2.30 1.72 -41.44
C ASP A 229 2.73 2.00 -40.00
N TYR A 230 2.13 2.99 -39.36
CA TYR A 230 2.66 3.47 -38.08
C TYR A 230 2.61 2.35 -37.04
N PRO A 231 3.56 2.36 -36.11
CA PRO A 231 4.68 3.30 -35.95
C PRO A 231 5.88 3.06 -36.87
N LEU A 232 6.65 4.12 -37.07
CA LEU A 232 7.94 4.06 -37.72
C LEU A 232 8.91 3.18 -36.97
N LEU A 233 8.90 3.33 -35.66
CA LEU A 233 9.84 2.68 -34.76
C LEU A 233 9.12 2.21 -33.51
N SER A 234 9.30 0.94 -33.15
CA SER A 234 8.81 0.41 -31.86
C SER A 234 9.26 -1.03 -31.77
N ALA A 235 9.76 -1.38 -30.60
CA ALA A 235 10.09 -2.77 -30.26
C ALA A 235 9.04 -3.43 -29.38
N TRP A 236 7.89 -2.82 -29.27
CA TRP A 236 6.87 -3.30 -28.33
C TRP A 236 6.48 -4.72 -28.63
N LYS A 237 6.34 -5.07 -29.91
CA LYS A 237 5.86 -6.41 -30.27
C LYS A 237 6.93 -7.50 -30.21
N GLU A 238 8.21 -7.14 -30.03
CA GLU A 238 9.33 -8.07 -30.09
C GLU A 238 10.06 -8.17 -28.79
N VAL A 239 9.59 -9.08 -27.93
CA VAL A 239 10.04 -9.09 -26.55
C VAL A 239 11.49 -9.52 -26.38
N HIS A 240 12.08 -10.08 -27.43
CA HIS A 240 13.49 -10.52 -27.40
C HIS A 240 14.41 -9.60 -28.15
N ASN A 241 13.86 -8.48 -28.66
CA ASN A 241 14.73 -7.59 -29.44
C ASN A 241 15.80 -7.04 -28.51
N PRO A 242 17.08 -7.01 -28.92
CA PRO A 242 18.11 -6.43 -28.07
C PRO A 242 17.81 -4.99 -27.65
N LEU A 243 17.29 -4.21 -28.56
CA LEU A 243 16.85 -2.83 -28.27
C LEU A 243 15.39 -2.77 -27.89
N GLN A 244 15.11 -2.24 -26.71
CA GLN A 244 13.76 -2.05 -26.23
C GLN A 244 13.44 -0.59 -26.05
N LYS A 245 12.16 -0.27 -25.82
CA LYS A 245 11.75 1.12 -25.50
C LYS A 245 12.14 2.08 -26.58
N CYS A 246 12.02 1.66 -27.82
CA CYS A 246 12.57 2.44 -28.94
C CYS A 246 11.62 3.55 -29.32
N GLY A 247 12.09 4.76 -29.13
CA GLY A 247 11.29 5.95 -29.38
C GLY A 247 12.05 7.22 -29.02
N HIS A 248 11.35 8.35 -29.08
CA HIS A 248 11.97 9.66 -28.86
C HIS A 248 13.11 9.93 -29.79
N ALA A 249 12.77 9.94 -31.06
CA ALA A 249 13.72 9.98 -32.15
C ALA A 249 13.93 11.39 -32.70
N SER A 250 15.01 11.52 -33.46
CA SER A 250 15.28 12.68 -34.29
C SER A 250 15.94 12.21 -35.57
N LEU A 251 15.64 12.89 -36.67
CA LEU A 251 16.05 12.54 -38.02
C LEU A 251 17.18 13.43 -38.52
N VAL A 252 18.19 12.82 -39.16
CA VAL A 252 19.25 13.58 -39.78
C VAL A 252 19.51 13.08 -41.22
N GLU A 253 19.90 14.03 -42.07
CA GLU A 253 20.31 13.79 -43.45
C GLU A 253 21.78 14.12 -43.53
N THR A 254 22.53 13.22 -44.12
CA THR A 254 23.97 13.37 -44.26
C THR A 254 24.29 14.31 -45.43
N GLN A 255 25.56 14.71 -45.52
CA GLN A 255 25.99 15.55 -46.64
C GLN A 255 25.85 14.83 -47.99
N ASN A 256 25.71 13.50 -48.02
CA ASN A 256 25.49 12.74 -49.26
C ASN A 256 24.03 12.33 -49.48
N GLY A 257 23.13 12.76 -48.59
CA GLY A 257 21.72 12.54 -48.82
C GLY A 257 21.22 11.24 -48.25
N GLN A 258 22.03 10.57 -47.43
CA GLN A 258 21.52 9.39 -46.67
C GLN A 258 20.80 9.89 -45.38
N TRP A 259 19.93 9.04 -44.85
CA TRP A 259 19.09 9.38 -43.71
C TRP A 259 19.27 8.43 -42.55
N TYR A 260 19.36 8.99 -41.36
CA TYR A 260 19.55 8.21 -40.14
C TYR A 260 18.66 8.76 -39.04
N LEU A 261 18.35 7.89 -38.07
CA LEU A 261 17.34 8.17 -37.02
C LEU A 261 17.93 7.88 -35.67
N ALA A 262 18.27 8.91 -34.89
CA ALA A 262 18.71 8.70 -33.49
C ALA A 262 17.47 8.48 -32.64
N HIS A 263 17.55 7.59 -31.67
CA HIS A 263 16.44 7.32 -30.78
C HIS A 263 16.96 6.79 -29.46
N LEU A 264 16.14 6.84 -28.42
CA LEU A 264 16.48 6.21 -27.16
C LEU A 264 16.07 4.74 -27.16
N THR A 265 16.72 4.01 -26.29
CA THR A 265 16.47 2.57 -26.13
C THR A 265 16.92 2.13 -24.75
N GLY A 266 16.29 1.11 -24.22
CA GLY A 266 16.79 0.42 -23.05
C GLY A 266 17.11 -1.00 -23.35
N ARG A 267 18.15 -1.45 -22.68
CA ARG A 267 18.68 -2.82 -22.80
C ARG A 267 18.55 -3.50 -21.46
N PRO A 268 17.48 -4.29 -21.26
CA PRO A 268 17.30 -4.90 -19.98
C PRO A 268 18.34 -5.96 -19.64
N LEU A 269 18.64 -6.09 -18.35
CA LEU A 269 19.34 -7.26 -17.85
C LEU A 269 18.51 -8.51 -18.19
N PRO A 270 19.17 -9.65 -18.35
CA PRO A 270 18.40 -10.90 -18.48
C PRO A 270 17.51 -11.13 -17.28
N ALA A 271 16.30 -11.62 -17.50
CA ALA A 271 15.43 -12.03 -16.41
C ALA A 271 15.88 -13.40 -15.92
N PRO A 272 15.49 -13.77 -14.70
CA PRO A 272 15.78 -15.12 -14.27
C PRO A 272 15.28 -16.17 -15.26
N ALA A 273 15.98 -17.28 -15.32
CA ALA A 273 15.66 -18.36 -16.21
C ALA A 273 14.24 -18.83 -16.00
N GLY A 274 13.56 -19.01 -17.12
CA GLY A 274 12.20 -19.52 -17.14
C GLY A 274 11.09 -18.49 -16.97
N PHE A 275 11.45 -17.24 -16.73
CA PHE A 275 10.39 -16.26 -16.46
C PHE A 275 9.67 -15.87 -17.75
N PRO A 276 8.39 -15.49 -17.65
CA PRO A 276 7.61 -15.26 -18.87
C PRO A 276 8.14 -14.10 -19.71
N SER A 277 8.34 -14.35 -21.00
CA SER A 277 9.03 -13.39 -21.84
C SER A 277 8.23 -12.13 -22.11
N ARG A 278 6.90 -12.20 -22.03
CA ARG A 278 6.08 -11.03 -22.29
C ARG A 278 6.01 -10.10 -21.06
N GLU A 279 6.48 -10.56 -19.91
CA GLU A 279 6.43 -9.80 -18.68
C GLU A 279 7.62 -8.85 -18.50
N ARG A 280 7.95 -8.09 -19.53
CA ARG A 280 9.06 -7.15 -19.41
C ARG A 280 8.81 -6.14 -18.30
N GLU A 281 7.57 -5.67 -18.15
CA GLU A 281 7.26 -4.69 -17.14
C GLU A 281 7.49 -5.19 -15.72
N GLN A 282 7.50 -6.52 -15.54
CA GLN A 282 7.76 -7.12 -14.21
C GLN A 282 9.20 -7.52 -14.01
N HIS A 283 9.86 -7.94 -15.08
CA HIS A 283 11.14 -8.64 -14.94
C HIS A 283 12.30 -8.09 -15.72
N ALA A 284 12.09 -7.08 -16.56
CA ALA A 284 13.15 -6.52 -17.40
C ALA A 284 13.62 -5.18 -16.82
N PHE A 285 14.84 -5.16 -16.26
CA PHE A 285 15.35 -4.01 -15.56
C PHE A 285 16.54 -3.44 -16.30
N CYS A 286 16.56 -2.14 -16.48
CA CYS A 286 17.60 -1.43 -17.25
C CYS A 286 18.45 -0.50 -16.35
N PRO A 287 19.52 -1.05 -15.74
CA PRO A 287 20.40 -0.19 -14.90
C PRO A 287 21.18 0.85 -15.68
N LEU A 288 21.36 0.65 -16.98
CA LEU A 288 22.04 1.60 -17.85
C LEU A 288 21.07 2.70 -18.33
N GLY A 289 19.85 2.67 -17.82
CA GLY A 289 18.87 3.66 -18.19
C GLY A 289 18.51 3.60 -19.65
N ARG A 290 18.19 4.75 -20.22
CA ARG A 290 17.90 4.92 -21.61
C ARG A 290 19.14 5.45 -22.31
N GLU A 291 19.55 4.75 -23.35
CA GLU A 291 20.74 4.94 -24.11
C GLU A 291 20.34 5.46 -25.49
N THR A 292 21.30 5.92 -26.27
CA THR A 292 21.04 6.36 -27.64
C THR A 292 21.56 5.42 -28.71
N ALA A 293 20.65 5.07 -29.61
CA ALA A 293 20.93 4.25 -30.80
C ALA A 293 20.65 5.05 -32.06
N ILE A 294 21.17 4.57 -33.19
CA ILE A 294 20.92 5.18 -34.48
C ILE A 294 20.52 4.08 -35.46
N GLN A 295 19.40 4.28 -36.13
CA GLN A 295 18.92 3.43 -37.20
C GLN A 295 19.14 4.10 -38.56
N LYS A 296 19.14 3.31 -39.62
CA LYS A 296 19.22 3.84 -40.97
C LYS A 296 17.79 3.95 -41.49
N ILE A 297 17.53 5.03 -42.24
CA ILE A 297 16.22 5.31 -42.82
C ILE A 297 16.28 5.25 -44.35
N GLU A 298 15.29 4.61 -44.96
CA GLU A 298 15.07 4.70 -46.41
C GLU A 298 13.67 5.24 -46.66
N TRP A 299 13.44 5.80 -47.83
CA TRP A 299 12.19 6.44 -48.14
C TRP A 299 11.45 5.64 -49.19
N GLN A 300 10.15 5.50 -48.99
CA GLN A 300 9.26 4.80 -49.91
C GLN A 300 7.99 5.64 -50.01
N ASP A 301 7.62 6.12 -51.20
CA ASP A 301 6.36 6.84 -51.39
C ASP A 301 6.24 8.03 -50.42
N GLY A 302 7.35 8.71 -50.18
CA GLY A 302 7.37 9.87 -49.33
C GLY A 302 7.21 9.60 -47.83
N TRP A 303 7.45 8.34 -47.43
CA TRP A 303 7.45 8.00 -46.03
C TRP A 303 8.73 7.31 -45.67
N PRO A 304 9.27 7.58 -44.48
CA PRO A 304 10.49 6.92 -44.02
C PRO A 304 10.21 5.53 -43.48
N VAL A 305 11.21 4.68 -43.58
CA VAL A 305 11.12 3.31 -43.13
C VAL A 305 12.45 2.98 -42.48
N VAL A 306 12.39 2.38 -41.29
CA VAL A 306 13.56 1.93 -40.57
C VAL A 306 14.11 0.65 -41.23
N VAL A 307 15.32 0.76 -41.74
CA VAL A 307 16.00 -0.39 -42.32
C VAL A 307 16.13 -1.50 -41.30
N GLY A 308 15.71 -2.70 -41.70
CA GLY A 308 15.78 -3.90 -40.84
C GLY A 308 14.57 -4.16 -39.99
N GLY A 309 13.59 -3.25 -40.04
CA GLY A 309 12.33 -3.43 -39.30
C GLY A 309 12.13 -2.39 -38.20
N GLN A 310 10.86 -2.16 -37.86
CA GLN A 310 10.51 -1.10 -36.90
C GLN A 310 11.06 -1.29 -35.51
N GLN A 311 11.48 -2.50 -35.18
CA GLN A 311 11.98 -2.79 -33.83
C GLN A 311 13.35 -2.15 -33.54
N GLY A 312 14.10 -1.82 -34.59
CA GLY A 312 15.43 -1.30 -34.42
C GLY A 312 16.48 -2.38 -34.24
N SER A 313 17.61 -2.19 -34.91
CA SER A 313 18.65 -3.18 -34.94
C SER A 313 19.90 -2.76 -34.22
N LEU A 314 20.72 -3.75 -33.82
CA LEU A 314 21.99 -3.46 -33.19
C LEU A 314 23.05 -3.00 -34.18
N GLU A 315 23.15 -3.67 -35.32
CA GLU A 315 24.15 -3.33 -36.31
C GLU A 315 23.49 -2.61 -37.46
N VAL A 316 24.03 -1.44 -37.81
CA VAL A 316 23.39 -0.57 -38.80
C VAL A 316 24.47 -0.13 -39.78
N GLU A 317 24.15 -0.14 -41.07
CA GLU A 317 25.10 0.26 -42.10
C GLU A 317 25.62 1.68 -41.85
N ALA A 318 26.93 1.84 -41.76
CA ALA A 318 27.51 3.14 -41.57
C ALA A 318 27.37 4.04 -42.80
N PRO A 319 27.30 5.36 -42.60
CA PRO A 319 27.19 6.24 -43.75
C PRO A 319 28.44 6.24 -44.56
N ASP A 320 28.31 6.68 -45.80
CA ASP A 320 29.44 6.75 -46.72
C ASP A 320 30.32 7.97 -46.40
N LEU A 321 31.06 7.88 -45.30
CA LEU A 321 31.86 9.00 -44.79
C LEU A 321 33.18 8.49 -44.23
N PRO A 322 34.24 9.32 -44.31
CA PRO A 322 35.48 8.81 -43.75
C PRO A 322 35.34 8.68 -42.24
N GLN A 323 35.97 7.66 -41.69
CA GLN A 323 35.83 7.34 -40.25
C GLN A 323 36.95 7.96 -39.45
N GLN A 324 36.63 8.35 -38.22
CA GLN A 324 37.58 8.96 -37.34
C GLN A 324 37.16 8.50 -35.95
N GLU A 325 38.05 7.76 -35.34
N GLU A 325 37.99 7.68 -35.34
CA GLU A 325 37.96 7.34 -33.97
CA GLU A 325 37.83 7.34 -33.94
C GLU A 325 38.47 8.50 -33.09
C GLU A 325 38.25 8.58 -33.18
N TRP A 326 37.93 8.60 -31.87
CA TRP A 326 38.28 9.71 -30.99
C TRP A 326 39.10 9.20 -29.85
N ALA A 327 39.95 10.07 -29.31
CA ALA A 327 40.66 9.77 -28.10
C ALA A 327 39.63 9.55 -26.98
N PRO A 328 39.93 8.67 -26.03
CA PRO A 328 39.04 8.51 -24.88
C PRO A 328 38.96 9.81 -24.08
N THR A 329 37.81 10.09 -23.47
CA THR A 329 37.64 11.30 -22.67
C THR A 329 37.87 11.05 -21.19
N TYR A 330 38.23 9.82 -20.82
CA TYR A 330 38.67 9.54 -19.49
C TYR A 330 39.71 8.42 -19.57
N GLU A 331 40.42 8.26 -18.48
CA GLU A 331 41.36 7.16 -18.30
C GLU A 331 40.84 6.19 -17.27
N GLU A 332 41.17 4.91 -17.46
CA GLU A 332 40.77 3.87 -16.55
C GLU A 332 41.05 4.20 -15.11
N ARG A 333 42.21 4.77 -14.80
CA ARG A 333 42.51 5.32 -13.49
C ARG A 333 42.71 6.82 -13.64
N ASP A 334 41.88 7.59 -12.93
CA ASP A 334 42.04 9.03 -12.80
C ASP A 334 42.72 9.29 -11.47
N ASP A 335 43.95 9.81 -11.53
CA ASP A 335 44.71 10.15 -10.33
C ASP A 335 44.45 11.55 -9.78
N PHE A 336 43.43 12.23 -10.28
CA PHE A 336 43.06 13.54 -9.83
C PHE A 336 44.25 14.49 -9.85
N ASP A 337 45.06 14.33 -10.86
CA ASP A 337 46.21 15.26 -11.08
C ASP A 337 45.82 16.55 -11.77
N LYS A 338 44.72 16.55 -12.50
CA LYS A 338 44.30 17.79 -13.19
C LYS A 338 43.38 18.65 -12.33
N ASP A 339 43.39 19.96 -12.60
CA ASP A 339 42.69 20.89 -11.73
C ASP A 339 41.23 21.10 -12.13
N THR A 340 40.75 20.30 -13.07
CA THR A 340 39.33 20.33 -13.38
C THR A 340 38.81 18.88 -13.40
N LEU A 341 37.56 18.74 -13.02
N LEU A 341 37.59 18.70 -12.92
CA LEU A 341 36.96 17.45 -12.86
CA LEU A 341 36.99 17.37 -12.90
C LEU A 341 36.61 16.86 -14.23
C LEU A 341 36.74 16.88 -14.30
N ASN A 342 36.94 15.59 -14.46
CA ASN A 342 36.67 14.94 -15.74
C ASN A 342 35.26 15.21 -16.22
N ILE A 343 35.13 15.38 -17.52
CA ILE A 343 33.81 15.66 -18.16
C ILE A 343 32.78 14.55 -17.95
N ASN A 344 33.23 13.35 -17.66
CA ASN A 344 32.34 12.22 -17.38
C ASN A 344 31.83 12.19 -15.94
N PHE A 345 32.28 13.10 -15.08
CA PHE A 345 31.70 13.25 -13.76
C PHE A 345 30.69 14.34 -13.77
N GLN A 346 29.60 14.13 -13.01
CA GLN A 346 28.59 15.15 -12.77
C GLN A 346 28.30 15.18 -11.29
N THR A 347 27.73 16.31 -10.89
CA THR A 347 27.23 16.54 -9.56
C THR A 347 25.67 16.57 -9.61
N LEU A 348 25.07 16.42 -8.43
CA LEU A 348 23.63 16.50 -8.33
C LEU A 348 23.18 17.91 -8.20
N ARG A 349 22.43 18.39 -9.19
CA ARG A 349 21.61 19.60 -9.14
C ARG A 349 22.37 20.92 -9.25
N ILE A 350 23.48 21.00 -8.51
CA ILE A 350 24.24 22.24 -8.34
C ILE A 350 25.63 22.12 -8.92
N PRO A 351 26.26 23.25 -9.28
CA PRO A 351 27.59 23.17 -9.76
C PRO A 351 28.64 22.64 -8.76
N PHE A 352 29.67 21.98 -9.27
CA PHE A 352 30.83 21.69 -8.45
C PHE A 352 31.43 23.04 -8.12
N SER A 353 31.75 23.23 -6.86
CA SER A 353 32.34 24.46 -6.39
C SER A 353 33.18 24.15 -5.21
N GLU A 354 33.87 25.18 -4.74
CA GLU A 354 34.72 25.03 -3.58
C GLU A 354 33.95 24.64 -2.33
N HIS A 355 32.65 24.87 -2.32
CA HIS A 355 31.84 24.47 -1.18
C HIS A 355 31.81 22.94 -1.11
N LEU A 356 31.77 22.30 -2.26
CA LEU A 356 31.71 20.84 -2.31
C LEU A 356 33.07 20.16 -2.22
N GLY A 357 34.08 20.72 -2.87
CA GLY A 357 35.37 20.05 -2.91
C GLY A 357 36.41 20.90 -3.64
N SER A 358 37.60 20.33 -3.72
CA SER A 358 38.74 21.00 -4.33
C SER A 358 39.77 20.02 -4.85
N LEU A 359 40.31 20.34 -6.02
CA LEU A 359 41.42 19.60 -6.61
C LEU A 359 42.76 20.31 -6.34
N THR A 360 42.73 21.48 -5.74
CA THR A 360 43.95 22.24 -5.43
C THR A 360 44.31 22.30 -3.97
N ALA A 361 43.35 22.07 -3.06
CA ALA A 361 43.65 22.22 -1.63
C ALA A 361 44.71 21.23 -1.21
N ARG A 362 44.62 20.05 -1.79
CA ARG A 362 45.62 19.01 -1.60
C ARG A 362 45.99 18.38 -2.96
N PRO A 363 46.97 19.00 -3.65
CA PRO A 363 47.25 18.57 -5.01
C PRO A 363 47.49 17.08 -5.08
N GLY A 364 46.92 16.46 -6.11
CA GLY A 364 46.96 15.04 -6.31
C GLY A 364 45.83 14.26 -5.68
N PHE A 365 44.88 14.96 -5.09
CA PHE A 365 43.69 14.33 -4.51
C PHE A 365 42.49 15.19 -4.90
N LEU A 366 41.33 14.57 -4.97
CA LEU A 366 40.06 15.30 -4.88
C LEU A 366 39.67 15.36 -3.39
N ARG A 367 39.65 16.55 -2.84
CA ARG A 367 39.15 16.73 -1.48
C ARG A 367 37.66 17.05 -1.61
N LEU A 368 36.82 16.23 -0.96
CA LEU A 368 35.38 16.58 -0.83
C LEU A 368 35.14 17.01 0.61
N TYR A 369 34.39 18.09 0.79
CA TYR A 369 34.01 18.54 2.12
C TYR A 369 32.68 17.91 2.49
N GLY A 370 32.55 17.33 3.69
CA GLY A 370 31.30 16.63 4.05
C GLY A 370 30.14 17.61 4.05
N ARG A 371 29.08 17.33 3.27
CA ARG A 371 27.90 18.19 3.24
C ARG A 371 26.69 17.30 3.53
N GLU A 372 25.57 17.52 2.82
CA GLU A 372 24.28 16.87 3.20
C GLU A 372 24.24 15.39 2.75
N SER A 373 23.28 14.67 3.29
CA SER A 373 23.17 13.26 3.06
C SER A 373 22.81 12.88 1.62
N LEU A 374 22.87 11.59 1.39
CA LEU A 374 22.45 10.99 0.12
C LEU A 374 20.98 11.19 -0.16
N GLN A 375 20.17 11.47 0.87
CA GLN A 375 18.77 11.81 0.66
C GLN A 375 18.51 13.24 0.20
N SER A 376 19.49 14.13 0.25
CA SER A 376 19.22 15.51 0.05
C SER A 376 19.12 15.89 -1.43
N LYS A 377 18.09 16.68 -1.72
N LYS A 377 18.06 16.64 -1.75
CA LYS A 377 17.86 17.30 -3.03
CA LYS A 377 17.90 17.28 -3.07
C LYS A 377 18.50 18.68 -3.13
C LYS A 377 18.42 18.72 -3.06
N PHE A 378 19.41 19.02 -2.19
CA PHE A 378 19.97 20.35 -2.10
C PHE A 378 21.48 20.33 -2.31
N THR A 379 22.27 20.05 -1.28
CA THR A 379 23.73 20.17 -1.35
C THR A 379 24.47 18.91 -0.95
N GLN A 380 24.63 18.03 -1.90
CA GLN A 380 25.49 16.85 -1.73
C GLN A 380 26.89 17.11 -2.28
N ALA A 381 27.91 16.73 -1.48
CA ALA A 381 29.31 16.71 -1.94
C ALA A 381 29.54 15.29 -2.44
N HIS A 382 29.18 15.10 -3.72
CA HIS A 382 29.00 13.80 -4.32
C HIS A 382 29.24 14.04 -5.81
N ILE A 383 30.24 13.34 -6.35
CA ILE A 383 30.51 13.35 -7.80
C ILE A 383 30.35 11.93 -8.30
N ALA A 384 29.84 11.75 -9.52
CA ALA A 384 29.56 10.43 -9.99
C ALA A 384 29.63 10.38 -11.50
N ARG A 385 29.79 9.17 -12.01
CA ARG A 385 29.82 8.90 -13.42
C ARG A 385 28.92 7.71 -13.75
N ARG A 386 28.44 7.68 -14.98
CA ARG A 386 27.43 6.70 -15.38
C ARG A 386 27.96 5.25 -15.40
N TRP A 387 27.13 4.30 -14.99
CA TRP A 387 27.35 2.94 -15.44
C TRP A 387 27.18 2.91 -16.98
N GLN A 388 28.18 2.43 -17.72
CA GLN A 388 28.08 2.35 -19.17
C GLN A 388 28.34 0.97 -19.74
N SER A 389 28.41 0.00 -18.85
CA SER A 389 28.45 -1.40 -19.20
C SER A 389 27.74 -2.18 -18.10
N PHE A 390 27.30 -3.38 -18.43
CA PHE A 390 26.76 -4.30 -17.47
C PHE A 390 27.82 -4.97 -16.61
N ASN A 391 29.08 -4.90 -17.05
CA ASN A 391 30.20 -5.58 -16.39
C ASN A 391 31.34 -4.60 -16.31
N PHE A 392 31.68 -4.18 -15.11
CA PHE A 392 32.80 -3.26 -14.87
C PHE A 392 33.22 -3.33 -13.43
N ASP A 393 34.45 -2.90 -13.18
CA ASP A 393 34.97 -2.65 -11.84
C ASP A 393 35.22 -1.18 -11.71
N ALA A 394 34.90 -0.61 -10.55
CA ALA A 394 35.18 0.79 -10.27
C ALA A 394 35.69 0.90 -8.86
N GLY A 395 36.44 1.95 -8.55
CA GLY A 395 36.97 2.05 -7.23
C GLY A 395 37.62 3.38 -6.93
N THR A 396 38.01 3.49 -5.68
CA THR A 396 38.60 4.68 -5.15
C THR A 396 39.41 4.37 -3.90
N SER A 397 40.07 5.40 -3.35
CA SER A 397 40.62 5.32 -1.98
C SER A 397 40.31 6.64 -1.31
N VAL A 398 40.12 6.59 0.00
CA VAL A 398 39.84 7.77 0.76
C VAL A 398 40.60 7.81 2.05
N GLU A 399 41.01 9.03 2.39
CA GLU A 399 41.45 9.36 3.75
C GLU A 399 40.35 10.15 4.37
N PHE A 400 39.92 9.72 5.55
CA PHE A 400 38.82 10.40 6.28
C PHE A 400 38.95 10.09 7.76
N SER A 401 38.80 11.11 8.57
CA SER A 401 38.94 10.99 10.04
C SER A 401 37.66 11.35 10.79
N PRO A 402 36.61 10.53 10.62
CA PRO A 402 35.32 10.89 11.27
C PRO A 402 35.42 10.71 12.78
N ASN A 403 34.72 11.57 13.52
CA ASN A 403 34.63 11.53 14.95
C ASN A 403 33.21 11.20 15.45
N SER A 404 32.33 10.93 14.50
CA SER A 404 30.90 10.65 14.77
C SER A 404 30.34 9.83 13.63
N PHE A 405 29.28 9.10 13.95
CA PHE A 405 28.46 8.45 12.94
C PHE A 405 27.75 9.48 12.05
N GLN A 406 27.76 10.75 12.45
CA GLN A 406 27.24 11.83 11.63
C GLN A 406 28.09 12.11 10.39
N GLN A 407 29.28 11.53 10.34
CA GLN A 407 30.17 11.72 9.19
C GLN A 407 30.46 10.40 8.49
N MET A 408 30.47 10.41 7.16
CA MET A 408 30.83 9.24 6.42
C MET A 408 31.30 9.66 5.03
N ALA A 409 32.22 8.91 4.49
CA ALA A 409 32.74 9.17 3.15
C ALA A 409 33.11 7.89 2.45
N GLY A 410 32.86 7.78 1.15
CA GLY A 410 33.18 6.57 0.41
C GLY A 410 32.68 6.48 -1.01
N LEU A 411 32.38 5.25 -1.40
CA LEU A 411 32.02 4.90 -2.77
C LEU A 411 30.48 4.69 -2.78
N THR A 412 29.87 5.08 -3.87
CA THR A 412 28.42 4.98 -4.04
C THR A 412 28.08 4.29 -5.33
N CYS A 413 26.92 3.62 -5.31
CA CYS A 413 26.20 3.27 -6.52
C CYS A 413 24.82 3.89 -6.33
N TYR A 414 24.42 4.75 -7.25
CA TYR A 414 23.37 5.69 -6.97
C TYR A 414 22.44 5.84 -8.15
N TYR A 415 21.15 5.76 -7.87
CA TYR A 415 20.12 6.08 -8.86
C TYR A 415 19.41 7.43 -8.51
N ASN A 416 18.79 7.48 -7.33
CA ASN A 416 18.12 8.70 -6.90
C ASN A 416 18.20 8.80 -5.37
N THR A 417 17.59 9.81 -4.77
CA THR A 417 17.77 10.07 -3.35
C THR A 417 17.24 8.95 -2.44
N GLU A 418 16.49 8.01 -2.98
CA GLU A 418 16.00 6.90 -2.15
C GLU A 418 16.34 5.52 -2.70
N ASN A 419 17.29 5.49 -3.65
CA ASN A 419 17.71 4.27 -4.31
C ASN A 419 19.21 4.39 -4.58
N TRP A 420 19.97 3.74 -3.70
CA TRP A 420 21.43 3.80 -3.70
C TRP A 420 22.01 2.78 -2.75
N SER A 421 23.34 2.60 -2.86
CA SER A 421 24.12 1.92 -1.84
C SER A 421 25.41 2.71 -1.64
N SER A 422 25.96 2.60 -0.44
CA SER A 422 27.15 3.34 -0.05
C SER A 422 28.01 2.47 0.86
N ILE A 423 29.30 2.30 0.50
CA ILE A 423 30.31 1.72 1.38
C ILE A 423 31.20 2.86 1.78
N HIS A 424 31.46 2.99 3.09
CA HIS A 424 32.07 4.24 3.58
C HIS A 424 32.85 4.03 4.85
N VAL A 425 33.73 4.98 5.10
CA VAL A 425 34.43 5.14 6.35
C VAL A 425 33.54 6.06 7.21
N THR A 426 33.24 5.59 8.43
CA THR A 426 32.46 6.34 9.42
C THR A 426 33.01 5.96 10.81
N TRP A 427 32.24 6.21 11.87
CA TRP A 427 32.71 6.09 13.25
C TRP A 427 31.65 5.44 14.08
N ASN A 428 32.10 4.69 15.06
CA ASN A 428 31.26 3.96 16.02
C ASN A 428 31.77 4.21 17.43
N GLU A 429 30.89 4.20 18.41
CA GLU A 429 31.25 4.52 19.79
C GLU A 429 32.25 3.56 20.36
N GLU A 430 32.10 2.28 20.02
CA GLU A 430 32.94 1.25 20.62
C GLU A 430 34.10 0.87 19.73
N LYS A 431 33.92 0.90 18.42
CA LYS A 431 34.89 0.39 17.47
C LYS A 431 35.78 1.46 16.86
N GLY A 432 35.42 2.73 17.03
CA GLY A 432 36.14 3.81 16.41
C GLY A 432 35.85 3.90 14.93
N ARG A 433 36.83 4.35 14.15
CA ARG A 433 36.69 4.35 12.69
C ARG A 433 36.37 2.95 12.18
N ILE A 434 35.34 2.89 11.32
CA ILE A 434 34.86 1.66 10.76
C ILE A 434 34.50 1.80 9.30
N ILE A 435 34.50 0.69 8.60
CA ILE A 435 33.80 0.56 7.31
C ILE A 435 32.37 0.03 7.55
N ASP A 436 31.38 0.73 6.95
CA ASP A 436 29.99 0.32 7.05
C ASP A 436 29.35 0.45 5.68
N LEU A 437 28.11 -0.04 5.62
CA LEU A 437 27.37 -0.15 4.38
C LEU A 437 25.92 0.20 4.62
N VAL A 438 25.38 1.13 3.84
CA VAL A 438 23.98 1.52 3.94
C VAL A 438 23.36 1.38 2.55
N THR A 439 22.13 0.88 2.49
CA THR A 439 21.37 0.86 1.28
C THR A 439 20.02 1.56 1.39
N ALA A 440 19.56 2.04 0.25
CA ALA A 440 18.25 2.68 0.14
C ALA A 440 17.54 2.00 -1.00
N ASP A 441 16.31 1.52 -0.72
CA ASP A 441 15.55 0.70 -1.66
C ASP A 441 14.13 1.24 -1.67
N ASN A 442 13.84 2.11 -2.63
CA ASN A 442 12.57 2.80 -2.69
C ASN A 442 12.15 3.34 -1.35
N GLY A 443 13.08 4.00 -0.68
CA GLY A 443 12.83 4.64 0.60
C GLY A 443 12.88 3.77 1.84
N THR A 444 13.21 2.48 1.69
CA THR A 444 13.52 1.60 2.83
C THR A 444 15.05 1.55 2.98
N PHE A 445 15.52 1.98 4.13
CA PHE A 445 16.96 2.09 4.39
C PHE A 445 17.38 0.91 5.23
N SER A 446 18.52 0.32 4.87
CA SER A 446 19.02 -0.88 5.54
C SER A 446 20.50 -0.75 5.81
N MET A 447 20.94 -1.46 6.84
CA MET A 447 22.32 -1.53 7.23
C MET A 447 22.72 -2.97 7.48
N PRO A 448 23.07 -3.66 6.41
CA PRO A 448 23.36 -5.11 6.47
C PRO A 448 24.58 -5.54 7.28
N LEU A 449 25.48 -4.61 7.54
CA LEU A 449 26.69 -4.94 8.31
C LEU A 449 26.52 -4.59 9.77
N ALA A 450 25.30 -4.24 10.18
CA ALA A 450 25.09 -3.79 11.55
C ALA A 450 25.64 -4.85 12.50
N GLY A 451 26.45 -4.44 13.45
CA GLY A 451 27.07 -5.35 14.41
C GLY A 451 28.30 -6.07 13.91
N ALA A 452 28.61 -5.94 12.62
CA ALA A 452 29.73 -6.59 11.95
C ALA A 452 30.51 -5.58 11.13
N GLU A 453 30.54 -4.33 11.59
CA GLU A 453 31.27 -3.24 10.94
C GLU A 453 32.75 -3.60 11.00
N ILE A 454 33.51 -3.18 9.99
N ILE A 454 33.52 -3.12 10.04
CA ILE A 454 34.95 -3.54 9.90
CA ILE A 454 34.94 -3.51 9.94
C ILE A 454 35.79 -2.43 10.57
C ILE A 454 35.78 -2.41 10.59
N PRO A 455 36.44 -2.73 11.72
CA PRO A 455 37.25 -1.70 12.34
C PRO A 455 38.43 -1.31 11.45
N ILE A 456 38.73 -0.01 11.39
CA ILE A 456 39.86 0.46 10.61
C ILE A 456 40.99 0.70 11.64
N PRO A 457 42.11 -0.06 11.51
CA PRO A 457 43.27 0.14 12.36
C PRO A 457 43.72 1.60 12.32
N ASP A 458 44.20 2.10 13.45
CA ASP A 458 44.59 3.51 13.54
C ASP A 458 45.75 3.82 12.61
N GLU A 459 46.57 2.79 12.38
CA GLU A 459 47.70 2.84 11.44
C GLU A 459 47.32 3.14 10.01
N VAL A 460 46.07 2.84 9.66
CA VAL A 460 45.62 2.87 8.27
C VAL A 460 45.11 4.26 7.94
N LYS A 461 45.81 4.92 7.04
CA LYS A 461 45.52 6.26 6.62
C LYS A 461 44.51 6.23 5.47
N THR A 462 44.66 5.19 4.63
CA THR A 462 43.95 5.11 3.35
C THR A 462 43.15 3.85 3.25
N VAL A 463 41.84 4.01 3.01
CA VAL A 463 41.00 2.88 2.75
C VAL A 463 40.61 2.86 1.29
N HIS A 464 40.77 1.71 0.65
CA HIS A 464 40.40 1.49 -0.76
C HIS A 464 39.06 0.76 -0.81
N PHE A 465 38.21 1.24 -1.71
CA PHE A 465 36.90 0.66 -1.99
C PHE A 465 36.81 0.31 -3.43
N LYS A 466 36.16 -0.83 -3.72
CA LYS A 466 35.93 -1.23 -5.07
C LYS A 466 34.50 -1.72 -5.17
N VAL A 467 33.89 -1.56 -6.33
CA VAL A 467 32.64 -2.25 -6.65
C VAL A 467 32.89 -3.07 -7.91
N SER A 468 32.35 -4.29 -7.93
CA SER A 468 32.44 -5.16 -9.07
C SER A 468 31.02 -5.46 -9.52
N VAL A 469 30.63 -4.87 -10.64
CA VAL A 469 29.29 -5.02 -11.21
C VAL A 469 29.32 -6.12 -12.26
N ARG A 470 28.47 -7.13 -12.07
CA ARG A 470 28.41 -8.30 -12.93
C ARG A 470 26.96 -8.58 -13.28
N GLY A 471 26.42 -7.87 -14.24
CA GLY A 471 25.05 -8.08 -14.64
C GLY A 471 24.07 -7.78 -13.50
N ARG A 472 23.29 -8.79 -13.13
CA ARG A 472 22.26 -8.63 -12.14
C ARG A 472 22.77 -8.35 -10.75
N ILE A 473 24.05 -8.66 -10.49
CA ILE A 473 24.63 -8.55 -9.13
C ILE A 473 25.82 -7.62 -9.09
N TYR A 474 25.98 -6.90 -7.97
CA TYR A 474 27.24 -6.23 -7.74
C TYR A 474 27.68 -6.46 -6.32
N GLN A 475 28.99 -6.35 -6.08
CA GLN A 475 29.57 -6.55 -4.78
C GLN A 475 30.58 -5.49 -4.46
N TYR A 476 30.67 -5.13 -3.19
CA TYR A 476 31.69 -4.22 -2.71
C TYR A 476 32.86 -4.95 -2.05
N ALA A 477 34.02 -4.32 -2.14
CA ALA A 477 35.21 -4.82 -1.43
C ALA A 477 36.01 -3.66 -0.92
N TYR A 478 36.90 -3.97 0.02
CA TYR A 478 37.73 -2.92 0.60
C TYR A 478 39.16 -3.44 0.76
N SER A 479 40.10 -2.53 0.92
CA SER A 479 41.47 -2.89 1.18
C SER A 479 42.11 -1.88 2.04
N PHE A 480 43.02 -2.36 2.90
CA PHE A 480 43.82 -1.49 3.74
C PHE A 480 45.25 -1.33 3.25
N ASP A 481 45.57 -1.99 2.14
CA ASP A 481 46.89 -1.83 1.54
C ASP A 481 46.89 -1.62 0.03
N GLY A 482 45.73 -1.64 -0.60
CA GLY A 482 45.64 -1.40 -2.04
C GLY A 482 45.99 -2.62 -2.87
N GLU A 483 46.27 -3.74 -2.21
CA GLU A 483 46.62 -4.96 -2.90
C GLU A 483 45.67 -6.10 -2.58
N THR A 484 45.48 -6.37 -1.29
CA THR A 484 44.57 -7.44 -0.87
C THR A 484 43.21 -6.82 -0.57
N PHE A 485 42.21 -7.26 -1.30
CA PHE A 485 40.85 -6.75 -1.14
C PHE A 485 40.01 -7.87 -0.55
N HIS A 486 39.08 -7.47 0.31
CA HIS A 486 38.13 -8.32 0.95
C HIS A 486 36.73 -7.92 0.53
N THR A 487 36.00 -8.92 0.03
CA THR A 487 34.67 -8.71 -0.52
C THR A 487 33.62 -8.87 0.58
N LEU A 488 32.75 -7.86 0.76
CA LEU A 488 31.65 -8.02 1.71
C LEU A 488 30.74 -9.11 1.16
N PRO A 489 30.30 -10.03 2.04
CA PRO A 489 29.47 -11.15 1.68
C PRO A 489 28.01 -10.74 1.57
N ILE A 490 27.74 -9.88 0.62
CA ILE A 490 26.38 -9.51 0.26
C ILE A 490 26.39 -9.32 -1.24
N GLU A 491 25.38 -9.86 -1.90
CA GLU A 491 25.21 -9.68 -3.31
C GLU A 491 24.11 -8.65 -3.51
N LEU A 492 24.51 -7.44 -3.90
CA LEU A 492 23.51 -6.38 -4.12
C LEU A 492 22.91 -6.44 -5.51
N PRO A 493 21.63 -6.01 -5.62
CA PRO A 493 20.89 -6.11 -6.87
C PRO A 493 21.12 -4.93 -7.80
N SER A 494 21.84 -5.17 -8.87
CA SER A 494 22.01 -4.14 -9.90
C SER A 494 20.67 -3.69 -10.48
N TRP A 495 19.76 -4.65 -10.58
CA TRP A 495 18.43 -4.42 -11.16
C TRP A 495 17.58 -3.45 -10.38
N LYS A 496 17.91 -3.19 -9.12
CA LYS A 496 17.18 -2.21 -8.34
C LYS A 496 17.64 -0.79 -8.63
N LEU A 497 18.81 -0.61 -9.23
CA LEU A 497 19.25 0.76 -9.62
C LEU A 497 18.88 0.96 -11.08
N SER A 498 17.58 0.97 -11.37
CA SER A 498 17.13 1.00 -12.74
C SER A 498 15.82 1.80 -12.87
N ASP A 499 15.59 2.25 -14.09
CA ASP A 499 14.41 2.98 -14.41
C ASP A 499 13.19 2.14 -14.05
N ASP A 500 13.27 0.84 -14.30
CA ASP A 500 12.13 -0.06 -14.16
C ASP A 500 11.76 -0.39 -12.72
N TYR A 501 12.68 -0.20 -11.78
CA TYR A 501 12.43 -0.55 -10.41
C TYR A 501 12.01 0.62 -9.55
N VAL A 502 12.55 1.80 -9.77
CA VAL A 502 12.35 2.89 -8.82
C VAL A 502 10.89 3.36 -8.86
N ARG A 503 10.41 3.75 -7.69
CA ARG A 503 9.05 4.25 -7.56
C ARG A 503 8.99 5.73 -7.84
N GLY A 504 7.79 6.18 -8.07
CA GLY A 504 7.53 7.60 -8.26
C GLY A 504 7.33 7.93 -9.72
N GLY A 505 7.01 9.17 -9.97
CA GLY A 505 6.73 9.54 -11.34
C GLY A 505 7.88 9.78 -12.24
N GLY A 506 9.06 9.93 -11.65
CA GLY A 506 10.23 10.27 -12.43
C GLY A 506 11.20 9.09 -12.37
N PHE A 507 11.43 8.47 -13.52
CA PHE A 507 12.25 7.23 -13.59
C PHE A 507 13.16 7.26 -14.84
N PHE A 508 13.87 8.37 -15.00
CA PHE A 508 14.36 8.83 -16.29
C PHE A 508 15.87 8.95 -16.41
N THR A 509 16.62 8.45 -15.42
CA THR A 509 18.05 8.57 -15.46
C THR A 509 18.78 7.25 -15.72
N GLY A 510 19.38 6.70 -14.70
CA GLY A 510 20.19 5.49 -14.82
C GLY A 510 21.14 5.40 -13.63
N ALA A 511 21.79 4.24 -13.51
CA ALA A 511 22.72 4.05 -12.40
C ALA A 511 24.04 4.81 -12.64
N PHE A 512 24.54 5.34 -11.55
CA PHE A 512 25.86 5.98 -11.49
C PHE A 512 26.72 5.29 -10.42
N VAL A 513 28.02 5.52 -10.53
CA VAL A 513 29.00 5.10 -9.52
C VAL A 513 29.78 6.34 -9.15
N GLY A 514 29.92 6.60 -7.86
CA GLY A 514 30.49 7.85 -7.43
C GLY A 514 31.23 7.79 -6.12
N ILE A 515 31.61 8.98 -5.67
CA ILE A 515 32.26 9.19 -4.39
C ILE A 515 31.66 10.40 -3.70
N ASN A 516 31.55 10.29 -2.37
CA ASN A 516 30.86 11.32 -1.60
C ASN A 516 31.45 11.53 -0.21
N ALA A 517 31.10 12.65 0.40
CA ALA A 517 31.39 12.93 1.78
C ALA A 517 30.19 13.57 2.41
N ILE A 518 29.76 13.05 3.58
CA ILE A 518 28.64 13.59 4.36
C ILE A 518 29.14 13.98 5.72
N ASP A 519 28.74 15.17 6.19
CA ASP A 519 28.99 15.61 7.55
C ASP A 519 27.76 16.36 8.04
N ILE A 520 26.92 15.65 8.78
CA ILE A 520 25.65 16.16 9.23
C ILE A 520 25.96 17.22 10.32
N THR A 521 27.06 17.00 11.06
CA THR A 521 27.39 17.88 12.17
C THR A 521 27.45 19.37 11.75
N GLY A 522 28.04 19.58 10.58
CA GLY A 522 28.24 20.91 10.00
C GLY A 522 29.70 21.30 9.84
N THR A 523 30.62 20.42 10.22
CA THR A 523 32.02 20.72 10.28
C THR A 523 32.78 20.53 8.98
N ALA A 524 32.11 20.17 7.89
CA ALA A 524 32.74 20.11 6.57
C ALA A 524 34.01 19.24 6.58
N LEU A 525 33.94 18.11 7.27
N LEU A 525 33.97 18.13 7.30
CA LEU A 525 35.11 17.26 7.46
CA LEU A 525 35.17 17.30 7.44
C LEU A 525 35.63 16.80 6.07
C LEU A 525 35.63 16.90 6.04
N PRO A 526 36.93 17.00 5.78
CA PRO A 526 37.45 16.68 4.46
C PRO A 526 37.70 15.23 4.25
N ALA A 527 37.33 14.74 3.09
CA ALA A 527 37.63 13.38 2.64
C ALA A 527 38.51 13.49 1.42
N ASP A 528 39.70 12.87 1.50
CA ASP A 528 40.68 12.99 0.41
C ASP A 528 40.73 11.72 -0.41
N PHE A 529 40.29 11.83 -1.65
CA PHE A 529 40.25 10.74 -2.59
C PHE A 529 41.41 10.80 -3.58
N ASP A 530 42.23 9.75 -3.58
CA ASP A 530 43.48 9.74 -4.36
C ASP A 530 43.24 9.46 -5.82
N TYR A 531 42.23 8.67 -6.09
CA TYR A 531 41.99 8.22 -7.44
C TYR A 531 40.55 7.80 -7.62
N PHE A 532 40.18 7.64 -8.87
CA PHE A 532 38.86 7.03 -9.23
C PHE A 532 39.09 6.15 -10.45
N THR A 533 38.89 4.83 -10.31
N THR A 533 38.77 4.88 -10.33
CA THR A 533 39.00 3.88 -11.44
CA THR A 533 38.99 3.94 -11.39
C THR A 533 37.64 3.47 -11.96
C THR A 533 37.68 3.38 -11.93
N TYR A 534 37.59 3.25 -13.25
CA TYR A 534 36.44 2.66 -13.95
C TYR A 534 36.93 1.81 -15.12
N LYS A 535 36.70 0.49 -15.11
CA LYS A 535 37.16 -0.41 -16.22
C LYS A 535 36.06 -1.35 -16.59
N GLU A 536 35.61 -1.28 -17.84
CA GLU A 536 34.59 -2.21 -18.39
C GLU A 536 35.13 -3.52 -19.00
N LEU A 537 34.33 -4.58 -19.03
CA LEU A 537 34.68 -5.87 -19.74
C LEU A 537 34.75 -5.76 -21.28
N ASP A 538 33.87 -4.94 -21.84
CA ASP A 538 33.74 -4.68 -23.29
C ASP A 538 34.66 -5.47 -24.21
N MET B 1 -8.89 39.71 33.16
CA MET B 1 -9.31 38.63 32.23
C MET B 1 -8.23 37.58 32.34
N ASN B 2 -8.63 36.32 32.48
CA ASN B 2 -7.63 35.24 32.56
C ASN B 2 -7.14 34.86 31.18
N ILE B 3 -6.03 34.15 31.19
CA ILE B 3 -5.53 33.50 29.96
C ILE B 3 -6.56 32.48 29.49
N GLN B 4 -6.94 32.58 28.22
CA GLN B 4 -7.87 31.66 27.58
C GLN B 4 -7.16 30.98 26.42
N ASN B 5 -6.81 29.72 26.64
CA ASN B 5 -6.02 28.98 25.66
C ASN B 5 -6.83 28.43 24.51
N PRO B 6 -6.20 28.27 23.34
CA PRO B 6 -4.84 28.71 22.99
C PRO B 6 -4.82 30.22 22.83
N VAL B 7 -3.75 30.83 23.27
CA VAL B 7 -3.56 32.26 23.11
C VAL B 7 -3.16 32.65 21.68
N LEU B 8 -2.46 31.76 20.95
CA LEU B 8 -2.19 31.97 19.54
C LEU B 8 -2.91 30.85 18.78
N LYS B 9 -3.92 31.24 18.03
CA LYS B 9 -4.84 30.29 17.42
C LYS B 9 -4.39 29.92 16.02
N GLY B 10 -4.84 28.78 15.56
CA GLY B 10 -4.36 28.29 14.31
C GLY B 10 -2.89 27.96 14.32
N PHE B 11 -2.36 27.66 13.14
CA PHE B 11 -0.97 27.18 12.96
C PHE B 11 0.05 28.12 13.60
N ASN B 12 0.55 27.70 14.75
CA ASN B 12 1.43 28.54 15.61
C ASN B 12 2.18 27.61 16.57
N PRO B 13 3.06 26.76 16.02
CA PRO B 13 3.65 25.73 16.86
C PRO B 13 4.95 26.14 17.49
N ASP B 14 5.46 25.25 18.34
CA ASP B 14 6.85 25.37 18.84
C ASP B 14 7.11 26.74 19.44
N PRO B 15 6.26 27.16 20.41
CA PRO B 15 6.46 28.50 20.92
C PRO B 15 7.70 28.73 21.73
N SER B 16 8.44 29.78 21.39
CA SER B 16 9.58 30.25 22.18
C SER B 16 9.21 31.61 22.72
N ILE B 17 8.97 31.63 24.02
CA ILE B 17 8.58 32.84 24.74
C ILE B 17 9.79 33.48 25.41
N VAL B 18 9.82 34.81 25.37
CA VAL B 18 10.84 35.58 26.02
C VAL B 18 10.26 36.83 26.62
N ARG B 19 10.77 37.22 27.78
CA ARG B 19 10.52 38.55 28.34
C ARG B 19 11.73 39.46 28.09
N ALA B 20 11.41 40.66 27.56
CA ALA B 20 12.40 41.73 27.45
C ALA B 20 11.81 42.96 28.13
N GLY B 21 12.20 43.15 29.39
CA GLY B 21 11.63 44.21 30.23
C GLY B 21 10.18 43.93 30.52
N ASP B 22 9.31 44.84 30.07
CA ASP B 22 7.88 44.71 30.24
C ASP B 22 7.18 44.05 29.06
N ASP B 23 7.95 43.73 28.04
CA ASP B 23 7.42 43.14 26.82
C ASP B 23 7.66 41.64 26.73
N TYR B 24 6.64 40.94 26.25
CA TYR B 24 6.74 39.52 26.02
C TYR B 24 6.58 39.26 24.54
N TYR B 25 7.37 38.30 24.03
CA TYR B 25 7.29 37.87 22.66
C TYR B 25 7.23 36.35 22.62
N ILE B 26 6.47 35.83 21.65
CA ILE B 26 6.53 34.40 21.31
C ILE B 26 6.87 34.28 19.83
N ALA B 27 7.89 33.48 19.53
CA ALA B 27 8.20 33.07 18.17
C ALA B 27 7.63 31.69 17.93
N THR B 28 6.97 31.53 16.79
CA THR B 28 6.46 30.20 16.40
C THR B 28 7.01 29.80 15.04
N SER B 29 7.03 28.49 14.82
CA SER B 29 7.53 27.95 13.58
C SER B 29 6.59 28.11 12.39
N THR B 30 7.16 28.27 11.20
CA THR B 30 6.43 28.60 9.98
C THR B 30 6.68 27.64 8.81
N PHE B 31 7.64 26.72 8.93
CA PHE B 31 7.83 25.68 7.92
C PHE B 31 8.03 26.27 6.55
N GLU B 32 7.22 25.88 5.57
CA GLU B 32 7.39 26.38 4.21
C GLU B 32 6.78 27.76 3.95
N TRP B 33 6.08 28.31 4.95
CA TRP B 33 5.36 29.56 4.76
C TRP B 33 6.27 30.76 4.96
N PHE B 34 6.10 31.77 4.10
CA PHE B 34 7.03 32.86 3.98
C PHE B 34 6.29 34.23 4.18
N PRO B 35 6.85 35.21 4.93
CA PRO B 35 8.15 35.21 5.63
C PRO B 35 8.19 34.33 6.86
N GLY B 36 9.41 34.00 7.26
CA GLY B 36 9.62 33.00 8.31
C GLY B 36 9.67 33.57 9.73
N VAL B 37 9.20 32.74 10.65
CA VAL B 37 9.14 32.89 12.10
C VAL B 37 8.11 33.95 12.48
N GLN B 38 6.93 33.52 12.90
CA GLN B 38 5.92 34.48 13.38
C GLN B 38 6.34 34.94 14.76
N ILE B 39 6.25 36.25 15.01
CA ILE B 39 6.48 36.76 16.34
C ILE B 39 5.24 37.55 16.77
N HIS B 40 4.69 37.15 17.91
CA HIS B 40 3.56 37.81 18.59
C HIS B 40 4.08 38.47 19.86
N HIS B 41 3.39 39.54 20.22
CA HIS B 41 3.77 40.39 21.35
C HIS B 41 2.61 40.48 22.33
N SER B 42 2.96 40.68 23.61
CA SER B 42 1.99 40.89 24.66
C SER B 42 2.70 41.67 25.80
N LYS B 43 1.91 42.35 26.62
CA LYS B 43 2.40 42.86 27.90
C LYS B 43 1.82 42.15 29.12
N ASP B 44 0.98 41.15 28.92
CA ASP B 44 0.22 40.60 30.06
C ASP B 44 0.01 39.07 29.99
N LEU B 45 0.45 38.46 28.87
CA LEU B 45 0.23 37.02 28.55
C LEU B 45 -1.18 36.61 28.19
N VAL B 46 -2.11 37.56 28.25
CA VAL B 46 -3.52 37.33 27.95
C VAL B 46 -3.87 37.80 26.54
N HIS B 47 -3.45 39.02 26.17
CA HIS B 47 -3.78 39.62 24.91
C HIS B 47 -2.55 39.62 24.03
N TRP B 48 -2.69 39.11 22.80
CA TRP B 48 -1.53 38.94 21.90
C TRP B 48 -1.84 39.56 20.56
N HIS B 49 -0.82 40.01 19.87
CA HIS B 49 -0.94 40.49 18.50
C HIS B 49 0.27 40.13 17.69
N LEU B 50 0.04 39.88 16.41
CA LEU B 50 1.12 39.47 15.51
C LEU B 50 1.85 40.70 15.03
N VAL B 51 3.16 40.69 15.21
CA VAL B 51 3.93 41.93 14.99
C VAL B 51 5.13 41.84 14.01
N ALA B 52 5.65 40.64 13.76
CA ALA B 52 6.85 40.57 12.94
C ALA B 52 7.06 39.18 12.37
N HIS B 53 7.82 39.14 11.27
CA HIS B 53 8.40 37.90 10.72
C HIS B 53 9.83 38.22 10.29
N PRO B 54 10.81 37.92 11.12
CA PRO B 54 12.19 38.33 10.80
C PRO B 54 12.80 37.82 9.50
N LEU B 55 12.35 36.66 9.05
CA LEU B 55 13.08 36.01 7.95
C LEU B 55 12.37 36.39 6.66
N SER B 56 12.71 37.57 6.17
CA SER B 56 11.83 38.33 5.27
C SER B 56 12.39 38.42 3.86
N THR B 57 13.61 37.92 3.63
CA THR B 57 14.21 37.88 2.31
C THR B 57 14.83 36.50 2.06
N THR B 58 15.16 36.22 0.81
CA THR B 58 15.83 34.98 0.43
C THR B 58 17.22 34.85 1.00
N GLU B 59 17.81 35.98 1.43
CA GLU B 59 19.09 35.92 2.09
C GLU B 59 18.94 35.26 3.48
N PHE B 60 17.84 35.53 4.16
CA PHE B 60 17.56 34.88 5.43
C PHE B 60 17.11 33.44 5.23
N LEU B 61 16.37 33.18 4.18
CA LEU B 61 15.56 31.97 4.05
C LEU B 61 15.21 31.69 2.58
N ASP B 62 15.83 30.63 2.05
CA ASP B 62 15.70 30.23 0.66
C ASP B 62 15.11 28.85 0.69
N MET B 63 13.79 28.79 0.47
CA MET B 63 13.05 27.55 0.57
C MET B 63 12.49 27.00 -0.75
N LYS B 64 12.93 27.52 -1.89
CA LYS B 64 12.55 26.97 -3.20
C LYS B 64 12.86 25.50 -3.14
N GLY B 65 11.90 24.65 -3.50
CA GLY B 65 12.02 23.21 -3.49
C GLY B 65 11.92 22.52 -2.16
N ASN B 66 11.87 23.25 -1.05
CA ASN B 66 11.77 22.59 0.24
C ASN B 66 10.60 21.65 0.31
N PRO B 67 10.76 20.54 1.00
CA PRO B 67 9.62 19.69 1.15
C PRO B 67 8.52 20.31 1.95
N ASP B 68 7.30 19.85 1.75
CA ASP B 68 6.23 20.21 2.63
C ASP B 68 6.60 19.87 4.10
N SER B 69 6.40 20.84 4.99
CA SER B 69 6.72 20.73 6.40
C SER B 69 8.25 20.59 6.66
N GLY B 70 9.04 20.96 5.65
CA GLY B 70 10.42 21.32 5.85
C GLY B 70 10.52 22.81 6.16
N GLY B 71 11.64 23.44 5.85
CA GLY B 71 11.78 24.85 6.19
C GLY B 71 11.93 25.10 7.65
N ILE B 72 11.30 26.17 8.12
CA ILE B 72 11.49 26.65 9.48
C ILE B 72 10.80 25.78 10.53
N TRP B 73 11.63 25.03 11.24
CA TRP B 73 11.19 24.22 12.38
C TRP B 73 11.20 25.09 13.65
N ALA B 74 11.20 24.49 14.83
CA ALA B 74 11.09 25.29 16.06
C ALA B 74 12.14 26.39 16.12
N PRO B 75 11.69 27.65 16.34
CA PRO B 75 12.61 28.75 16.54
C PRO B 75 12.99 28.95 18.01
N ASP B 76 14.03 29.73 18.25
CA ASP B 76 14.41 30.04 19.61
C ASP B 76 14.72 31.54 19.69
N LEU B 77 13.97 32.28 20.50
CA LEU B 77 14.09 33.72 20.61
C LEU B 77 14.49 34.05 22.05
N SER B 78 15.61 34.73 22.19
CA SER B 78 16.11 35.13 23.50
C SER B 78 16.46 36.62 23.47
N TYR B 79 16.75 37.17 24.65
CA TYR B 79 17.04 38.59 24.78
C TYR B 79 18.16 38.74 25.80
N ALA B 80 19.26 39.37 25.39
CA ALA B 80 20.44 39.53 26.24
C ALA B 80 21.35 40.54 25.61
N ASP B 81 22.09 41.24 26.46
CA ASP B 81 23.11 42.18 26.03
C ASP B 81 22.55 43.23 25.08
N GLY B 82 21.30 43.65 25.25
CA GLY B 82 20.75 44.74 24.44
C GLY B 82 20.20 44.31 23.10
N LYS B 83 20.09 42.99 22.86
CA LYS B 83 19.55 42.52 21.60
C LYS B 83 18.73 41.27 21.73
N PHE B 84 17.86 41.10 20.76
CA PHE B 84 17.18 39.82 20.52
C PHE B 84 18.10 38.91 19.73
N TRP B 85 18.08 37.62 20.08
CA TRP B 85 18.83 36.59 19.39
C TRP B 85 17.84 35.54 18.91
N LEU B 86 17.81 35.29 17.62
CA LEU B 86 16.90 34.33 17.00
C LEU B 86 17.72 33.21 16.40
N ILE B 87 17.54 31.99 16.92
CA ILE B 87 18.06 30.78 16.31
C ILE B 87 16.93 30.19 15.46
N TYR B 88 17.20 29.92 14.21
CA TYR B 88 16.26 29.27 13.33
C TYR B 88 16.89 28.17 12.55
N THR B 89 16.05 27.28 12.01
CA THR B 89 16.50 26.04 11.36
C THR B 89 15.78 25.88 10.06
N ASP B 90 16.51 25.71 8.96
CA ASP B 90 15.96 25.38 7.64
C ASP B 90 16.18 23.87 7.45
N VAL B 91 15.08 23.11 7.47
CA VAL B 91 15.11 21.66 7.28
C VAL B 91 14.87 21.31 5.82
N LYS B 92 15.77 20.53 5.27
CA LYS B 92 15.74 20.17 3.86
C LYS B 92 15.21 18.76 3.58
N VAL B 93 15.29 17.84 4.57
CA VAL B 93 14.89 16.46 4.41
C VAL B 93 14.02 16.15 5.61
N VAL B 94 12.79 15.65 5.34
CA VAL B 94 11.81 15.45 6.42
C VAL B 94 11.31 14.04 6.55
N ASP B 95 11.91 13.07 5.88
N ASP B 95 11.89 13.12 5.73
CA ASP B 95 11.54 11.70 6.11
CA ASP B 95 11.50 11.71 5.54
C ASP B 95 12.79 10.88 5.86
C ASP B 95 12.71 10.79 5.55
N GLY B 96 12.71 9.62 6.22
CA GLY B 96 13.78 8.69 6.05
C GLY B 96 14.78 8.67 7.17
N MET B 97 16.01 8.26 6.87
CA MET B 97 16.99 8.03 7.91
C MET B 97 17.74 9.28 8.35
N TRP B 98 17.77 10.33 7.52
CA TRP B 98 18.40 11.61 7.87
C TRP B 98 17.34 12.70 7.98
N LYS B 99 17.77 13.83 8.56
CA LYS B 99 16.93 15.04 8.71
C LYS B 99 17.81 16.27 8.45
N ASP B 100 18.44 16.29 7.29
CA ASP B 100 19.38 17.34 6.94
C ASP B 100 18.77 18.70 7.17
N CYS B 101 19.50 19.53 7.93
CA CYS B 101 19.07 20.83 8.32
C CYS B 101 20.24 21.72 8.64
N HIS B 102 19.95 23.00 8.77
CA HIS B 102 20.96 24.01 9.13
C HIS B 102 20.37 24.97 10.10
N ASN B 103 21.11 25.23 11.18
CA ASN B 103 20.78 26.18 12.24
C ASN B 103 21.56 27.48 12.08
N TYR B 104 20.86 28.59 12.17
CA TYR B 104 21.39 29.93 11.94
C TYR B 104 21.04 30.84 13.13
N LEU B 105 21.89 31.85 13.31
CA LEU B 105 21.68 32.93 14.28
C LEU B 105 21.52 34.27 13.57
N THR B 106 20.47 35.01 13.91
CA THR B 106 20.31 36.41 13.53
C THR B 106 19.92 37.18 14.77
N THR B 107 20.36 38.43 14.84
CA THR B 107 20.11 39.28 15.97
C THR B 107 19.56 40.66 15.57
N ALA B 108 18.83 41.33 16.47
CA ALA B 108 18.24 42.67 16.20
C ALA B 108 18.13 43.40 17.53
N GLU B 109 18.20 44.73 17.50
CA GLU B 109 17.92 45.52 18.68
C GLU B 109 16.41 45.65 18.93
N ASP B 110 15.60 45.61 17.88
CA ASP B 110 14.16 45.74 17.99
C ASP B 110 13.56 44.58 17.22
N ILE B 111 12.44 44.09 17.72
N ILE B 111 12.45 44.04 17.72
CA ILE B 111 11.82 42.92 17.14
CA ILE B 111 11.82 42.87 17.09
C ILE B 111 11.46 43.10 15.66
C ILE B 111 11.47 43.09 15.63
N LYS B 112 11.13 44.32 15.24
CA LYS B 112 10.81 44.57 13.85
C LYS B 112 12.01 44.67 12.93
N GLY B 113 13.22 44.61 13.50
CA GLY B 113 14.44 44.63 12.74
C GLY B 113 15.03 46.03 12.75
N PRO B 114 16.10 46.23 12.00
CA PRO B 114 16.73 45.26 11.10
C PRO B 114 17.45 44.10 11.78
N TRP B 115 17.36 42.93 11.12
CA TRP B 115 17.99 41.74 11.63
C TRP B 115 19.30 41.55 10.88
N SER B 116 20.27 41.07 11.63
CA SER B 116 21.60 40.82 11.08
C SER B 116 21.64 39.66 10.09
N LYS B 117 22.61 39.69 9.19
CA LYS B 117 22.81 38.58 8.24
C LYS B 117 23.02 37.29 9.04
N PRO B 118 22.45 36.21 8.55
CA PRO B 118 22.52 34.98 9.36
C PRO B 118 23.91 34.36 9.46
N ILE B 119 24.20 33.84 10.63
CA ILE B 119 25.43 33.08 10.90
C ILE B 119 25.04 31.61 10.91
N LEU B 120 25.69 30.80 10.08
CA LEU B 120 25.45 29.37 10.08
C LEU B 120 26.22 28.70 11.23
N LEU B 121 25.49 28.02 12.08
CA LEU B 121 26.03 27.43 13.30
C LEU B 121 26.44 25.99 13.10
N ASN B 122 25.49 25.15 12.70
CA ASN B 122 25.69 23.72 12.62
C ASN B 122 24.47 23.06 11.96
N GLY B 123 24.51 21.74 11.92
CA GLY B 123 23.44 20.92 11.39
C GLY B 123 23.22 19.59 12.09
N ALA B 124 23.79 19.47 13.28
CA ALA B 124 23.87 18.18 13.99
C ALA B 124 22.50 17.66 14.41
N GLY B 125 21.55 18.58 14.48
CA GLY B 125 20.18 18.31 14.84
C GLY B 125 19.42 19.61 14.77
N PHE B 126 18.10 19.49 14.81
CA PHE B 126 17.20 20.64 14.84
C PHE B 126 16.96 21.06 16.32
N ASP B 127 16.07 22.03 16.50
CA ASP B 127 15.71 22.54 17.80
C ASP B 127 16.89 23.14 18.54
N ALA B 128 17.69 23.89 17.80
CA ALA B 128 18.78 24.65 18.41
C ALA B 128 18.25 25.82 19.23
N SER B 129 18.86 26.05 20.37
CA SER B 129 18.45 27.05 21.32
C SER B 129 19.70 27.64 21.97
N LEU B 130 19.70 28.97 22.11
CA LEU B 130 20.82 29.71 22.65
C LEU B 130 20.60 30.10 24.09
N PHE B 131 21.60 29.77 24.91
CA PHE B 131 21.58 29.99 26.37
C PHE B 131 22.63 30.98 26.77
N HIS B 132 22.18 31.97 27.52
CA HIS B 132 23.04 33.11 27.96
C HIS B 132 23.45 32.81 29.40
N ASP B 133 24.62 32.19 29.55
CA ASP B 133 25.10 31.76 30.87
C ASP B 133 25.45 32.97 31.74
N PRO B 134 25.18 32.90 33.06
CA PRO B 134 25.52 34.03 33.94
C PRO B 134 26.98 34.46 33.88
N SER B 135 27.87 33.57 33.45
CA SER B 135 29.29 33.89 33.28
C SER B 135 29.56 34.86 32.15
N GLY B 136 28.58 35.04 31.28
CA GLY B 136 28.76 35.82 30.06
C GLY B 136 29.05 34.98 28.83
N LYS B 137 29.41 33.72 29.05
CA LYS B 137 29.51 32.80 27.92
C LYS B 137 28.13 32.44 27.34
N LYS B 138 28.13 32.07 26.07
CA LYS B 138 26.92 31.64 25.37
C LYS B 138 27.06 30.17 24.99
N TYR B 139 25.98 29.41 25.04
CA TYR B 139 25.98 27.98 24.66
C TYR B 139 24.80 27.67 23.76
N LEU B 140 25.00 26.80 22.79
CA LEU B 140 23.92 26.28 21.98
C LEU B 140 23.64 24.84 22.41
N VAL B 141 22.37 24.54 22.58
CA VAL B 141 21.90 23.17 22.73
C VAL B 141 21.08 22.85 21.50
N ASN B 142 21.11 21.60 21.09
CA ASN B 142 20.24 21.11 20.02
C ASN B 142 20.05 19.63 20.22
N MET B 143 19.03 19.06 19.59
CA MET B 143 18.99 17.61 19.57
C MET B 143 20.14 17.14 18.68
N TYR B 144 20.55 15.87 18.84
CA TYR B 144 21.61 15.27 18.03
C TYR B 144 21.01 14.06 17.28
N TRP B 145 21.10 14.09 15.95
CA TRP B 145 20.44 13.10 15.11
C TRP B 145 21.38 11.92 14.91
N ASP B 146 20.86 10.71 15.16
CA ASP B 146 21.54 9.41 14.84
C ASP B 146 20.73 8.77 13.71
N GLN B 147 21.31 8.68 12.54
CA GLN B 147 20.69 8.10 11.36
C GLN B 147 20.63 6.59 11.36
N ARG B 148 21.44 5.95 12.20
CA ARG B 148 21.60 4.54 12.10
C ARG B 148 20.24 3.81 12.28
N VAL B 149 19.92 2.89 11.37
CA VAL B 149 18.52 2.47 11.18
C VAL B 149 18.02 1.57 12.29
N TYR B 150 18.92 0.97 13.06
CA TYR B 150 18.55 0.11 14.20
C TYR B 150 18.46 0.88 15.51
N HIS B 151 18.69 2.18 15.47
CA HIS B 151 18.58 3.04 16.65
C HIS B 151 17.37 3.98 16.52
N HIS B 152 16.86 4.43 17.66
CA HIS B 152 16.00 5.62 17.69
C HIS B 152 16.82 6.83 17.21
N ASN B 153 16.23 7.74 16.47
CA ASN B 153 17.05 8.79 15.85
C ASN B 153 17.45 9.91 16.80
N PHE B 154 16.81 9.96 17.95
CA PHE B 154 16.95 11.07 18.87
C PHE B 154 17.98 10.67 19.93
N TYR B 155 19.25 11.02 19.67
CA TYR B 155 20.41 10.51 20.44
C TYR B 155 20.61 11.29 21.71
N GLY B 156 19.84 12.35 21.93
CA GLY B 156 19.98 13.18 23.10
C GLY B 156 20.18 14.64 22.76
N ILE B 157 20.70 15.38 23.74
CA ILE B 157 20.90 16.80 23.63
C ILE B 157 22.40 17.09 23.66
N ALA B 158 22.84 17.82 22.63
CA ALA B 158 24.21 18.27 22.49
C ALA B 158 24.37 19.68 23.01
N LEU B 159 25.52 19.95 23.60
CA LEU B 159 25.90 21.26 24.10
C LEU B 159 27.24 21.65 23.46
N GLN B 160 27.36 22.90 23.08
CA GLN B 160 28.62 23.49 22.63
C GLN B 160 28.59 24.99 22.95
N GLU B 161 29.75 25.54 23.35
CA GLU B 161 29.90 26.96 23.52
C GLU B 161 29.87 27.65 22.16
N TYR B 162 29.16 28.78 22.09
CA TYR B 162 29.15 29.67 20.95
C TYR B 162 30.03 30.89 21.27
N SER B 163 31.00 31.17 20.41
CA SER B 163 31.84 32.35 20.55
C SER B 163 31.23 33.52 19.82
N VAL B 164 30.84 34.54 20.54
CA VAL B 164 30.32 35.75 19.94
C VAL B 164 31.39 36.42 19.06
N ALA B 165 32.61 36.46 19.56
CA ALA B 165 33.70 37.12 18.83
C ALA B 165 34.03 36.44 17.51
N GLU B 166 34.08 35.12 17.51
CA GLU B 166 34.46 34.37 16.32
C GLU B 166 33.24 33.93 15.49
N GLU B 167 32.05 34.21 15.99
CA GLU B 167 30.80 33.87 15.29
C GLU B 167 30.80 32.39 14.87
N LYS B 168 31.11 31.53 15.82
CA LYS B 168 31.02 30.11 15.59
C LYS B 168 30.96 29.35 16.88
N LEU B 169 30.56 28.08 16.75
CA LEU B 169 30.66 27.10 17.81
C LEU B 169 32.10 26.72 17.96
N ILE B 170 32.49 26.56 19.22
CA ILE B 170 33.89 26.17 19.51
C ILE B 170 33.91 24.81 20.20
N GLY B 171 35.08 24.19 20.22
CA GLY B 171 35.19 22.83 20.68
C GLY B 171 34.41 21.88 19.83
N LYS B 172 33.79 20.90 20.47
CA LYS B 172 33.03 19.87 19.77
C LYS B 172 31.79 19.52 20.55
N PRO B 173 30.77 19.02 19.86
CA PRO B 173 29.54 18.63 20.56
C PRO B 173 29.77 17.70 21.72
N GLU B 174 29.09 18.00 22.83
N GLU B 174 29.13 17.94 22.84
CA GLU B 174 29.06 17.22 24.10
CA GLU B 174 29.10 16.93 23.87
C GLU B 174 27.63 16.71 24.37
C GLU B 174 27.67 16.66 24.25
N ILE B 175 27.38 15.39 24.39
CA ILE B 175 26.02 14.94 24.74
C ILE B 175 25.86 15.05 26.25
N ILE B 176 24.96 15.89 26.68
CA ILE B 176 24.81 16.16 28.11
C ILE B 176 23.61 15.42 28.73
N TYR B 177 22.73 14.89 27.88
CA TYR B 177 21.44 14.35 28.36
C TYR B 177 20.88 13.45 27.31
N LYS B 178 20.38 12.29 27.71
CA LYS B 178 19.83 11.28 26.79
C LYS B 178 18.30 11.25 26.76
N GLY B 179 17.65 11.96 27.67
CA GLY B 179 16.20 11.92 27.79
C GLY B 179 15.68 10.78 28.63
N THR B 180 14.38 10.65 28.69
CA THR B 180 13.73 9.59 29.40
C THR B 180 13.32 8.47 28.44
N ASP B 181 12.65 7.45 28.98
CA ASP B 181 12.12 6.37 28.17
C ASP B 181 11.10 6.85 27.14
N ILE B 182 10.48 8.00 27.37
CA ILE B 182 9.47 8.51 26.46
C ILE B 182 10.11 8.89 25.12
N ALA B 183 11.36 9.36 25.16
CA ALA B 183 12.22 9.56 23.99
C ALA B 183 11.66 10.61 23.06
N TYR B 184 12.05 10.56 21.78
CA TYR B 184 11.93 11.72 20.89
C TYR B 184 12.39 12.99 21.60
N THR B 185 13.52 12.90 22.26
CA THR B 185 13.98 14.01 23.08
C THR B 185 14.45 15.18 22.21
N GLU B 186 13.75 16.30 22.31
CA GLU B 186 13.94 17.43 21.44
C GLU B 186 13.61 18.72 22.16
N GLY B 187 13.50 19.83 21.45
CA GLY B 187 13.16 21.11 22.08
C GLY B 187 13.93 21.51 23.31
N PRO B 188 15.26 21.26 23.33
CA PRO B 188 15.98 21.64 24.57
C PRO B 188 16.06 23.11 24.86
N HIS B 189 15.86 23.46 26.14
CA HIS B 189 16.12 24.81 26.61
C HIS B 189 16.80 24.73 27.95
N LEU B 190 17.84 25.57 28.15
CA LEU B 190 18.52 25.71 29.43
C LEU B 190 18.05 26.95 30.13
N TYR B 191 17.95 26.82 31.45
CA TYR B 191 17.67 27.91 32.34
C TYR B 191 18.57 27.84 33.55
N TYR B 192 18.95 29.01 34.06
CA TYR B 192 19.74 29.09 35.30
C TYR B 192 18.80 29.62 36.38
N ILE B 193 18.41 28.79 37.31
CA ILE B 193 17.36 29.05 38.32
C ILE B 193 17.81 28.35 39.56
N ASN B 194 17.59 28.97 40.71
CA ASN B 194 17.98 28.34 41.99
C ASN B 194 19.49 28.00 42.01
N ASP B 195 20.30 28.84 41.38
CA ASP B 195 21.77 28.64 41.29
C ASP B 195 22.17 27.29 40.68
N MET B 196 21.36 26.78 39.75
CA MET B 196 21.72 25.59 39.05
C MET B 196 21.07 25.59 37.67
N TYR B 197 21.36 24.54 36.93
CA TYR B 197 20.95 24.47 35.54
C TYR B 197 19.74 23.56 35.39
N TYR B 198 18.71 24.05 34.71
CA TYR B 198 17.55 23.24 34.35
C TYR B 198 17.59 23.05 32.85
N LEU B 199 17.44 21.80 32.42
CA LEU B 199 17.34 21.48 31.01
C LEU B 199 15.94 20.92 30.75
N MET B 200 15.16 21.65 29.97
CA MET B 200 13.78 21.26 29.70
C MET B 200 13.70 20.80 28.26
N THR B 201 12.99 19.67 28.02
CA THR B 201 12.91 19.06 26.72
C THR B 201 11.49 18.61 26.42
N ALA B 202 11.18 18.57 25.13
CA ALA B 202 9.99 17.94 24.62
C ALA B 202 10.28 16.47 24.39
N GLU B 203 9.30 15.62 24.62
CA GLU B 203 9.47 14.18 24.39
C GLU B 203 8.19 13.59 23.91
N GLY B 204 8.30 12.44 23.29
CA GLY B 204 7.16 11.67 22.86
C GLY B 204 6.70 11.91 21.45
N GLY B 205 7.24 12.95 20.84
CA GLY B 205 6.85 13.36 19.51
C GLY B 205 5.59 14.24 19.56
N THR B 206 5.42 15.09 18.55
CA THR B 206 4.39 16.10 18.51
C THR B 206 2.97 15.64 18.21
N THR B 207 2.71 14.39 18.52
CA THR B 207 1.46 13.72 18.33
C THR B 207 0.65 13.73 19.65
N TYR B 208 -0.32 12.85 19.80
CA TYR B 208 -1.06 12.76 21.06
C TYR B 208 -0.18 12.27 22.22
N GLN B 209 0.98 11.69 21.90
CA GLN B 209 1.95 11.23 22.89
C GLN B 209 2.90 12.30 23.42
N HIS B 210 2.78 13.51 22.90
CA HIS B 210 3.68 14.63 23.21
C HIS B 210 3.71 14.93 24.72
N SER B 211 4.83 15.44 25.18
CA SER B 211 5.02 15.78 26.56
C SER B 211 6.20 16.75 26.66
N GLU B 212 6.42 17.24 27.88
CA GLU B 212 7.63 18.05 28.24
C GLU B 212 8.09 17.53 29.59
N THR B 213 9.40 17.40 29.76
CA THR B 213 10.04 17.05 31.01
C THR B 213 11.19 18.01 31.32
N ILE B 214 11.50 18.18 32.59
CA ILE B 214 12.63 18.99 33.02
C ILE B 214 13.58 18.14 33.88
N ALA B 215 14.84 18.54 33.87
CA ALA B 215 15.93 17.90 34.59
C ALA B 215 16.85 19.00 35.11
N ARG B 216 17.65 18.70 36.13
CA ARG B 216 18.47 19.76 36.75
C ARG B 216 19.83 19.20 37.14
N SER B 217 20.78 20.11 37.15
CA SER B 217 22.19 19.81 37.39
C SER B 217 22.86 21.02 38.01
N LYS B 218 23.85 20.74 38.87
CA LYS B 218 24.64 21.81 39.48
C LYS B 218 25.48 22.52 38.42
N THR B 219 26.01 21.80 37.44
CA THR B 219 26.80 22.42 36.39
C THR B 219 26.13 22.18 35.03
N ILE B 220 26.54 22.99 34.05
CA ILE B 220 25.91 22.92 32.72
C ILE B 220 26.12 21.58 32.04
N HIS B 221 27.20 20.91 32.36
CA HIS B 221 27.59 19.66 31.70
C HIS B 221 26.83 18.42 32.16
N GLY B 222 26.09 18.56 33.25
CA GLY B 222 25.40 17.42 33.84
C GLY B 222 26.30 16.62 34.74
N PRO B 223 25.86 15.42 35.12
CA PRO B 223 24.60 14.81 34.67
C PRO B 223 23.37 15.49 35.27
N TYR B 224 22.29 15.42 34.53
CA TYR B 224 21.03 16.02 34.88
C TYR B 224 20.14 14.98 35.54
N GLU B 225 19.58 15.31 36.70
N GLU B 225 19.58 15.35 36.68
CA GLU B 225 18.59 14.46 37.35
CA GLU B 225 18.56 14.56 37.36
C GLU B 225 17.19 14.83 36.83
C GLU B 225 17.18 14.86 36.79
N ILE B 226 16.43 13.83 36.41
CA ILE B 226 15.10 14.01 35.82
C ILE B 226 14.11 14.22 36.95
N GLN B 227 13.16 15.14 36.74
CA GLN B 227 12.15 15.39 37.74
C GLN B 227 11.41 14.10 38.09
N PRO B 228 11.06 13.92 39.39
CA PRO B 228 10.48 12.63 39.80
C PRO B 228 9.15 12.25 39.15
N ASP B 229 8.34 13.26 38.98
CA ASP B 229 6.96 13.10 38.52
C ASP B 229 6.81 13.29 37.03
N TYR B 230 7.85 12.99 36.24
CA TYR B 230 7.82 13.35 34.82
C TYR B 230 6.69 12.60 34.13
N PRO B 231 6.09 13.20 33.08
CA PRO B 231 6.41 14.51 32.52
C PRO B 231 5.79 15.67 33.29
N LEU B 232 6.46 16.82 33.14
CA LEU B 232 5.92 18.10 33.51
C LEU B 232 4.57 18.36 32.90
N LEU B 233 4.48 18.11 31.61
CA LEU B 233 3.31 18.48 30.81
C LEU B 233 3.04 17.32 29.83
N SER B 234 1.79 16.87 29.76
CA SER B 234 1.35 15.91 28.76
C SER B 234 -0.14 15.65 28.95
N ALA B 235 -0.90 15.67 27.85
CA ALA B 235 -2.30 15.29 27.85
C ALA B 235 -2.51 13.85 27.35
N TRP B 236 -1.43 13.10 27.20
CA TRP B 236 -1.57 11.77 26.62
C TRP B 236 -2.61 10.93 27.34
N LYS B 237 -2.65 10.97 28.66
CA LYS B 237 -3.50 10.01 29.38
C LYS B 237 -4.92 10.51 29.49
N GLU B 238 -5.22 11.73 29.02
CA GLU B 238 -6.53 12.34 29.17
C GLU B 238 -7.17 12.59 27.80
N VAL B 239 -7.90 11.63 27.31
CA VAL B 239 -8.39 11.66 25.94
C VAL B 239 -9.47 12.73 25.66
N HIS B 240 -10.10 13.23 26.71
CA HIS B 240 -11.11 14.28 26.59
C HIS B 240 -10.56 15.65 26.97
N ASN B 241 -9.27 15.79 27.26
CA ASN B 241 -8.81 17.10 27.63
C ASN B 241 -8.97 18.02 26.45
N PRO B 242 -9.46 19.27 26.67
CA PRO B 242 -9.56 20.18 25.53
C PRO B 242 -8.26 20.44 24.82
N LEU B 243 -7.16 20.54 25.56
CA LEU B 243 -5.84 20.71 24.97
C LEU B 243 -5.19 19.32 24.81
N GLN B 244 -4.75 18.99 23.59
CA GLN B 244 -4.05 17.76 23.31
C GLN B 244 -2.64 18.04 22.78
N LYS B 245 -1.81 17.02 22.70
CA LYS B 245 -0.46 17.13 22.08
C LYS B 245 0.39 18.19 22.81
N CYS B 246 0.29 18.24 24.12
CA CYS B 246 0.86 19.33 24.92
C CYS B 246 2.35 19.01 25.14
N GLY B 247 3.18 19.87 24.58
CA GLY B 247 4.63 19.71 24.63
C GLY B 247 5.30 20.85 23.86
N HIS B 248 6.60 20.70 23.69
CA HIS B 248 7.42 21.72 23.04
C HIS B 248 7.24 23.11 23.67
N ALA B 249 7.63 23.15 24.94
CA ALA B 249 7.44 24.29 25.82
C ALA B 249 8.65 25.21 25.97
N SER B 250 8.40 26.38 26.53
CA SER B 250 9.42 27.32 26.92
C SER B 250 8.91 28.03 28.17
N LEU B 251 9.82 28.30 29.11
CA LEU B 251 9.50 28.80 30.44
C LEU B 251 9.85 30.29 30.52
N VAL B 252 8.98 31.09 31.15
CA VAL B 252 9.26 32.52 31.33
C VAL B 252 8.95 32.90 32.75
N GLU B 253 9.75 33.85 33.25
CA GLU B 253 9.53 34.46 34.58
C GLU B 253 9.14 35.90 34.34
N THR B 254 8.11 36.34 35.03
CA THR B 254 7.65 37.73 34.89
C THR B 254 8.50 38.68 35.73
N GLN B 255 8.30 39.98 35.51
CA GLN B 255 9.04 41.01 36.23
C GLN B 255 8.83 40.94 37.73
N ASN B 256 7.72 40.34 38.14
CA ASN B 256 7.35 40.14 39.53
C ASN B 256 7.57 38.70 40.06
N GLY B 257 8.28 37.87 39.31
CA GLY B 257 8.64 36.54 39.81
C GLY B 257 7.58 35.45 39.70
N GLN B 258 6.57 35.65 38.87
CA GLN B 258 5.66 34.55 38.54
C GLN B 258 6.22 33.78 37.33
N TRP B 259 5.83 32.53 37.20
CA TRP B 259 6.34 31.67 36.16
C TRP B 259 5.23 31.09 35.31
N TYR B 260 5.47 31.10 34.00
CA TYR B 260 4.49 30.63 33.01
C TYR B 260 5.21 29.79 31.95
N LEU B 261 4.45 28.89 31.32
CA LEU B 261 5.00 27.90 30.41
C LEU B 261 4.20 27.93 29.10
N ALA B 262 4.81 28.47 28.05
CA ALA B 262 4.20 28.40 26.71
C ALA B 262 4.44 27.04 26.15
N HIS B 263 3.49 26.52 25.39
CA HIS B 263 3.64 25.19 24.78
C HIS B 263 2.71 25.11 23.61
N LEU B 264 2.96 24.14 22.74
CA LEU B 264 2.06 23.83 21.66
C LEU B 264 0.98 22.85 22.05
N THR B 265 -0.11 22.88 21.31
CA THR B 265 -1.26 22.02 21.58
C THR B 265 -2.06 21.88 20.31
N GLY B 266 -2.72 20.75 20.16
CA GLY B 266 -3.74 20.60 19.11
C GLY B 266 -5.13 20.44 19.74
N ARG B 267 -6.14 20.97 19.07
CA ARG B 267 -7.57 20.90 19.46
C ARG B 267 -8.32 20.12 18.37
N PRO B 268 -8.53 18.82 18.56
CA PRO B 268 -9.16 18.11 17.48
C PRO B 268 -10.63 18.45 17.29
N LEU B 269 -11.10 18.30 16.06
CA LEU B 269 -12.51 18.28 15.82
C LEU B 269 -13.14 17.14 16.57
N PRO B 270 -14.48 17.25 16.79
N PRO B 270 -14.40 17.27 17.05
CA PRO B 270 -15.22 16.14 17.36
CA PRO B 270 -15.03 16.10 17.66
C PRO B 270 -15.12 14.94 16.44
C PRO B 270 -15.22 14.99 16.62
N ALA B 271 -14.95 13.75 17.01
CA ALA B 271 -15.08 12.59 16.19
C ALA B 271 -16.55 12.29 16.02
N PRO B 272 -16.88 11.44 15.02
CA PRO B 272 -18.27 11.02 14.93
C PRO B 272 -18.78 10.37 16.20
N ALA B 273 -20.07 10.47 16.44
CA ALA B 273 -20.64 9.99 17.66
C ALA B 273 -20.42 8.49 17.77
N GLY B 274 -20.08 8.07 18.97
CA GLY B 274 -19.94 6.68 19.30
C GLY B 274 -18.54 6.12 19.05
N PHE B 275 -17.65 6.90 18.42
CA PHE B 275 -16.36 6.32 18.04
C PHE B 275 -15.49 6.19 19.30
N PRO B 276 -14.53 5.23 19.30
CA PRO B 276 -13.75 4.95 20.52
C PRO B 276 -12.89 6.12 20.94
N SER B 277 -13.02 6.54 22.20
CA SER B 277 -12.39 7.75 22.66
C SER B 277 -10.86 7.61 22.69
N ARG B 278 -10.30 6.40 22.87
CA ARG B 278 -8.85 6.27 22.93
C ARG B 278 -8.23 6.32 21.55
N GLU B 279 -9.02 6.22 20.48
CA GLU B 279 -8.50 6.20 19.11
C GLU B 279 -8.34 7.62 18.55
N ARG B 280 -7.59 8.45 19.27
CA ARG B 280 -7.32 9.81 18.78
C ARG B 280 -6.52 9.78 17.47
N GLU B 281 -5.57 8.85 17.40
CA GLU B 281 -4.74 8.71 16.22
C GLU B 281 -5.50 8.34 14.97
N GLN B 282 -6.67 7.75 15.10
CA GLN B 282 -7.51 7.43 13.96
C GLN B 282 -8.59 8.44 13.68
N HIS B 283 -9.11 9.09 14.73
CA HIS B 283 -10.36 9.86 14.58
C HIS B 283 -10.27 11.32 14.99
N ALA B 284 -9.15 11.78 15.55
CA ALA B 284 -9.02 13.12 16.08
C ALA B 284 -8.17 13.97 15.12
N PHE B 285 -8.82 14.87 14.42
CA PHE B 285 -8.20 15.65 13.36
C PHE B 285 -8.17 17.12 13.71
N CYS B 286 -7.00 17.71 13.54
CA CYS B 286 -6.74 19.08 13.94
C CYS B 286 -6.49 19.98 12.72
N PRO B 287 -7.54 20.56 12.13
CA PRO B 287 -7.31 21.45 10.98
C PRO B 287 -6.65 22.77 11.34
N LEU B 288 -6.73 23.16 12.61
N LEU B 288 -6.76 23.17 12.61
CA LEU B 288 -6.06 24.40 13.04
CA LEU B 288 -6.07 24.39 13.08
C LEU B 288 -4.55 24.12 13.33
C LEU B 288 -4.60 24.07 13.50
N GLY B 289 -4.10 22.88 13.17
CA GLY B 289 -2.71 22.57 13.37
C GLY B 289 -2.36 22.56 14.85
N ARG B 290 -1.15 22.97 15.13
CA ARG B 290 -0.63 23.07 16.50
C ARG B 290 -0.62 24.56 16.82
N GLU B 291 -1.29 24.88 17.92
CA GLU B 291 -1.52 26.23 18.40
C GLU B 291 -0.67 26.45 19.65
N THR B 292 -0.61 27.69 20.15
CA THR B 292 0.15 27.97 21.35
C THR B 292 -0.76 28.30 22.53
N ALA B 293 -0.47 27.64 23.65
CA ALA B 293 -1.14 27.83 24.92
C ALA B 293 -0.12 28.24 25.98
N ILE B 294 -0.59 28.77 27.07
CA ILE B 294 0.24 29.12 28.22
C ILE B 294 -0.33 28.59 29.51
N GLN B 295 0.48 27.87 30.28
CA GLN B 295 0.11 27.37 31.61
C GLN B 295 0.84 28.15 32.68
N LYS B 296 0.27 28.14 33.89
CA LYS B 296 0.96 28.72 35.05
C LYS B 296 1.79 27.65 35.70
N ILE B 297 2.93 28.07 36.20
CA ILE B 297 3.90 27.21 36.89
C ILE B 297 4.06 27.62 38.33
N GLU B 298 4.07 26.64 39.21
CA GLU B 298 4.46 26.82 40.61
C GLU B 298 5.66 25.93 40.88
N TRP B 299 6.45 26.29 41.86
CA TRP B 299 7.67 25.56 42.20
C TRP B 299 7.44 24.78 43.49
N GLN B 300 7.89 23.53 43.47
CA GLN B 300 7.73 22.60 44.61
C GLN B 300 9.01 21.78 44.67
N ASP B 301 9.72 21.96 45.77
CA ASP B 301 10.93 21.19 46.05
C ASP B 301 11.95 21.32 44.90
N GLY B 302 12.01 22.53 44.36
CA GLY B 302 12.92 22.82 43.30
C GLY B 302 12.56 22.29 41.92
N TRP B 303 11.30 21.89 41.75
CA TRP B 303 10.79 21.44 40.47
C TRP B 303 9.59 22.27 40.10
N PRO B 304 9.45 22.57 38.80
CA PRO B 304 8.25 23.29 38.38
C PRO B 304 7.08 22.31 38.25
N VAL B 305 5.88 22.82 38.46
CA VAL B 305 4.64 22.06 38.42
C VAL B 305 3.60 22.91 37.68
N VAL B 306 2.93 22.29 36.70
CA VAL B 306 1.85 22.94 35.99
C VAL B 306 0.60 23.02 36.85
N VAL B 307 0.17 24.25 37.09
CA VAL B 307 -0.97 24.50 37.90
C VAL B 307 -2.20 23.87 37.20
N GLY B 308 -3.03 23.14 37.93
CA GLY B 308 -4.22 22.47 37.34
C GLY B 308 -4.00 21.11 36.77
N GLY B 309 -2.75 20.64 36.78
CA GLY B 309 -2.40 19.29 36.36
C GLY B 309 -1.64 19.25 35.04
N GLN B 310 -0.91 18.15 34.84
CA GLN B 310 0.02 18.06 33.72
C GLN B 310 -0.64 18.10 32.36
N GLN B 311 -1.95 17.86 32.29
CA GLN B 311 -2.60 17.79 31.00
C GLN B 311 -2.72 19.18 30.35
N GLY B 312 -2.65 20.25 31.15
CA GLY B 312 -2.84 21.62 30.65
C GLY B 312 -4.30 22.00 30.61
N SER B 313 -4.54 23.24 30.99
CA SER B 313 -5.89 23.76 31.17
C SER B 313 -6.19 24.86 30.16
N LEU B 314 -7.49 25.03 29.89
CA LEU B 314 -7.95 26.10 28.98
C LEU B 314 -7.90 27.46 29.62
N GLU B 315 -8.40 27.58 30.83
CA GLU B 315 -8.41 28.87 31.55
C GLU B 315 -7.31 28.87 32.59
N VAL B 316 -6.47 29.88 32.54
CA VAL B 316 -5.29 29.95 33.38
C VAL B 316 -5.20 31.33 34.03
N GLU B 317 -4.83 31.37 35.31
CA GLU B 317 -4.75 32.64 36.05
C GLU B 317 -3.73 33.55 35.39
N ALA B 318 -4.17 34.76 35.05
CA ALA B 318 -3.31 35.75 34.41
C ALA B 318 -2.30 36.29 35.38
N PRO B 319 -1.12 36.66 34.87
CA PRO B 319 -0.17 37.20 35.80
C PRO B 319 -0.68 38.51 36.36
N ASP B 320 -0.05 38.89 37.45
CA ASP B 320 -0.31 40.13 38.16
C ASP B 320 0.28 41.34 37.45
N LEU B 321 -0.08 41.53 36.19
CA LEU B 321 0.45 42.62 35.40
C LEU B 321 -0.64 43.51 34.87
N PRO B 322 -0.31 44.79 34.58
CA PRO B 322 -1.28 45.68 34.01
C PRO B 322 -1.65 45.13 32.67
N GLN B 323 -2.92 45.00 32.40
CA GLN B 323 -3.39 44.40 31.16
C GLN B 323 -3.46 45.42 30.04
N GLN B 324 -3.36 44.94 28.80
N GLN B 324 -3.33 44.95 28.80
CA GLN B 324 -3.27 45.79 27.63
CA GLN B 324 -3.44 45.79 27.62
C GLN B 324 -3.81 45.07 26.38
C GLN B 324 -3.97 45.00 26.42
N GLU B 325 -4.93 45.58 25.88
N GLU B 325 -5.06 45.50 25.87
CA GLU B 325 -5.54 45.04 24.69
CA GLU B 325 -5.65 44.95 24.69
C GLU B 325 -4.88 45.63 23.45
C GLU B 325 -4.97 45.62 23.47
N TRP B 326 -5.06 44.96 22.31
CA TRP B 326 -4.39 45.38 21.06
C TRP B 326 -5.43 45.55 19.96
N ALA B 327 -5.15 46.48 19.06
CA ALA B 327 -5.90 46.64 17.85
C ALA B 327 -5.81 45.38 16.99
N PRO B 328 -6.88 45.04 16.24
CA PRO B 328 -6.84 43.92 15.30
C PRO B 328 -5.76 44.20 14.28
N THR B 329 -5.15 43.14 13.78
CA THR B 329 -4.15 43.27 12.74
C THR B 329 -4.67 42.93 11.35
N TYR B 330 -5.96 42.68 11.23
CA TYR B 330 -6.61 42.54 9.95
C TYR B 330 -8.06 43.06 10.09
N GLU B 331 -8.64 43.37 8.94
CA GLU B 331 -10.07 43.68 8.84
C GLU B 331 -10.82 42.50 8.23
N GLU B 332 -12.03 42.28 8.70
CA GLU B 332 -12.88 41.22 8.19
C GLU B 332 -12.95 41.25 6.68
N ARG B 333 -13.14 42.42 6.08
CA ARG B 333 -13.07 42.57 4.63
C ARG B 333 -11.86 43.43 4.34
N ASP B 334 -10.88 42.79 3.73
CA ASP B 334 -9.65 43.45 3.22
C ASP B 334 -9.92 43.87 1.76
N ASP B 335 -10.09 45.17 1.54
CA ASP B 335 -10.37 45.69 0.20
C ASP B 335 -9.13 45.97 -0.64
N PHE B 336 -7.95 45.56 -0.14
CA PHE B 336 -6.73 45.63 -0.95
C PHE B 336 -6.46 47.06 -1.43
N ASP B 337 -6.78 48.01 -0.56
CA ASP B 337 -6.57 49.44 -0.83
C ASP B 337 -5.31 49.97 -0.18
N LYS B 338 -4.44 49.11 0.32
CA LYS B 338 -3.12 49.48 0.79
C LYS B 338 -2.08 48.73 -0.05
N ASP B 339 -0.89 49.32 -0.10
N ASP B 339 -0.89 49.29 -0.21
CA ASP B 339 0.21 48.84 -0.90
CA ASP B 339 0.11 48.64 -1.05
C ASP B 339 0.89 47.63 -0.31
C ASP B 339 1.06 47.72 -0.27
N THR B 340 0.71 47.42 1.00
CA THR B 340 1.41 46.38 1.82
C THR B 340 0.43 45.25 1.96
N LEU B 341 0.81 44.00 1.63
N LEU B 341 0.82 44.01 1.66
CA LEU B 341 -0.06 42.84 1.91
CA LEU B 341 -0.06 42.88 1.86
C LEU B 341 -0.17 42.68 3.40
C LEU B 341 -0.16 42.59 3.36
N ASN B 342 -1.36 42.36 3.89
CA ASN B 342 -1.59 42.24 5.31
C ASN B 342 -0.64 41.18 5.92
N ILE B 343 -0.17 41.48 7.13
CA ILE B 343 0.76 40.64 7.89
C ILE B 343 0.23 39.21 8.12
N ASN B 344 -1.08 39.03 8.07
CA ASN B 344 -1.69 37.70 8.25
C ASN B 344 -1.72 36.85 6.97
N PHE B 345 -1.27 37.39 5.84
CA PHE B 345 -1.11 36.60 4.63
C PHE B 345 0.33 36.15 4.51
N GLN B 346 0.54 34.91 4.08
CA GLN B 346 1.87 34.45 3.73
C GLN B 346 1.82 33.84 2.32
N THR B 347 2.99 33.70 1.75
CA THR B 347 3.20 32.99 0.49
C THR B 347 3.94 31.69 0.78
N LEU B 348 3.96 30.83 -0.22
CA LEU B 348 4.64 29.54 -0.08
C LEU B 348 6.07 29.70 -0.52
N ARG B 349 6.99 29.45 0.40
CA ARG B 349 8.44 29.28 0.18
C ARG B 349 9.25 30.51 -0.18
N ILE B 350 8.69 31.34 -1.04
CA ILE B 350 9.38 32.47 -1.62
C ILE B 350 8.69 33.77 -1.25
N PRO B 351 9.41 34.90 -1.33
CA PRO B 351 8.75 36.18 -1.06
C PRO B 351 7.63 36.57 -2.03
N PHE B 352 6.67 37.30 -1.54
CA PHE B 352 5.80 38.05 -2.42
C PHE B 352 6.64 39.08 -3.17
N SER B 353 6.44 39.13 -4.47
CA SER B 353 7.19 40.04 -5.32
C SER B 353 6.33 40.30 -6.51
N GLU B 354 6.81 41.22 -7.35
CA GLU B 354 6.11 41.65 -8.56
C GLU B 354 5.90 40.49 -9.53
N HIS B 355 6.77 39.48 -9.44
CA HIS B 355 6.62 38.28 -10.25
C HIS B 355 5.29 37.58 -9.93
N LEU B 356 4.91 37.56 -8.65
CA LEU B 356 3.72 36.87 -8.22
C LEU B 356 2.49 37.74 -8.35
N GLY B 357 2.62 39.01 -8.05
CA GLY B 357 1.43 39.88 -8.11
C GLY B 357 1.77 41.28 -7.68
N SER B 358 0.73 42.09 -7.66
CA SER B 358 0.88 43.52 -7.47
C SER B 358 -0.31 44.15 -6.85
N LEU B 359 -0.03 45.05 -5.90
CA LEU B 359 -1.10 45.89 -5.35
C LEU B 359 -1.13 47.30 -5.97
N THR B 360 -0.16 47.58 -6.85
CA THR B 360 -0.02 48.91 -7.47
C THR B 360 -0.41 48.90 -8.96
N ALA B 361 -0.38 47.74 -9.62
CA ALA B 361 -0.68 47.69 -11.05
C ALA B 361 -2.12 48.16 -11.34
N ARG B 362 -3.01 47.85 -10.41
CA ARG B 362 -4.42 48.25 -10.46
C ARG B 362 -4.86 48.57 -9.02
N PRO B 363 -4.58 49.80 -8.55
CA PRO B 363 -4.94 50.18 -7.19
C PRO B 363 -6.37 49.79 -6.77
N GLY B 364 -6.48 49.24 -5.55
CA GLY B 364 -7.72 48.71 -5.00
C GLY B 364 -7.97 47.23 -5.32
N PHE B 365 -7.02 46.61 -6.02
CA PHE B 365 -7.08 45.17 -6.30
C PHE B 365 -5.74 44.57 -5.98
N LEU B 366 -5.76 43.31 -5.57
CA LEU B 366 -4.58 42.48 -5.70
C LEU B 366 -4.62 41.78 -7.05
N ARG B 367 -3.64 42.07 -7.89
CA ARG B 367 -3.47 41.41 -9.16
C ARG B 367 -2.49 40.27 -8.90
N LEU B 368 -2.89 39.03 -9.18
CA LEU B 368 -1.94 37.93 -9.16
C LEU B 368 -1.66 37.54 -10.59
N TYR B 369 -0.39 37.30 -10.93
CA TYR B 369 -0.03 36.81 -12.25
C TYR B 369 -0.01 35.30 -12.23
N GLY B 370 -0.68 34.62 -13.15
CA GLY B 370 -0.73 33.15 -13.09
C GLY B 370 0.67 32.58 -13.18
N ARG B 371 1.01 31.72 -12.21
CA ARG B 371 2.31 31.02 -12.23
C ARG B 371 2.07 29.54 -12.10
N GLU B 372 2.91 28.83 -11.33
CA GLU B 372 2.86 27.37 -11.29
C GLU B 372 1.71 26.80 -10.47
N SER B 373 1.46 25.52 -10.67
CA SER B 373 0.34 24.90 -10.05
C SER B 373 0.39 24.79 -8.55
N LEU B 374 -0.75 24.37 -7.98
CA LEU B 374 -0.84 24.07 -6.56
C LEU B 374 0.07 22.94 -6.10
N GLN B 375 0.53 22.14 -7.04
CA GLN B 375 1.51 21.11 -6.67
C GLN B 375 2.95 21.59 -6.56
N SER B 376 3.25 22.79 -7.03
CA SER B 376 4.63 23.22 -7.15
C SER B 376 5.24 23.66 -5.85
N LYS B 377 6.46 23.18 -5.59
N LYS B 377 6.47 23.22 -5.62
CA LYS B 377 7.27 23.60 -4.45
CA LYS B 377 7.29 23.60 -4.48
C LYS B 377 8.25 24.70 -4.88
C LYS B 377 8.23 24.75 -4.85
N PHE B 378 7.98 25.39 -5.99
CA PHE B 378 8.81 26.47 -6.46
C PHE B 378 8.07 27.81 -6.46
N THR B 379 7.32 28.09 -7.52
CA THR B 379 6.78 29.42 -7.72
C THR B 379 5.26 29.46 -7.88
N GLN B 380 4.56 29.51 -6.74
CA GLN B 380 3.10 29.69 -6.74
C GLN B 380 2.73 31.14 -6.51
N ALA B 381 1.86 31.66 -7.39
CA ALA B 381 1.22 32.96 -7.19
C ALA B 381 -0.02 32.68 -6.34
N HIS B 382 0.17 32.61 -5.03
CA HIS B 382 -0.79 32.07 -4.07
C HIS B 382 -0.49 32.79 -2.75
N ILE B 383 -1.47 33.49 -2.20
CA ILE B 383 -1.35 34.06 -0.86
C ILE B 383 -2.40 33.43 0.00
N ALA B 384 -2.14 33.26 1.29
CA ALA B 384 -3.09 32.55 2.14
C ALA B 384 -2.96 32.97 3.57
N ARG B 385 -4.03 32.75 4.34
CA ARG B 385 -4.05 33.04 5.75
C ARG B 385 -4.59 31.83 6.51
N ARG B 386 -4.21 31.74 7.79
CA ARG B 386 -4.53 30.57 8.58
C ARG B 386 -6.03 30.45 8.88
N TRP B 387 -6.52 29.23 8.91
CA TRP B 387 -7.76 28.95 9.65
C TRP B 387 -7.46 29.19 11.13
N GLN B 388 -8.22 30.06 11.78
CA GLN B 388 -8.00 30.36 13.23
C GLN B 388 -9.23 30.14 14.10
N SER B 389 -10.25 29.56 13.49
CA SER B 389 -11.48 29.17 14.16
C SER B 389 -12.03 27.95 13.42
N PHE B 390 -12.83 27.15 14.13
CA PHE B 390 -13.48 26.02 13.49
C PHE B 390 -14.69 26.42 12.66
N ASN B 391 -15.16 27.64 12.87
CA ASN B 391 -16.33 28.16 12.14
C ASN B 391 -16.09 29.54 11.61
N PHE B 392 -16.06 29.67 10.30
CA PHE B 392 -15.85 30.94 9.66
C PHE B 392 -16.34 30.92 8.25
N ASP B 393 -16.55 32.12 7.71
CA ASP B 393 -16.78 32.34 6.30
C ASP B 393 -15.60 33.10 5.73
N ALA B 394 -15.12 32.73 4.57
CA ALA B 394 -14.09 33.49 3.90
C ALA B 394 -14.46 33.60 2.43
N GLY B 395 -13.94 34.62 1.76
CA GLY B 395 -14.27 34.78 0.38
C GLY B 395 -13.43 35.79 -0.35
N THR B 396 -13.72 35.91 -1.63
CA THR B 396 -13.03 36.83 -2.48
C THR B 396 -13.88 37.09 -3.73
N SER B 397 -13.41 37.98 -4.59
CA SER B 397 -13.92 38.02 -5.96
C SER B 397 -12.74 38.17 -6.88
N VAL B 398 -12.93 37.66 -8.09
CA VAL B 398 -11.91 37.66 -9.09
C VAL B 398 -12.44 38.02 -10.48
N GLU B 399 -11.61 38.77 -11.20
CA GLU B 399 -11.74 38.99 -12.65
C GLU B 399 -10.65 38.20 -13.34
N PHE B 400 -11.06 37.30 -14.20
CA PHE B 400 -10.12 36.42 -14.87
C PHE B 400 -10.71 36.00 -16.21
N SER B 401 -9.87 36.02 -17.24
CA SER B 401 -10.29 35.70 -18.61
C SER B 401 -9.42 34.57 -19.21
N PRO B 402 -9.55 33.35 -18.68
CA PRO B 402 -8.74 32.25 -19.19
C PRO B 402 -9.22 31.86 -20.57
N ASN B 403 -8.26 31.45 -21.39
CA ASN B 403 -8.46 30.97 -22.73
C ASN B 403 -8.11 29.49 -22.87
N SER B 404 -7.71 28.85 -21.77
CA SER B 404 -7.37 27.45 -21.78
C SER B 404 -7.62 26.87 -20.40
N PHE B 405 -7.80 25.54 -20.35
CA PHE B 405 -7.81 24.80 -19.09
C PHE B 405 -6.45 24.94 -18.36
N GLN B 406 -5.43 25.41 -19.07
CA GLN B 406 -4.12 25.62 -18.46
C GLN B 406 -4.12 26.82 -17.49
N GLN B 407 -5.17 27.65 -17.49
CA GLN B 407 -5.22 28.78 -16.58
C GLN B 407 -6.40 28.66 -15.65
N MET B 408 -6.18 29.00 -14.37
CA MET B 408 -7.25 29.02 -13.38
C MET B 408 -6.89 29.96 -12.30
N ALA B 409 -7.90 30.59 -11.71
CA ALA B 409 -7.71 31.50 -10.56
C ALA B 409 -8.92 31.48 -9.64
N GLY B 410 -8.68 31.51 -8.33
CA GLY B 410 -9.79 31.46 -7.40
C GLY B 410 -9.40 31.38 -5.95
N LEU B 411 -10.27 30.74 -5.17
CA LEU B 411 -10.19 30.59 -3.73
C LEU B 411 -9.64 29.19 -3.45
N THR B 412 -8.85 29.08 -2.37
CA THR B 412 -8.26 27.82 -1.97
C THR B 412 -8.47 27.57 -0.49
N CYS B 413 -8.58 26.28 -0.15
CA CYS B 413 -8.34 25.81 1.18
C CYS B 413 -7.17 24.82 1.02
N TYR B 414 -6.10 25.06 1.75
CA TYR B 414 -4.79 24.51 1.46
C TYR B 414 -4.08 24.03 2.69
N TYR B 415 -3.57 22.79 2.62
CA TYR B 415 -2.66 22.28 3.65
C TYR B 415 -1.24 22.11 3.11
N ASN B 416 -1.10 21.32 2.06
CA ASN B 416 0.21 21.15 1.46
C ASN B 416 0.04 20.86 -0.03
N THR B 417 1.10 20.59 -0.75
CA THR B 417 1.06 20.51 -2.21
C THR B 417 0.20 19.36 -2.74
N GLU B 418 -0.21 18.46 -1.87
CA GLU B 418 -1.05 17.35 -2.30
C GLU B 418 -2.32 17.19 -1.44
N ASN B 419 -2.64 18.25 -0.70
CA ASN B 419 -3.79 18.26 0.16
C ASN B 419 -4.37 19.64 0.13
N TRP B 420 -5.44 19.82 -0.63
CA TRP B 420 -6.06 21.15 -0.85
C TRP B 420 -7.35 20.97 -1.65
N SER B 421 -8.10 22.04 -1.74
CA SER B 421 -9.22 22.15 -2.65
C SER B 421 -9.17 23.55 -3.23
N SER B 422 -9.74 23.66 -4.44
CA SER B 422 -9.67 24.93 -5.17
C SER B 422 -10.99 25.10 -5.97
N ILE B 423 -11.68 26.21 -5.76
CA ILE B 423 -12.79 26.66 -6.62
C ILE B 423 -12.29 27.80 -7.46
N HIS B 424 -12.51 27.75 -8.77
CA HIS B 424 -11.76 28.65 -9.64
C HIS B 424 -12.51 28.92 -10.94
N VAL B 425 -12.11 30.03 -11.54
CA VAL B 425 -12.47 30.37 -12.92
C VAL B 425 -11.42 29.78 -13.86
N THR B 426 -11.90 29.00 -14.80
CA THR B 426 -11.08 28.37 -15.81
C THR B 426 -11.85 28.33 -17.16
N TRP B 427 -11.44 27.43 -18.04
CA TRP B 427 -11.97 27.40 -19.41
C TRP B 427 -12.06 25.97 -19.87
N ASN B 428 -13.10 25.64 -20.67
CA ASN B 428 -13.09 24.38 -21.32
C ASN B 428 -13.69 24.49 -22.70
N GLU B 429 -13.51 23.43 -23.44
CA GLU B 429 -13.95 23.37 -24.83
C GLU B 429 -15.47 23.41 -24.97
N GLU B 430 -16.18 22.68 -24.10
CA GLU B 430 -17.65 22.47 -24.24
C GLU B 430 -18.41 23.74 -23.84
N LYS B 431 -17.90 24.45 -22.84
N LYS B 431 -17.83 24.55 -22.97
CA LYS B 431 -18.64 25.53 -22.16
CA LYS B 431 -18.61 25.54 -22.26
C LYS B 431 -17.99 26.95 -22.26
C LYS B 431 -17.95 26.91 -22.11
N GLY B 432 -16.70 27.03 -22.55
CA GLY B 432 -15.96 28.30 -22.45
C GLY B 432 -15.54 28.62 -21.02
N ARG B 433 -15.58 29.88 -20.61
CA ARG B 433 -15.26 30.21 -19.21
C ARG B 433 -16.23 29.55 -18.27
N ILE B 434 -15.69 28.91 -17.23
CA ILE B 434 -16.44 28.13 -16.29
C ILE B 434 -15.92 28.27 -14.88
N ILE B 435 -16.76 27.92 -13.93
CA ILE B 435 -16.34 27.64 -12.57
C ILE B 435 -16.15 26.16 -12.44
N ASP B 436 -15.00 25.77 -11.87
CA ASP B 436 -14.74 24.34 -11.66
C ASP B 436 -14.10 24.16 -10.28
N LEU B 437 -13.98 22.90 -9.86
CA LEU B 437 -13.51 22.54 -8.51
C LEU B 437 -12.51 21.40 -8.68
N VAL B 438 -11.37 21.50 -8.03
CA VAL B 438 -10.36 20.40 -8.01
C VAL B 438 -9.98 20.17 -6.57
N THR B 439 -9.79 18.92 -6.20
CA THR B 439 -9.32 18.62 -4.87
C THR B 439 -8.10 17.69 -4.95
N ALA B 440 -7.26 17.79 -3.93
CA ALA B 440 -6.10 16.94 -3.76
C ALA B 440 -6.20 16.33 -2.38
N ASP B 441 -6.05 14.99 -2.31
CA ASP B 441 -6.26 14.20 -1.11
C ASP B 441 -5.11 13.22 -1.01
N ASN B 442 -4.06 13.56 -0.26
CA ASN B 442 -2.86 12.75 -0.16
C ASN B 442 -2.42 12.27 -1.53
N GLY B 443 -2.41 13.19 -2.48
CA GLY B 443 -1.92 12.89 -3.82
C GLY B 443 -2.88 12.23 -4.79
N THR B 444 -4.13 12.05 -4.38
CA THR B 444 -5.22 11.62 -5.28
C THR B 444 -5.96 12.89 -5.68
N PHE B 445 -5.98 13.21 -6.97
CA PHE B 445 -6.59 14.45 -7.48
C PHE B 445 -7.95 14.14 -8.03
N SER B 446 -8.95 14.95 -7.68
CA SER B 446 -10.33 14.69 -8.07
C SER B 446 -10.96 15.91 -8.62
N MET B 447 -11.96 15.68 -9.48
CA MET B 447 -12.72 16.78 -10.09
C MET B 447 -14.19 16.47 -9.99
N PRO B 448 -14.76 16.73 -8.81
CA PRO B 448 -16.16 16.40 -8.55
C PRO B 448 -17.22 17.17 -9.35
N LEU B 449 -16.87 18.27 -9.98
CA LEU B 449 -17.84 18.97 -10.84
C LEU B 449 -17.73 18.53 -12.29
N ALA B 450 -16.96 17.47 -12.60
CA ALA B 450 -16.71 17.09 -13.97
C ALA B 450 -18.07 16.92 -14.67
N GLY B 451 -18.21 17.59 -15.82
CA GLY B 451 -19.47 17.58 -16.60
C GLY B 451 -20.51 18.56 -16.13
N ALA B 452 -20.39 19.05 -14.89
CA ALA B 452 -21.36 19.96 -14.28
C ALA B 452 -20.76 21.32 -14.00
N GLU B 453 -19.76 21.70 -14.78
CA GLU B 453 -19.06 22.94 -14.58
C GLU B 453 -20.03 24.08 -14.83
N ILE B 454 -19.87 25.18 -14.10
N ILE B 454 -19.84 25.20 -14.19
CA ILE B 454 -20.81 26.34 -14.21
CA ILE B 454 -20.85 26.24 -14.23
C ILE B 454 -20.34 27.27 -15.30
C ILE B 454 -20.42 27.32 -15.20
N PRO B 455 -21.14 27.45 -16.35
CA PRO B 455 -20.72 28.45 -17.32
C PRO B 455 -20.77 29.86 -16.72
N ILE B 456 -19.80 30.67 -17.08
CA ILE B 456 -19.76 32.04 -16.68
C ILE B 456 -20.10 32.88 -17.92
N PRO B 457 -21.20 33.64 -17.90
CA PRO B 457 -21.52 34.42 -19.05
C PRO B 457 -20.47 35.47 -19.37
N ASP B 458 -20.31 35.83 -20.64
CA ASP B 458 -19.40 36.90 -21.04
C ASP B 458 -19.68 38.21 -20.34
N GLU B 459 -20.97 38.43 -20.01
CA GLU B 459 -21.40 39.63 -19.30
C GLU B 459 -20.93 39.74 -17.85
N VAL B 460 -20.54 38.62 -17.25
CA VAL B 460 -20.11 38.60 -15.85
C VAL B 460 -18.61 38.86 -15.83
N LYS B 461 -18.20 40.03 -15.33
CA LYS B 461 -16.79 40.39 -15.22
C LYS B 461 -16.18 39.92 -13.90
N THR B 462 -16.98 39.85 -12.86
CA THR B 462 -16.54 39.56 -11.48
C THR B 462 -17.25 38.34 -10.95
N VAL B 463 -16.45 37.34 -10.54
CA VAL B 463 -17.00 36.13 -9.93
C VAL B 463 -16.62 36.16 -8.47
N HIS B 464 -17.59 36.00 -7.59
CA HIS B 464 -17.34 35.93 -6.16
C HIS B 464 -17.34 34.47 -5.75
N PHE B 465 -16.40 34.13 -4.87
CA PHE B 465 -16.32 32.82 -4.27
C PHE B 465 -16.36 32.97 -2.75
N LYS B 466 -17.01 32.01 -2.09
CA LYS B 466 -17.09 31.98 -0.64
C LYS B 466 -16.83 30.57 -0.21
N VAL B 467 -16.23 30.41 0.96
CA VAL B 467 -16.16 29.10 1.61
C VAL B 467 -16.76 29.28 3.00
N SER B 468 -17.59 28.33 3.41
CA SER B 468 -18.21 28.33 4.72
C SER B 468 -17.73 27.07 5.47
N VAL B 469 -16.91 27.32 6.49
CA VAL B 469 -16.29 26.26 7.27
C VAL B 469 -17.12 26.11 8.53
N ARG B 470 -17.63 24.91 8.74
CA ARG B 470 -18.41 24.58 9.89
C ARG B 470 -17.94 23.27 10.51
N GLY B 471 -16.91 23.37 11.34
CA GLY B 471 -16.36 22.19 11.97
C GLY B 471 -15.83 21.20 10.94
N ARG B 472 -16.40 20.01 10.98
CA ARG B 472 -15.96 18.91 10.14
C ARG B 472 -16.18 19.08 8.66
N ILE B 473 -17.13 19.94 8.28
CA ILE B 473 -17.45 20.11 6.87
C ILE B 473 -17.19 21.57 6.45
N TYR B 474 -16.82 21.73 5.18
CA TYR B 474 -16.89 23.06 4.56
C TYR B 474 -17.52 22.95 3.18
N GLN B 475 -18.11 24.06 2.72
CA GLN B 475 -18.73 24.12 1.42
C GLN B 475 -18.32 25.40 0.70
N TYR B 476 -18.19 25.32 -0.62
CA TYR B 476 -17.92 26.46 -1.46
C TYR B 476 -19.25 26.97 -2.11
N ALA B 477 -19.26 28.26 -2.37
CA ALA B 477 -20.37 28.91 -3.08
C ALA B 477 -19.80 29.97 -4.00
N TYR B 478 -20.60 30.36 -4.97
CA TYR B 478 -20.17 31.36 -5.93
C TYR B 478 -21.34 32.33 -6.17
N SER B 479 -20.99 33.51 -6.65
CA SER B 479 -22.02 34.52 -7.03
C SER B 479 -21.56 35.32 -8.23
N PHE B 480 -22.51 35.61 -9.12
CA PHE B 480 -22.24 36.51 -10.23
C PHE B 480 -22.67 37.95 -9.97
N ASP B 481 -23.15 38.25 -8.78
CA ASP B 481 -23.53 39.66 -8.48
C ASP B 481 -23.07 40.19 -7.11
N GLY B 482 -22.54 39.34 -6.24
CA GLY B 482 -22.07 39.78 -4.93
C GLY B 482 -23.11 39.69 -3.82
N GLU B 483 -24.31 39.20 -4.17
CA GLU B 483 -25.45 39.22 -3.24
C GLU B 483 -26.06 37.83 -3.06
N THR B 484 -26.45 37.22 -4.15
CA THR B 484 -27.03 35.88 -4.12
C THR B 484 -25.94 34.86 -4.44
N PHE B 485 -25.74 33.96 -3.52
CA PHE B 485 -24.69 32.95 -3.69
C PHE B 485 -25.33 31.60 -3.84
N HIS B 486 -24.71 30.73 -4.65
CA HIS B 486 -25.16 29.40 -4.92
C HIS B 486 -24.10 28.45 -4.41
N THR B 487 -24.56 27.53 -3.59
CA THR B 487 -23.64 26.57 -2.95
C THR B 487 -23.49 25.34 -3.82
N LEU B 488 -22.23 24.93 -4.01
CA LEU B 488 -21.95 23.72 -4.76
C LEU B 488 -22.38 22.58 -3.86
N PRO B 489 -23.08 21.58 -4.44
CA PRO B 489 -23.61 20.46 -3.67
C PRO B 489 -22.54 19.41 -3.44
N ILE B 490 -21.57 19.80 -2.65
CA ILE B 490 -20.54 18.88 -2.13
C ILE B 490 -20.14 19.34 -0.74
N GLU B 491 -20.02 18.38 0.18
CA GLU B 491 -19.59 18.64 1.55
C GLU B 491 -18.13 18.18 1.65
N LEU B 492 -17.22 19.14 1.72
N LEU B 492 -17.22 19.14 1.71
CA LEU B 492 -15.79 18.83 1.75
CA LEU B 492 -15.78 18.87 1.76
C LEU B 492 -15.29 18.66 3.18
C LEU B 492 -15.38 18.57 3.20
N PRO B 493 -14.39 17.68 3.40
CA PRO B 493 -13.91 17.34 4.72
C PRO B 493 -12.85 18.26 5.27
N SER B 494 -13.21 19.06 6.27
CA SER B 494 -12.28 19.92 6.94
C SER B 494 -11.22 19.09 7.60
N TRP B 495 -11.59 17.91 8.06
CA TRP B 495 -10.68 17.07 8.80
C TRP B 495 -9.58 16.47 7.95
N LYS B 496 -9.69 16.49 6.62
CA LYS B 496 -8.60 16.13 5.75
C LYS B 496 -7.51 17.19 5.59
N LEU B 497 -7.79 18.43 5.90
CA LEU B 497 -6.80 19.50 5.89
C LEU B 497 -6.20 19.63 7.29
N SER B 498 -5.52 18.57 7.73
CA SER B 498 -5.09 18.54 9.12
C SER B 498 -3.79 17.76 9.25
N ASP B 499 -3.07 18.06 10.33
CA ASP B 499 -1.83 17.42 10.66
C ASP B 499 -2.06 15.94 10.73
N ASP B 500 -3.21 15.52 11.24
CA ASP B 500 -3.43 14.09 11.55
C ASP B 500 -3.79 13.27 10.33
N TYR B 501 -4.23 13.93 9.25
CA TYR B 501 -4.64 13.21 8.06
C TYR B 501 -3.54 13.08 7.00
N VAL B 502 -2.73 14.10 6.82
CA VAL B 502 -1.81 14.15 5.67
C VAL B 502 -0.70 13.10 5.82
N ARG B 503 -0.31 12.53 4.67
CA ARG B 503 0.72 11.53 4.68
C ARG B 503 2.09 12.18 4.57
N GLY B 504 3.12 11.39 4.84
CA GLY B 504 4.50 11.80 4.69
C GLY B 504 5.13 12.17 6.03
N GLY B 505 6.42 12.43 6.03
N GLY B 505 6.41 12.47 5.96
CA GLY B 505 7.11 12.66 7.28
CA GLY B 505 7.20 12.69 7.15
C GLY B 505 6.89 14.01 7.89
C GLY B 505 6.86 13.97 7.86
N GLY B 506 6.34 14.94 7.11
CA GLY B 506 6.15 16.27 7.58
C GLY B 506 4.69 16.63 7.68
N PHE B 507 4.22 16.91 8.88
CA PHE B 507 2.78 17.09 9.15
C PHE B 507 2.60 18.23 10.18
N PHE B 508 3.23 19.36 9.90
CA PHE B 508 3.59 20.28 10.93
C PHE B 508 2.99 21.68 10.79
N THR B 509 2.03 21.87 9.88
CA THR B 509 1.50 23.23 9.64
C THR B 509 0.06 23.35 10.11
N GLY B 510 -0.88 23.38 9.17
CA GLY B 510 -2.29 23.63 9.53
C GLY B 510 -3.00 24.11 8.27
N ALA B 511 -4.33 24.16 8.31
CA ALA B 511 -5.14 24.61 7.18
C ALA B 511 -5.05 26.12 6.98
N PHE B 512 -5.00 26.50 5.71
CA PHE B 512 -5.04 27.90 5.28
C PHE B 512 -6.19 28.08 4.30
N VAL B 513 -6.62 29.31 4.14
CA VAL B 513 -7.57 29.72 3.13
C VAL B 513 -6.91 30.84 2.35
N GLY B 514 -6.95 30.77 1.04
CA GLY B 514 -6.19 31.69 0.22
C GLY B 514 -6.79 31.94 -1.13
N ILE B 515 -6.03 32.64 -1.94
CA ILE B 515 -6.40 32.94 -3.33
C ILE B 515 -5.15 32.76 -4.21
N ASN B 516 -5.37 32.31 -5.43
CA ASN B 516 -4.27 31.99 -6.34
C ASN B 516 -4.62 32.21 -7.79
N ALA B 517 -3.57 32.15 -8.59
CA ALA B 517 -3.65 32.20 -10.03
C ALA B 517 -2.59 31.28 -10.59
N ILE B 518 -3.00 30.43 -11.52
CA ILE B 518 -2.17 29.43 -12.20
C ILE B 518 -2.28 29.73 -13.69
N ASP B 519 -1.16 29.73 -14.37
CA ASP B 519 -1.11 29.80 -15.84
C ASP B 519 0.07 28.94 -16.29
N ILE B 520 -0.26 27.69 -16.68
CA ILE B 520 0.73 26.72 -17.10
C ILE B 520 1.35 27.13 -18.45
N THR B 521 0.56 27.82 -19.28
CA THR B 521 1.00 28.20 -20.61
C THR B 521 2.28 29.00 -20.56
N GLY B 522 2.35 29.89 -19.59
CA GLY B 522 3.48 30.77 -19.38
C GLY B 522 3.20 32.23 -19.63
N THR B 523 1.93 32.57 -19.90
CA THR B 523 1.49 33.90 -20.29
C THR B 523 1.21 34.80 -19.08
N ALA B 524 1.37 34.32 -17.85
CA ALA B 524 1.20 35.19 -16.67
C ALA B 524 -0.13 35.92 -16.66
N LEU B 525 -1.20 35.21 -16.99
N LEU B 525 -1.19 35.22 -17.02
CA LEU B 525 -2.53 35.81 -17.17
CA LEU B 525 -2.52 35.87 -17.14
C LEU B 525 -2.98 36.40 -15.83
C LEU B 525 -2.88 36.45 -15.81
N PRO B 526 -3.36 37.70 -15.80
CA PRO B 526 -3.67 38.38 -14.55
C PRO B 526 -5.04 38.04 -14.02
N ALA B 527 -5.10 37.87 -12.69
CA ALA B 527 -6.33 37.66 -11.95
C ALA B 527 -6.46 38.80 -10.98
N ASP B 528 -7.53 39.58 -11.11
CA ASP B 528 -7.72 40.77 -10.25
C ASP B 528 -8.71 40.50 -9.14
N PHE B 529 -8.21 40.54 -7.90
CA PHE B 529 -9.00 40.23 -6.72
C PHE B 529 -9.33 41.53 -5.99
N ASP B 530 -10.64 41.80 -5.85
CA ASP B 530 -11.11 43.04 -5.25
C ASP B 530 -11.01 43.03 -3.74
N TYR B 531 -11.19 41.88 -3.14
CA TYR B 531 -11.26 41.82 -1.68
C TYR B 531 -10.92 40.43 -1.21
N PHE B 532 -10.63 40.32 0.07
CA PHE B 532 -10.49 39.02 0.73
C PHE B 532 -11.17 39.15 2.07
N THR B 533 -12.14 38.30 2.30
N THR B 533 -12.24 38.38 2.26
CA THR B 533 -12.91 38.39 3.51
CA THR B 533 -12.99 38.39 3.52
C THR B 533 -12.67 37.15 4.39
C THR B 533 -12.60 37.19 4.38
N TYR B 534 -12.57 37.37 5.70
CA TYR B 534 -12.42 36.27 6.66
C TYR B 534 -13.15 36.68 7.90
N LYS B 535 -14.25 35.99 8.20
CA LYS B 535 -15.14 36.35 9.29
C LYS B 535 -15.36 35.14 10.16
N GLU B 536 -14.79 35.13 11.36
CA GLU B 536 -15.01 34.03 12.31
C GLU B 536 -16.39 34.14 12.97
N LEU B 537 -17.00 32.99 13.19
CA LEU B 537 -18.35 32.89 13.73
C LEU B 537 -18.28 32.22 15.09
N MET C 1 -26.37 -19.14 -40.92
CA MET C 1 -25.68 -18.21 -39.97
C MET C 1 -24.26 -18.72 -39.75
N ASN C 2 -23.28 -17.82 -39.83
CA ASN C 2 -21.92 -18.16 -39.41
C ASN C 2 -21.79 -18.11 -37.89
N ILE C 3 -20.70 -18.66 -37.39
CA ILE C 3 -20.35 -18.49 -35.96
C ILE C 3 -20.14 -17.04 -35.67
N GLN C 4 -20.82 -16.55 -34.63
CA GLN C 4 -20.65 -15.17 -34.17
C GLN C 4 -20.16 -15.18 -32.75
N ASN C 5 -18.89 -14.88 -32.62
CA ASN C 5 -18.22 -14.91 -31.32
C ASN C 5 -18.48 -13.72 -30.43
N PRO C 6 -18.43 -13.92 -29.10
CA PRO C 6 -18.29 -15.22 -28.44
C PRO C 6 -19.58 -16.01 -28.56
N VAL C 7 -19.47 -17.31 -28.67
CA VAL C 7 -20.62 -18.17 -28.73
C VAL C 7 -21.24 -18.44 -27.35
N LEU C 8 -20.43 -18.42 -26.29
CA LEU C 8 -20.94 -18.49 -24.91
C LEU C 8 -20.56 -17.16 -24.27
N LYS C 9 -21.57 -16.34 -24.05
CA LYS C 9 -21.39 -14.99 -23.56
C LYS C 9 -21.36 -14.93 -22.05
N GLY C 10 -20.77 -13.86 -21.57
CA GLY C 10 -20.50 -13.73 -20.14
C GLY C 10 -19.62 -14.87 -19.64
N PHE C 11 -19.54 -14.95 -18.31
CA PHE C 11 -18.55 -15.74 -17.62
C PHE C 11 -18.68 -17.20 -18.04
N ASN C 12 -17.73 -17.61 -18.88
CA ASN C 12 -17.73 -18.92 -19.47
C ASN C 12 -16.31 -19.27 -19.95
N PRO C 13 -15.34 -19.44 -19.02
CA PRO C 13 -13.95 -19.55 -19.40
C PRO C 13 -13.52 -20.97 -19.65
N ASP C 14 -12.30 -21.12 -20.11
CA ASP C 14 -11.58 -22.41 -20.17
C ASP C 14 -12.41 -23.47 -20.91
N PRO C 15 -12.86 -23.18 -22.14
CA PRO C 15 -13.73 -24.14 -22.81
C PRO C 15 -13.05 -25.43 -23.18
N SER C 16 -13.69 -26.52 -22.80
CA SER C 16 -13.31 -27.88 -23.24
C SER C 16 -14.43 -28.41 -24.13
N ILE C 17 -14.15 -28.41 -25.44
CA ILE C 17 -15.09 -28.85 -26.44
C ILE C 17 -14.89 -30.32 -26.78
N VAL C 18 -15.97 -31.02 -26.99
CA VAL C 18 -15.94 -32.44 -27.38
C VAL C 18 -17.05 -32.72 -28.37
N ARG C 19 -16.78 -33.63 -29.32
CA ARG C 19 -17.82 -34.16 -30.17
C ARG C 19 -18.12 -35.61 -29.74
N ALA C 20 -19.40 -35.89 -29.55
CA ALA C 20 -19.90 -37.26 -29.33
C ALA C 20 -20.92 -37.55 -30.40
N GLY C 21 -20.52 -38.27 -31.45
CA GLY C 21 -21.46 -38.46 -32.56
C GLY C 21 -21.79 -37.12 -33.26
N ASP C 22 -23.06 -36.76 -33.32
CA ASP C 22 -23.50 -35.51 -33.92
C ASP C 22 -23.66 -34.39 -32.90
N ASP C 23 -23.41 -34.71 -31.65
CA ASP C 23 -23.57 -33.71 -30.59
C ASP C 23 -22.23 -33.13 -30.19
N TYR C 24 -22.23 -31.82 -29.96
CA TYR C 24 -21.09 -31.10 -29.44
C TYR C 24 -21.42 -30.54 -28.08
N TYR C 25 -20.45 -30.60 -27.19
CA TYR C 25 -20.58 -30.01 -25.87
C TYR C 25 -19.34 -29.18 -25.58
N ILE C 26 -19.57 -28.14 -24.77
CA ILE C 26 -18.49 -27.35 -24.22
C ILE C 26 -18.67 -27.29 -22.72
N ALA C 27 -17.66 -27.69 -21.97
CA ALA C 27 -17.59 -27.49 -20.51
C ALA C 27 -16.79 -26.22 -20.24
N THR C 28 -17.30 -25.37 -19.34
CA THR C 28 -16.57 -24.18 -18.92
C THR C 28 -16.43 -24.16 -17.40
N SER C 29 -15.44 -23.42 -16.91
CA SER C 29 -15.12 -23.33 -15.51
C SER C 29 -16.13 -22.45 -14.79
N THR C 30 -16.37 -22.78 -13.51
CA THR C 30 -17.36 -22.10 -12.71
C THR C 30 -16.83 -21.55 -11.36
N PHE C 31 -15.62 -21.92 -10.96
CA PHE C 31 -14.99 -21.31 -9.75
C PHE C 31 -15.85 -21.55 -8.51
N GLU C 32 -16.22 -20.50 -7.80
CA GLU C 32 -17.01 -20.66 -6.61
C GLU C 32 -18.50 -20.81 -6.87
N TRP C 33 -18.96 -20.69 -8.10
CA TRP C 33 -20.38 -20.72 -8.38
C TRP C 33 -20.92 -22.14 -8.50
N PHE C 34 -22.10 -22.37 -7.96
CA PHE C 34 -22.67 -23.72 -7.78
C PHE C 34 -24.04 -23.86 -8.43
N PRO C 35 -24.34 -24.97 -9.11
CA PRO C 35 -23.53 -26.18 -9.32
C PRO C 35 -22.38 -25.97 -10.31
N GLY C 36 -21.39 -26.83 -10.21
CA GLY C 36 -20.15 -26.68 -10.92
C GLY C 36 -20.14 -27.31 -12.31
N VAL C 37 -19.29 -26.70 -13.15
CA VAL C 37 -18.98 -26.98 -14.55
C VAL C 37 -20.24 -26.74 -15.41
N GLN C 38 -20.28 -25.63 -16.15
CA GLN C 38 -21.35 -25.42 -17.06
C GLN C 38 -21.11 -26.27 -18.28
N ILE C 39 -22.17 -26.90 -18.79
CA ILE C 39 -22.10 -27.59 -20.06
C ILE C 39 -23.14 -27.05 -21.00
N HIS C 40 -22.67 -26.60 -22.17
CA HIS C 40 -23.52 -26.15 -23.27
C HIS C 40 -23.45 -27.17 -24.40
N HIS C 41 -24.51 -27.22 -25.20
CA HIS C 41 -24.70 -28.19 -26.26
C HIS C 41 -24.97 -27.48 -27.57
N SER C 42 -24.55 -28.13 -28.68
CA SER C 42 -24.85 -27.66 -30.01
C SER C 42 -24.81 -28.84 -30.97
N LYS C 43 -25.45 -28.69 -32.10
CA LYS C 43 -25.29 -29.64 -33.21
C LYS C 43 -24.67 -28.99 -34.44
N ASP C 44 -24.32 -27.71 -34.36
CA ASP C 44 -23.80 -27.00 -35.52
C ASP C 44 -22.65 -26.03 -35.24
N LEU C 45 -22.22 -25.91 -33.98
CA LEU C 45 -21.21 -24.95 -33.55
C LEU C 45 -21.63 -23.48 -33.55
N VAL C 46 -22.84 -23.19 -34.04
CA VAL C 46 -23.35 -21.84 -34.21
C VAL C 46 -24.36 -21.48 -33.12
N HIS C 47 -25.30 -22.38 -32.88
CA HIS C 47 -26.35 -22.21 -31.87
C HIS C 47 -26.05 -23.09 -30.67
N TRP C 48 -26.06 -22.49 -29.49
CA TRP C 48 -25.71 -23.17 -28.24
C TRP C 48 -26.83 -22.97 -27.21
N HIS C 49 -26.95 -23.94 -26.30
CA HIS C 49 -27.86 -23.84 -25.18
C HIS C 49 -27.26 -24.50 -23.95
N LEU C 50 -27.50 -23.92 -22.78
CA LEU C 50 -27.00 -24.40 -21.51
C LEU C 50 -27.84 -25.58 -21.06
N VAL C 51 -27.22 -26.75 -20.85
CA VAL C 51 -27.94 -27.99 -20.61
C VAL C 51 -27.65 -28.72 -19.30
N ALA C 52 -26.49 -28.47 -18.67
CA ALA C 52 -26.14 -29.26 -17.50
C ALA C 52 -25.07 -28.65 -16.67
N HIS C 53 -25.08 -29.06 -15.39
CA HIS C 53 -23.97 -28.81 -14.44
C HIS C 53 -23.72 -30.09 -13.65
N PRO C 54 -22.70 -30.87 -14.05
CA PRO C 54 -22.54 -32.16 -13.40
C PRO C 54 -22.22 -32.13 -11.89
N LEU C 55 -21.61 -31.07 -11.39
CA LEU C 55 -21.12 -31.07 -10.02
C LEU C 55 -22.20 -30.48 -9.15
N SER C 56 -23.19 -31.32 -8.80
CA SER C 56 -24.47 -30.86 -8.37
C SER C 56 -24.76 -31.07 -6.90
N THR C 57 -23.85 -31.73 -6.19
CA THR C 57 -24.00 -32.00 -4.76
C THR C 57 -22.67 -31.77 -4.08
N THR C 58 -22.69 -31.75 -2.76
CA THR C 58 -21.48 -31.60 -1.98
C THR C 58 -20.56 -32.82 -2.03
N GLU C 59 -21.05 -33.96 -2.52
N GLU C 59 -21.07 -33.95 -2.49
CA GLU C 59 -20.16 -35.12 -2.73
CA GLU C 59 -20.21 -35.10 -2.71
C GLU C 59 -19.29 -34.96 -3.98
C GLU C 59 -19.26 -34.86 -3.89
N PHE C 60 -19.73 -34.15 -4.93
CA PHE C 60 -18.88 -33.75 -6.01
C PHE C 60 -17.99 -32.58 -5.64
N LEU C 61 -18.49 -31.67 -4.83
CA LEU C 61 -17.89 -30.33 -4.77
C LEU C 61 -18.30 -29.65 -3.50
N ASP C 62 -17.35 -29.53 -2.57
CA ASP C 62 -17.57 -28.95 -1.26
C ASP C 62 -16.75 -27.66 -1.17
N MET C 63 -17.37 -26.54 -1.45
CA MET C 63 -16.65 -25.27 -1.57
C MET C 63 -16.86 -24.27 -0.46
N LYS C 64 -17.51 -24.66 0.61
CA LYS C 64 -17.68 -23.69 1.73
C LYS C 64 -16.29 -23.27 2.23
N GLY C 65 -16.11 -21.98 2.32
CA GLY C 65 -14.84 -21.35 2.63
C GLY C 65 -13.88 -21.13 1.52
N ASN C 66 -14.14 -21.66 0.33
CA ASN C 66 -13.18 -21.55 -0.77
C ASN C 66 -12.91 -20.07 -1.04
N PRO C 67 -11.69 -19.74 -1.44
CA PRO C 67 -11.40 -18.35 -1.81
C PRO C 67 -12.20 -17.94 -3.03
N ASP C 68 -12.45 -16.63 -3.14
CA ASP C 68 -12.94 -16.11 -4.42
C ASP C 68 -12.02 -16.49 -5.57
N SER C 69 -12.62 -17.02 -6.63
CA SER C 69 -11.93 -17.53 -7.81
C SER C 69 -11.06 -18.77 -7.52
N GLY C 70 -11.30 -19.42 -6.39
CA GLY C 70 -10.94 -20.81 -6.15
C GLY C 70 -12.01 -21.73 -6.71
N GLY C 71 -12.09 -22.95 -6.18
CA GLY C 71 -13.09 -23.89 -6.68
C GLY C 71 -12.75 -24.36 -8.06
N ILE C 72 -13.75 -24.45 -8.92
CA ILE C 72 -13.60 -25.18 -10.19
C ILE C 72 -12.85 -24.35 -11.21
N TRP C 73 -11.64 -24.80 -11.50
CA TRP C 73 -10.79 -24.20 -12.51
C TRP C 73 -11.07 -24.92 -13.85
N ALA C 74 -10.19 -24.87 -14.82
CA ALA C 74 -10.49 -25.39 -16.16
C ALA C 74 -10.95 -26.83 -16.07
N PRO C 75 -12.09 -27.16 -16.69
CA PRO C 75 -12.50 -28.56 -16.74
C PRO C 75 -12.09 -29.25 -18.03
N ASP C 76 -12.17 -30.59 -18.02
CA ASP C 76 -11.79 -31.36 -19.22
C ASP C 76 -12.87 -32.38 -19.49
N LEU C 77 -13.58 -32.22 -20.61
CA LEU C 77 -14.68 -33.15 -20.95
C LEU C 77 -14.32 -33.92 -22.22
N SER C 78 -14.35 -35.25 -22.11
CA SER C 78 -14.08 -36.11 -23.22
C SER C 78 -15.14 -37.17 -23.34
N TYR C 79 -15.05 -37.94 -24.43
CA TYR C 79 -16.02 -38.96 -24.73
C TYR C 79 -15.27 -40.16 -25.33
N ALA C 80 -15.40 -41.33 -24.68
CA ALA C 80 -14.74 -42.54 -25.10
C ALA C 80 -15.41 -43.71 -24.42
N ASP C 81 -15.42 -44.86 -25.09
CA ASP C 81 -15.90 -46.11 -24.47
C ASP C 81 -17.32 -45.95 -23.94
N GLY C 82 -18.17 -45.28 -24.71
CA GLY C 82 -19.58 -45.16 -24.39
C GLY C 82 -19.93 -44.24 -23.24
N LYS C 83 -18.98 -43.42 -22.80
CA LYS C 83 -19.32 -42.45 -21.79
C LYS C 83 -18.53 -41.16 -21.89
N PHE C 84 -19.06 -40.16 -21.20
CA PHE C 84 -18.36 -38.90 -20.95
C PHE C 84 -17.45 -39.05 -19.77
N TRP C 85 -16.29 -38.40 -19.84
CA TRP C 85 -15.33 -38.38 -18.79
C TRP C 85 -15.10 -36.90 -18.50
N LEU C 86 -15.24 -36.51 -17.24
CA LEU C 86 -15.04 -35.14 -16.80
C LEU C 86 -13.95 -35.12 -15.74
N ILE C 87 -12.91 -34.39 -16.06
CA ILE C 87 -11.85 -34.06 -15.11
C ILE C 87 -12.13 -32.66 -14.59
N TYR C 88 -12.15 -32.52 -13.27
CA TYR C 88 -12.39 -31.20 -12.66
C TYR C 88 -11.43 -31.02 -11.51
N THR C 89 -11.27 -29.76 -11.13
CA THR C 89 -10.26 -29.36 -10.15
C THR C 89 -10.89 -28.41 -9.17
N ASP C 90 -10.77 -28.75 -7.88
CA ASP C 90 -11.13 -27.84 -6.77
C ASP C 90 -9.91 -27.21 -6.21
N VAL C 91 -9.74 -25.91 -6.45
CA VAL C 91 -8.56 -25.17 -6.02
C VAL C 91 -8.86 -24.48 -4.69
N LYS C 92 -8.02 -24.76 -3.72
CA LYS C 92 -8.17 -24.23 -2.36
C LYS C 92 -7.34 -23.02 -2.03
N VAL C 93 -6.22 -22.83 -2.73
CA VAL C 93 -5.31 -21.70 -2.48
C VAL C 93 -5.04 -21.03 -3.83
N VAL C 94 -5.28 -19.72 -3.92
N VAL C 94 -5.20 -19.71 -3.86
CA VAL C 94 -5.21 -19.03 -5.21
CA VAL C 94 -5.23 -18.99 -5.11
C VAL C 94 -4.19 -17.91 -5.28
C VAL C 94 -4.30 -17.76 -5.05
N ASP C 95 -3.33 -17.78 -4.28
N ASP C 95 -3.54 -17.62 -3.98
CA ASP C 95 -2.35 -16.72 -4.29
CA ASP C 95 -2.46 -16.63 -3.96
C ASP C 95 -1.24 -17.12 -3.33
C ASP C 95 -1.18 -17.27 -3.39
N GLY C 96 -0.03 -16.62 -3.62
CA GLY C 96 1.20 -17.01 -2.91
C GLY C 96 2.00 -18.07 -3.61
N MET C 97 2.81 -18.79 -2.85
CA MET C 97 3.81 -19.74 -3.45
C MET C 97 3.25 -21.07 -3.87
N TRP C 98 2.09 -21.45 -3.30
CA TRP C 98 1.44 -22.71 -3.64
C TRP C 98 0.07 -22.44 -4.27
N LYS C 99 -0.45 -23.48 -4.91
CA LYS C 99 -1.76 -23.43 -5.53
C LYS C 99 -2.51 -24.74 -5.23
N ASP C 100 -2.61 -25.07 -3.95
CA ASP C 100 -3.18 -26.32 -3.50
C ASP C 100 -4.52 -26.56 -4.18
N CYS C 101 -4.60 -27.76 -4.77
CA CYS C 101 -5.77 -28.17 -5.51
C CYS C 101 -5.87 -29.68 -5.59
N HIS C 102 -7.00 -30.15 -6.08
CA HIS C 102 -7.29 -31.58 -6.23
C HIS C 102 -8.04 -31.81 -7.51
N ASN C 103 -7.50 -32.73 -8.33
CA ASN C 103 -8.12 -33.14 -9.60
C ASN C 103 -8.91 -34.43 -9.42
N TYR C 104 -10.13 -34.44 -9.97
CA TYR C 104 -11.06 -35.57 -9.85
C TYR C 104 -11.55 -36.00 -11.20
N LEU C 105 -11.93 -37.28 -11.29
CA LEU C 105 -12.57 -37.84 -12.47
C LEU C 105 -13.98 -38.29 -12.11
N THR C 106 -14.97 -37.92 -12.93
CA THR C 106 -16.34 -38.46 -12.86
C THR C 106 -16.79 -38.76 -14.26
N THR C 107 -17.66 -39.75 -14.42
CA THR C 107 -18.08 -40.18 -15.74
C THR C 107 -19.60 -40.30 -15.79
N ALA C 108 -20.15 -40.34 -16.98
CA ALA C 108 -21.59 -40.45 -17.18
C ALA C 108 -21.90 -40.96 -18.57
N GLU C 109 -22.94 -41.78 -18.70
CA GLU C 109 -23.44 -42.11 -20.02
C GLU C 109 -24.24 -41.00 -20.68
N ASP C 110 -24.90 -40.19 -19.88
N ASP C 110 -24.90 -40.20 -19.85
CA ASP C 110 -25.65 -39.07 -20.41
CA ASP C 110 -25.78 -39.08 -20.26
C ASP C 110 -25.15 -37.82 -19.75
C ASP C 110 -25.15 -37.83 -19.72
N ILE C 111 -25.05 -36.76 -20.53
CA ILE C 111 -24.52 -35.48 -20.05
C ILE C 111 -25.26 -34.94 -18.83
N LYS C 112 -26.56 -35.23 -18.74
CA LYS C 112 -27.36 -34.79 -17.61
C LYS C 112 -27.29 -35.71 -16.39
N GLY C 113 -26.47 -36.75 -16.47
CA GLY C 113 -26.26 -37.61 -15.34
C GLY C 113 -27.06 -38.90 -15.42
N PRO C 114 -26.94 -39.76 -14.40
CA PRO C 114 -26.09 -39.52 -13.21
C PRO C 114 -24.59 -39.58 -13.49
N TRP C 115 -23.82 -38.79 -12.74
CA TRP C 115 -22.35 -38.81 -12.81
C TRP C 115 -21.84 -39.66 -11.67
N SER C 116 -20.79 -40.40 -11.94
CA SER C 116 -20.23 -41.32 -10.99
C SER C 116 -19.55 -40.67 -9.80
N LYS C 117 -19.48 -41.41 -8.72
CA LYS C 117 -18.76 -40.90 -7.55
C LYS C 117 -17.33 -40.50 -7.96
N PRO C 118 -16.94 -39.25 -7.67
N PRO C 118 -16.90 -39.29 -7.59
CA PRO C 118 -15.60 -38.79 -8.01
CA PRO C 118 -15.64 -38.87 -8.17
C PRO C 118 -14.46 -39.71 -7.56
C PRO C 118 -14.45 -39.64 -7.58
N ILE C 119 -13.44 -39.83 -8.41
CA ILE C 119 -12.20 -40.44 -8.05
C ILE C 119 -11.16 -39.31 -7.94
N LEU C 120 -10.51 -39.22 -6.80
CA LEU C 120 -9.43 -38.26 -6.60
C LEU C 120 -8.18 -38.75 -7.30
N LEU C 121 -7.66 -37.95 -8.21
CA LEU C 121 -6.51 -38.29 -9.02
C LEU C 121 -5.19 -37.89 -8.41
N ASN C 122 -5.01 -36.59 -8.20
CA ASN C 122 -3.73 -36.01 -7.85
C ASN C 122 -3.95 -34.53 -7.55
N GLY C 123 -2.87 -33.86 -7.22
CA GLY C 123 -2.83 -32.45 -6.94
C GLY C 123 -1.59 -31.71 -7.40
N ALA C 124 -0.81 -32.34 -8.29
CA ALA C 124 0.51 -31.84 -8.70
C ALA C 124 0.44 -30.53 -9.46
N GLY C 125 -0.74 -30.24 -10.00
CA GLY C 125 -1.03 -29.01 -10.70
C GLY C 125 -2.45 -29.05 -11.16
N PHE C 126 -2.96 -27.92 -11.63
CA PHE C 126 -4.30 -27.77 -12.13
C PHE C 126 -4.27 -28.07 -13.66
N ASP C 127 -5.40 -27.86 -14.31
CA ASP C 127 -5.57 -28.10 -15.72
C ASP C 127 -5.31 -29.54 -16.11
N ALA C 128 -5.82 -30.44 -15.29
CA ALA C 128 -5.72 -31.85 -15.62
C ALA C 128 -6.66 -32.18 -16.79
N SER C 129 -6.22 -33.05 -17.68
CA SER C 129 -6.97 -33.40 -18.90
C SER C 129 -6.72 -34.88 -19.21
N LEU C 130 -7.76 -35.60 -19.57
CA LEU C 130 -7.65 -37.04 -19.85
C LEU C 130 -7.60 -37.30 -21.33
N PHE C 131 -6.64 -38.14 -21.72
CA PHE C 131 -6.38 -38.47 -23.12
C PHE C 131 -6.61 -39.96 -23.32
N HIS C 132 -7.38 -40.28 -24.35
CA HIS C 132 -7.76 -41.66 -24.65
C HIS C 132 -6.88 -42.14 -25.80
N ASP C 133 -5.78 -42.81 -25.48
CA ASP C 133 -4.85 -43.26 -26.48
C ASP C 133 -5.48 -44.35 -27.38
N PRO C 134 -5.11 -44.36 -28.68
CA PRO C 134 -5.62 -45.42 -29.57
C PRO C 134 -5.36 -46.84 -29.06
N SER C 135 -4.33 -47.01 -28.23
CA SER C 135 -4.04 -48.33 -27.60
C SER C 135 -5.10 -48.82 -26.64
N GLY C 136 -5.97 -47.94 -26.14
CA GLY C 136 -6.97 -48.25 -25.13
C GLY C 136 -6.55 -47.81 -23.74
N LYS C 137 -5.27 -47.50 -23.57
CA LYS C 137 -4.79 -46.88 -22.33
C LYS C 137 -5.25 -45.44 -22.22
N LYS C 138 -5.26 -44.99 -20.97
CA LYS C 138 -5.69 -43.62 -20.64
C LYS C 138 -4.52 -42.90 -19.99
N TYR C 139 -4.38 -41.60 -20.29
CA TYR C 139 -3.31 -40.76 -19.73
C TYR C 139 -3.86 -39.45 -19.21
N LEU C 140 -3.33 -39.01 -18.10
CA LEU C 140 -3.63 -37.66 -17.57
C LEU C 140 -2.44 -36.79 -17.84
N VAL C 141 -2.72 -35.59 -18.34
CA VAL C 141 -1.74 -34.50 -18.37
C VAL C 141 -2.22 -33.39 -17.46
N ASN C 142 -1.30 -32.72 -16.80
CA ASN C 142 -1.62 -31.54 -16.00
C ASN C 142 -0.42 -30.64 -15.98
N MET C 143 -0.59 -29.36 -15.65
CA MET C 143 0.61 -28.59 -15.36
C MET C 143 1.18 -29.07 -14.04
N TYR C 144 2.45 -28.81 -13.84
CA TYR C 144 3.16 -29.23 -12.66
C TYR C 144 3.67 -27.98 -11.93
N TRP C 145 3.24 -27.80 -10.68
CA TRP C 145 3.51 -26.58 -9.92
C TRP C 145 4.84 -26.66 -9.19
N ASP C 146 5.69 -25.65 -9.37
CA ASP C 146 6.94 -25.48 -8.64
C ASP C 146 6.80 -24.27 -7.73
N GLN C 147 6.71 -24.52 -6.43
CA GLN C 147 6.51 -23.45 -5.45
C GLN C 147 7.72 -22.61 -5.16
N ARG C 148 8.90 -23.06 -5.59
CA ARG C 148 10.14 -22.44 -5.13
C ARG C 148 10.18 -21.01 -5.64
N VAL C 149 10.48 -20.07 -4.74
CA VAL C 149 10.14 -18.68 -4.95
C VAL C 149 11.00 -17.98 -5.97
N TYR C 150 12.16 -18.57 -6.27
CA TYR C 150 13.11 -18.03 -7.26
C TYR C 150 12.81 -18.55 -8.66
N HIS C 151 11.88 -19.49 -8.78
CA HIS C 151 11.49 -20.03 -10.08
C HIS C 151 10.13 -19.53 -10.55
N HIS C 152 9.92 -19.62 -11.85
CA HIS C 152 8.55 -19.49 -12.38
C HIS C 152 7.76 -20.71 -11.93
N ASN C 153 6.49 -20.51 -11.56
CA ASN C 153 5.77 -21.65 -10.95
C ASN C 153 5.35 -22.73 -11.90
N PHE C 154 5.41 -22.45 -13.20
CA PHE C 154 4.85 -23.35 -14.19
C PHE C 154 6.01 -24.19 -14.77
N TYR C 155 6.22 -25.36 -14.17
CA TYR C 155 7.40 -26.19 -14.39
C TYR C 155 7.24 -27.05 -15.66
N GLY C 156 6.10 -26.99 -16.31
CA GLY C 156 5.82 -27.72 -17.50
C GLY C 156 4.60 -28.60 -17.36
N ILE C 157 4.53 -29.58 -18.24
CA ILE C 157 3.39 -30.47 -18.36
C ILE C 157 3.86 -31.89 -17.95
N ALA C 158 3.18 -32.45 -16.95
CA ALA C 158 3.39 -33.82 -16.46
C ALA C 158 2.40 -34.76 -17.14
N LEU C 159 2.87 -35.98 -17.37
CA LEU C 159 2.14 -37.09 -17.95
C LEU C 159 2.18 -38.29 -17.03
N GLN C 160 1.03 -38.92 -16.83
CA GLN C 160 1.00 -40.20 -16.14
C GLN C 160 -0.12 -41.04 -16.71
N GLU C 161 0.12 -42.34 -16.81
CA GLU C 161 -0.96 -43.25 -17.17
C GLU C 161 -2.01 -43.32 -16.02
N TYR C 162 -3.29 -43.32 -16.40
CA TYR C 162 -4.44 -43.54 -15.52
C TYR C 162 -4.89 -44.99 -15.73
N SER C 163 -4.90 -45.76 -14.66
CA SER C 163 -5.42 -47.13 -14.70
C SER C 163 -6.91 -47.14 -14.38
N VAL C 164 -7.73 -47.48 -15.37
CA VAL C 164 -9.16 -47.64 -15.16
C VAL C 164 -9.45 -48.76 -14.16
N ALA C 165 -8.73 -49.88 -14.26
CA ALA C 165 -8.86 -50.99 -13.30
C ALA C 165 -8.61 -50.59 -11.86
N GLU C 166 -7.51 -49.88 -11.63
CA GLU C 166 -7.10 -49.52 -10.28
C GLU C 166 -7.69 -48.19 -9.79
N GLU C 167 -8.35 -47.46 -10.69
CA GLU C 167 -8.89 -46.13 -10.40
C GLU C 167 -7.84 -45.21 -9.81
N LYS C 168 -6.67 -45.20 -10.43
N LYS C 168 -6.65 -45.24 -10.41
CA LYS C 168 -5.59 -44.35 -9.97
CA LYS C 168 -5.55 -44.36 -9.98
C LYS C 168 -4.50 -44.17 -11.01
C LYS C 168 -4.55 -44.12 -11.09
N LEU C 169 -3.75 -43.07 -10.91
CA LEU C 169 -2.59 -42.83 -11.71
C LEU C 169 -1.57 -43.88 -11.28
N ILE C 170 -0.85 -44.42 -12.25
CA ILE C 170 0.24 -45.37 -11.95
C ILE C 170 1.57 -44.77 -12.31
N GLY C 171 2.65 -45.41 -11.87
CA GLY C 171 3.98 -44.87 -12.06
C GLY C 171 4.14 -43.56 -11.31
N LYS C 172 4.91 -42.66 -11.89
CA LYS C 172 5.14 -41.36 -11.29
C LYS C 172 5.14 -40.30 -12.39
N PRO C 173 4.89 -39.04 -11.99
CA PRO C 173 4.84 -37.96 -12.94
C PRO C 173 6.08 -37.90 -13.81
N GLU C 174 5.89 -37.74 -15.13
N GLU C 174 5.92 -37.74 -15.12
CA GLU C 174 6.96 -37.52 -16.13
CA GLU C 174 7.05 -37.41 -15.96
C GLU C 174 6.73 -36.14 -16.77
C GLU C 174 6.76 -36.13 -16.73
N ILE C 175 7.70 -35.23 -16.66
CA ILE C 175 7.62 -33.97 -17.36
C ILE C 175 7.97 -34.19 -18.83
N ILE C 176 7.00 -34.03 -19.68
CA ILE C 176 7.14 -34.27 -21.11
C ILE C 176 7.38 -33.01 -21.94
N TYR C 177 7.18 -31.83 -21.34
CA TYR C 177 7.21 -30.60 -22.11
C TYR C 177 7.39 -29.44 -21.13
N LYS C 178 8.27 -28.50 -21.49
CA LYS C 178 8.55 -27.34 -20.66
C LYS C 178 7.90 -26.04 -21.14
N GLY C 179 7.29 -26.04 -22.31
CA GLY C 179 6.69 -24.82 -22.84
C GLY C 179 7.68 -23.98 -23.60
N THR C 180 7.23 -22.83 -24.06
CA THR C 180 8.07 -21.91 -24.76
C THR C 180 8.47 -20.79 -23.79
N ASP C 181 9.18 -19.81 -24.33
CA ASP C 181 9.58 -18.62 -23.59
C ASP C 181 8.41 -17.83 -23.03
N ILE C 182 7.25 -17.93 -23.67
CA ILE C 182 6.07 -17.22 -23.21
C ILE C 182 5.61 -17.75 -21.84
N ALA C 183 5.85 -19.03 -21.58
CA ALA C 183 5.66 -19.60 -20.23
C ALA C 183 4.22 -19.50 -19.73
N TYR C 184 4.03 -19.57 -18.41
CA TYR C 184 2.71 -19.86 -17.87
C TYR C 184 2.08 -21.04 -18.60
N THR C 185 2.87 -22.08 -18.83
CA THR C 185 2.43 -23.20 -19.66
C THR C 185 1.41 -24.02 -18.91
N GLU C 186 0.18 -24.05 -19.42
CA GLU C 186 -0.95 -24.67 -18.74
C GLU C 186 -1.96 -25.18 -19.77
N GLY C 187 -3.16 -25.54 -19.32
CA GLY C 187 -4.18 -26.03 -20.22
C GLY C 187 -3.74 -27.14 -21.19
N PRO C 188 -2.91 -28.14 -20.76
CA PRO C 188 -2.48 -29.16 -21.72
C PRO C 188 -3.61 -30.04 -22.24
N HIS C 189 -3.58 -30.30 -23.54
CA HIS C 189 -4.45 -31.31 -24.12
C HIS C 189 -3.65 -32.08 -25.15
N LEU C 190 -3.83 -33.40 -25.15
CA LEU C 190 -3.23 -34.28 -26.14
C LEU C 190 -4.23 -34.69 -27.19
N TYR C 191 -3.72 -34.83 -28.42
CA TYR C 191 -4.50 -35.32 -29.56
C TYR C 191 -3.65 -36.25 -30.40
N TYR C 192 -4.24 -37.30 -30.90
CA TYR C 192 -3.58 -38.21 -31.83
C TYR C 192 -4.10 -37.92 -33.22
N ILE C 193 -3.25 -37.34 -34.04
CA ILE C 193 -3.62 -36.83 -35.36
C ILE C 193 -2.45 -37.08 -36.29
N ASN C 194 -2.72 -37.51 -37.52
CA ASN C 194 -1.63 -37.72 -38.49
C ASN C 194 -0.65 -38.78 -37.94
N ASP C 195 -1.18 -39.79 -37.24
CA ASP C 195 -0.36 -40.78 -36.50
C ASP C 195 0.78 -40.20 -35.65
N MET C 196 0.53 -39.03 -35.08
CA MET C 196 1.46 -38.36 -34.19
C MET C 196 0.69 -37.86 -32.96
N TYR C 197 1.43 -37.56 -31.92
CA TYR C 197 0.87 -36.90 -30.73
C TYR C 197 1.03 -35.37 -30.83
N TYR C 198 -0.06 -34.65 -30.66
CA TYR C 198 -0.01 -33.20 -30.56
C TYR C 198 -0.34 -32.80 -29.14
N LEU C 199 0.54 -31.98 -28.55
CA LEU C 199 0.30 -31.37 -27.24
C LEU C 199 0.05 -29.87 -27.39
N MET C 200 -1.16 -29.44 -27.06
CA MET C 200 -1.55 -28.05 -27.14
C MET C 200 -1.64 -27.49 -25.74
N THR C 201 -1.13 -26.29 -25.56
CA THR C 201 -1.06 -25.64 -24.26
C THR C 201 -1.44 -24.17 -24.38
N ALA C 202 -1.96 -23.65 -23.27
CA ALA C 202 -2.14 -22.22 -23.09
C ALA C 202 -0.88 -21.67 -22.50
N GLU C 203 -0.53 -20.45 -22.88
CA GLU C 203 0.65 -19.78 -22.35
C GLU C 203 0.41 -18.29 -22.21
N GLY C 204 1.24 -17.67 -21.39
CA GLY C 204 1.25 -16.24 -21.21
C GLY C 204 0.37 -15.76 -20.10
N GLY C 205 -0.46 -16.63 -19.53
CA GLY C 205 -1.43 -16.23 -18.53
C GLY C 205 -2.68 -15.66 -19.14
N THR C 206 -3.79 -15.79 -18.42
CA THR C 206 -5.11 -15.49 -18.92
C THR C 206 -5.44 -14.01 -19.02
N THR C 207 -4.44 -13.17 -19.16
CA THR C 207 -4.53 -11.72 -19.27
C THR C 207 -4.44 -11.35 -20.75
N TYR C 208 -4.11 -10.09 -21.05
CA TYR C 208 -3.94 -9.69 -22.46
C TYR C 208 -2.77 -10.38 -23.15
N GLN C 209 -1.87 -10.98 -22.38
CA GLN C 209 -0.72 -11.70 -22.89
C GLN C 209 -1.02 -13.17 -23.23
N HIS C 210 -2.26 -13.62 -23.03
CA HIS C 210 -2.67 -14.98 -23.26
C HIS C 210 -2.40 -15.44 -24.67
N SER C 211 -2.18 -16.74 -24.79
CA SER C 211 -1.89 -17.36 -26.09
C SER C 211 -2.17 -18.86 -26.00
N GLU C 212 -2.12 -19.54 -27.15
CA GLU C 212 -2.10 -21.00 -27.23
C GLU C 212 -1.05 -21.39 -28.24
N THR C 213 -0.33 -22.49 -27.96
CA THR C 213 0.69 -23.04 -28.87
C THR C 213 0.51 -24.54 -28.94
N ILE C 214 0.92 -25.14 -30.05
CA ILE C 214 0.90 -26.57 -30.22
C ILE C 214 2.27 -27.11 -30.58
N ALA C 215 2.48 -28.36 -30.20
CA ALA C 215 3.75 -29.07 -30.41
C ALA C 215 3.40 -30.53 -30.76
N ARG C 216 4.35 -31.23 -31.35
CA ARG C 216 4.08 -32.60 -31.81
C ARG C 216 5.27 -33.53 -31.64
N SER C 217 4.92 -34.80 -31.48
CA SER C 217 5.90 -35.84 -31.19
C SER C 217 5.40 -37.13 -31.76
N LYS C 218 6.35 -37.99 -32.20
CA LYS C 218 5.96 -39.31 -32.69
C LYS C 218 5.42 -40.19 -31.56
N THR C 219 6.01 -40.06 -30.38
CA THR C 219 5.51 -40.78 -29.20
C THR C 219 4.95 -39.84 -28.12
N ILE C 220 4.17 -40.43 -27.23
CA ILE C 220 3.50 -39.64 -26.20
C ILE C 220 4.47 -39.00 -25.25
N HIS C 221 5.64 -39.61 -25.06
CA HIS C 221 6.61 -39.08 -24.09
C HIS C 221 7.46 -37.93 -24.58
N GLY C 222 7.38 -37.58 -25.86
CA GLY C 222 8.21 -36.53 -26.42
C GLY C 222 9.61 -37.04 -26.76
N PRO C 223 10.54 -36.10 -27.04
CA PRO C 223 10.35 -34.65 -26.98
C PRO C 223 9.37 -34.13 -28.02
N TYR C 224 8.70 -33.04 -27.68
CA TYR C 224 7.76 -32.40 -28.58
C TYR C 224 8.43 -31.24 -29.30
N GLU C 225 8.26 -31.18 -30.62
N GLU C 225 8.25 -31.19 -30.62
CA GLU C 225 8.72 -30.06 -31.42
CA GLU C 225 8.66 -30.09 -31.46
C GLU C 225 7.63 -29.00 -31.46
C GLU C 225 7.60 -29.01 -31.42
N ILE C 226 8.00 -27.79 -31.09
CA ILE C 226 7.07 -26.65 -31.06
C ILE C 226 6.81 -26.16 -32.48
N GLN C 227 5.55 -25.83 -32.76
CA GLN C 227 5.20 -25.29 -34.06
C GLN C 227 6.05 -24.08 -34.43
N PRO C 228 6.47 -23.97 -35.69
CA PRO C 228 7.44 -22.87 -35.97
C PRO C 228 6.93 -21.44 -35.77
N ASP C 229 5.66 -21.25 -36.03
CA ASP C 229 5.09 -19.91 -36.07
C ASP C 229 4.37 -19.59 -34.77
N TYR C 230 4.79 -20.20 -33.66
CA TYR C 230 4.02 -20.03 -32.40
C TYR C 230 3.94 -18.56 -32.05
N PRO C 231 2.83 -18.14 -31.39
CA PRO C 231 1.67 -18.94 -31.02
C PRO C 231 0.66 -19.21 -32.10
N LEU C 232 -0.06 -20.31 -31.95
CA LEU C 232 -1.24 -20.61 -32.74
C LEU C 232 -2.30 -19.49 -32.65
N LEU C 233 -2.52 -19.02 -31.43
CA LEU C 233 -3.61 -18.14 -31.07
C LEU C 233 -3.08 -17.13 -30.06
N SER C 234 -3.30 -15.84 -30.34
CA SER C 234 -3.01 -14.76 -29.36
C SER C 234 -3.39 -13.44 -29.98
N ALA C 235 -4.07 -12.63 -29.21
CA ALA C 235 -4.40 -11.25 -29.60
C ALA C 235 -3.47 -10.23 -28.95
N TRP C 236 -2.40 -10.70 -28.33
CA TRP C 236 -1.55 -9.79 -27.54
C TRP C 236 -1.06 -8.62 -28.41
N LYS C 237 -0.66 -8.88 -29.65
CA LYS C 237 -0.07 -7.80 -30.45
C LYS C 237 -1.09 -6.85 -31.10
N GLU C 238 -2.39 -7.12 -30.97
CA GLU C 238 -3.43 -6.38 -31.68
C GLU C 238 -4.36 -5.76 -30.68
N VAL C 239 -4.00 -4.57 -30.25
CA VAL C 239 -4.73 -3.91 -29.16
C VAL C 239 -6.18 -3.54 -29.48
N HIS C 240 -6.53 -3.51 -30.77
CA HIS C 240 -7.90 -3.15 -31.17
C HIS C 240 -8.71 -4.35 -31.56
N ASN C 241 -8.15 -5.54 -31.46
CA ASN C 241 -8.90 -6.72 -31.86
C ASN C 241 -10.13 -6.86 -30.98
N PRO C 242 -11.33 -7.12 -31.56
CA PRO C 242 -12.50 -7.31 -30.71
C PRO C 242 -12.34 -8.42 -29.66
N LEU C 243 -11.68 -9.50 -30.02
CA LEU C 243 -11.41 -10.56 -29.05
C LEU C 243 -10.01 -10.40 -28.47
N GLN C 244 -9.95 -10.33 -27.15
CA GLN C 244 -8.73 -10.21 -26.42
C GLN C 244 -8.48 -11.45 -25.52
N LYS C 245 -7.30 -11.58 -24.98
CA LYS C 245 -7.00 -12.65 -23.99
C LYS C 245 -7.23 -14.02 -24.60
N CYS C 246 -6.89 -14.19 -25.87
CA CYS C 246 -7.28 -15.41 -26.61
C CYS C 246 -6.30 -16.54 -26.27
N GLY C 247 -6.82 -17.62 -25.62
CA GLY C 247 -6.03 -18.73 -25.17
C GLY C 247 -6.92 -19.71 -24.44
N HIS C 248 -6.27 -20.70 -23.86
CA HIS C 248 -6.96 -21.79 -23.18
C HIS C 248 -7.95 -22.47 -24.07
N ALA C 249 -7.38 -23.06 -25.12
CA ALA C 249 -8.13 -23.66 -26.19
C ALA C 249 -8.30 -25.17 -26.09
N SER C 250 -9.20 -25.67 -26.93
CA SER C 250 -9.41 -27.10 -27.16
C SER C 250 -9.83 -27.24 -28.62
N LEU C 251 -9.38 -28.33 -29.22
CA LEU C 251 -9.54 -28.63 -30.64
C LEU C 251 -10.63 -29.68 -30.83
N VAL C 252 -11.47 -29.50 -31.85
CA VAL C 252 -12.48 -30.51 -32.20
C VAL C 252 -12.44 -30.71 -33.71
N GLU C 253 -12.65 -31.98 -34.10
CA GLU C 253 -12.85 -32.38 -35.49
C GLU C 253 -14.32 -32.73 -35.69
N THR C 254 -14.94 -32.22 -36.74
CA THR C 254 -16.31 -32.57 -37.03
C THR C 254 -16.43 -33.94 -37.67
N GLN C 255 -17.65 -34.39 -37.76
CA GLN C 255 -17.94 -35.65 -38.41
C GLN C 255 -17.48 -35.68 -39.88
N ASN C 256 -17.31 -34.52 -40.52
CA ASN C 256 -16.77 -34.49 -41.91
C ASN C 256 -15.30 -34.09 -41.98
N GLY C 257 -14.61 -34.03 -40.85
CA GLY C 257 -13.17 -33.78 -40.86
C GLY C 257 -12.76 -32.31 -40.91
N GLN C 258 -13.69 -31.41 -40.62
CA GLN C 258 -13.35 -29.97 -40.48
C GLN C 258 -12.85 -29.79 -39.04
N TRP C 259 -11.99 -28.79 -38.84
CA TRP C 259 -11.38 -28.52 -37.52
C TRP C 259 -11.71 -27.15 -36.98
N TYR C 260 -12.01 -27.12 -35.68
CA TYR C 260 -12.42 -25.87 -35.00
C TYR C 260 -11.73 -25.83 -33.65
N LEU C 261 -11.58 -24.62 -33.13
CA LEU C 261 -10.81 -24.34 -31.91
C LEU C 261 -11.62 -23.49 -30.98
N ALA C 262 -12.09 -24.09 -29.89
CA ALA C 262 -12.78 -23.32 -28.85
C ALA C 262 -11.70 -22.68 -27.97
N HIS C 263 -11.93 -21.44 -27.51
CA HIS C 263 -10.97 -20.76 -26.66
C HIS C 263 -11.68 -19.70 -25.84
N LEU C 264 -11.03 -19.27 -24.76
CA LEU C 264 -11.57 -18.16 -24.00
C LEU C 264 -11.10 -16.85 -24.58
N THR C 265 -11.89 -15.80 -24.27
CA THR C 265 -11.57 -14.45 -24.73
C THR C 265 -12.22 -13.45 -23.76
N GLY C 266 -11.62 -12.27 -23.62
CA GLY C 266 -12.28 -11.16 -23.00
C GLY C 266 -12.57 -10.05 -23.98
N ARG C 267 -13.70 -9.37 -23.79
CA ARG C 267 -14.13 -8.22 -24.59
C ARG C 267 -14.19 -6.99 -23.70
N PRO C 268 -13.15 -6.18 -23.70
CA PRO C 268 -13.16 -5.07 -22.75
C PRO C 268 -14.19 -4.01 -23.13
N LEU C 269 -14.70 -3.33 -22.12
CA LEU C 269 -15.38 -2.09 -22.35
C LEU C 269 -14.48 -1.10 -23.04
N PRO C 270 -15.05 -0.16 -23.81
CA PRO C 270 -14.21 0.91 -24.36
C PRO C 270 -13.56 1.71 -23.23
N ALA C 271 -12.26 2.04 -23.34
CA ALA C 271 -11.64 2.96 -22.40
C ALA C 271 -12.17 4.38 -22.65
N PRO C 272 -11.95 5.31 -21.71
CA PRO C 272 -12.24 6.68 -22.01
C PRO C 272 -11.51 7.20 -23.25
N ALA C 273 -12.13 8.17 -23.90
CA ALA C 273 -11.57 8.70 -25.11
C ALA C 273 -10.17 9.24 -24.88
N GLY C 274 -9.31 8.94 -25.82
CA GLY C 274 -7.95 9.43 -25.84
C GLY C 274 -6.92 8.69 -25.00
N PHE C 275 -7.35 7.65 -24.28
CA PHE C 275 -6.42 6.95 -23.42
C PHE C 275 -5.53 6.05 -24.25
N PRO C 276 -4.30 5.82 -23.80
CA PRO C 276 -3.34 5.08 -24.61
C PRO C 276 -3.77 3.65 -24.94
N SER C 277 -3.78 3.30 -26.21
CA SER C 277 -4.32 2.04 -26.63
C SER C 277 -3.52 0.85 -26.19
N ARG C 278 -2.20 1.01 -25.96
CA ARG C 278 -1.44 -0.17 -25.52
C ARG C 278 -1.65 -0.45 -24.02
N GLU C 279 -2.29 0.44 -23.28
CA GLU C 279 -2.47 0.29 -21.85
C GLU C 279 -3.76 -0.48 -21.52
N ARG C 280 -3.91 -1.66 -22.11
CA ARG C 280 -5.05 -2.51 -21.82
C ARG C 280 -5.06 -2.89 -20.33
N GLU C 281 -3.89 -3.17 -19.78
CA GLU C 281 -3.76 -3.62 -18.40
C GLU C 281 -4.22 -2.57 -17.42
N GLN C 282 -4.24 -1.31 -17.81
CA GLN C 282 -4.71 -0.20 -16.94
C GLN C 282 -6.12 0.24 -17.24
N HIS C 283 -6.54 0.12 -18.49
CA HIS C 283 -7.80 0.77 -18.92
C HIS C 283 -8.84 -0.13 -19.57
N ALA C 284 -8.52 -1.40 -19.82
CA ALA C 284 -9.41 -2.33 -20.51
C ALA C 284 -10.03 -3.28 -19.47
N PHE C 285 -11.31 -3.06 -19.17
CA PHE C 285 -12.06 -3.79 -18.15
C PHE C 285 -13.11 -4.66 -18.76
N CYS C 286 -13.17 -5.91 -18.32
CA CYS C 286 -14.08 -6.94 -18.87
C CYS C 286 -15.11 -7.40 -17.83
N PRO C 287 -16.25 -6.71 -17.74
CA PRO C 287 -17.26 -7.13 -16.74
C PRO C 287 -17.93 -8.43 -17.11
N LEU C 288 -17.90 -8.80 -18.39
CA LEU C 288 -18.46 -10.10 -18.81
C LEU C 288 -17.46 -11.22 -18.62
N GLY C 289 -16.34 -10.93 -17.97
CA GLY C 289 -15.35 -11.97 -17.70
C GLY C 289 -14.74 -12.53 -18.94
N ARG C 290 -14.42 -13.83 -18.87
CA ARG C 290 -13.85 -14.58 -20.00
C ARG C 290 -14.96 -15.42 -20.55
N GLU C 291 -15.16 -15.27 -21.85
CA GLU C 291 -16.25 -15.85 -22.63
C GLU C 291 -15.65 -16.87 -23.56
N THR C 292 -16.48 -17.67 -24.22
CA THR C 292 -15.97 -18.69 -25.14
C THR C 292 -16.24 -18.34 -26.57
N ALA C 293 -15.21 -18.42 -27.40
CA ALA C 293 -15.26 -18.22 -28.84
C ALA C 293 -14.81 -19.49 -29.51
N ILE C 294 -15.14 -19.58 -30.80
CA ILE C 294 -14.69 -20.69 -31.64
C ILE C 294 -14.03 -20.13 -32.93
N GLN C 295 -12.83 -20.59 -33.24
CA GLN C 295 -12.14 -20.24 -34.47
C GLN C 295 -12.14 -21.47 -35.38
N LYS C 296 -11.93 -21.22 -36.66
CA LYS C 296 -11.78 -22.29 -37.61
C LYS C 296 -10.29 -22.56 -37.84
N ILE C 297 -9.92 -23.82 -38.05
CA ILE C 297 -8.56 -24.28 -38.20
C ILE C 297 -8.37 -24.89 -39.59
N GLU C 298 -7.26 -24.54 -40.20
CA GLU C 298 -6.77 -25.22 -41.39
C GLU C 298 -5.41 -25.80 -41.12
N TRP C 299 -5.07 -26.90 -41.76
CA TRP C 299 -3.78 -27.51 -41.55
C TRP C 299 -2.87 -27.26 -42.74
N GLN C 300 -1.60 -27.03 -42.42
CA GLN C 300 -0.53 -26.75 -43.38
C GLN C 300 0.71 -27.48 -42.89
N ASP C 301 1.23 -28.43 -43.67
CA ASP C 301 2.48 -29.08 -43.29
C ASP C 301 2.42 -29.70 -41.91
N GLY C 302 1.25 -30.26 -41.60
CA GLY C 302 1.07 -30.95 -40.34
C GLY C 302 0.98 -30.04 -39.11
N TRP C 303 0.73 -28.75 -39.32
CA TRP C 303 0.52 -27.80 -38.22
C TRP C 303 -0.82 -27.07 -38.45
N PRO C 304 -1.59 -26.87 -37.38
CA PRO C 304 -2.84 -26.13 -37.47
C PRO C 304 -2.61 -24.62 -37.56
N VAL C 305 -3.52 -23.94 -38.23
CA VAL C 305 -3.44 -22.50 -38.41
C VAL C 305 -4.84 -21.93 -38.22
N VAL C 306 -4.95 -20.86 -37.43
CA VAL C 306 -6.23 -20.18 -37.21
C VAL C 306 -6.60 -19.34 -38.40
N VAL C 307 -7.75 -19.68 -38.96
CA VAL C 307 -8.22 -18.98 -40.15
C VAL C 307 -8.51 -17.55 -39.78
N GLY C 308 -7.96 -16.64 -40.57
CA GLY C 308 -8.15 -15.21 -40.37
C GLY C 308 -7.10 -14.56 -39.50
N GLY C 309 -6.14 -15.34 -39.00
CA GLY C 309 -5.03 -14.84 -38.25
C GLY C 309 -5.11 -15.24 -36.78
N GLN C 310 -3.94 -15.21 -36.15
CA GLN C 310 -3.77 -15.70 -34.77
C GLN C 310 -4.54 -14.95 -33.73
N GLN C 311 -4.97 -13.75 -34.06
CA GLN C 311 -5.62 -12.89 -33.08
C GLN C 311 -7.03 -13.41 -32.76
N GLY C 312 -7.59 -14.16 -33.69
CA GLY C 312 -8.95 -14.62 -33.54
C GLY C 312 -10.01 -13.64 -34.02
N SER C 313 -11.04 -14.13 -34.73
CA SER C 313 -12.03 -13.29 -35.40
C SER C 313 -13.40 -13.41 -34.77
N LEU C 314 -14.21 -12.37 -34.95
CA LEU C 314 -15.60 -12.43 -34.51
C LEU C 314 -16.48 -13.36 -35.35
N GLU C 315 -16.36 -13.24 -36.68
CA GLU C 315 -17.24 -14.00 -37.57
C GLU C 315 -16.40 -15.13 -38.16
N VAL C 316 -16.88 -16.37 -38.00
CA VAL C 316 -16.14 -17.55 -38.37
C VAL C 316 -17.07 -18.45 -39.21
N GLU C 317 -16.57 -18.97 -40.32
CA GLU C 317 -17.31 -19.85 -41.20
C GLU C 317 -17.87 -21.05 -40.47
N ALA C 318 -19.18 -21.15 -40.46
CA ALA C 318 -19.83 -22.30 -39.84
C ALA C 318 -19.49 -23.63 -40.54
N PRO C 319 -19.46 -24.76 -39.78
CA PRO C 319 -19.24 -26.02 -40.43
C PRO C 319 -20.38 -26.40 -41.34
N ASP C 320 -20.09 -27.30 -42.26
CA ASP C 320 -21.07 -27.75 -43.21
C ASP C 320 -21.99 -28.82 -42.55
N LEU C 321 -22.86 -28.33 -41.69
CA LEU C 321 -23.77 -29.16 -40.90
C LEU C 321 -25.15 -28.54 -40.89
N PRO C 322 -26.22 -29.36 -40.81
CA PRO C 322 -27.54 -28.77 -40.76
C PRO C 322 -27.69 -27.91 -39.50
N GLN C 323 -28.33 -26.77 -39.59
CA GLN C 323 -28.33 -25.91 -38.43
C GLN C 323 -29.54 -26.23 -37.61
N GLN C 324 -29.40 -26.07 -36.31
N GLN C 324 -29.40 -26.01 -36.30
CA GLN C 324 -30.49 -26.31 -35.38
CA GLN C 324 -30.41 -26.34 -35.34
C GLN C 324 -30.44 -25.31 -34.25
C GLN C 324 -30.42 -25.27 -34.25
N GLU C 325 -31.49 -24.50 -34.19
CA GLU C 325 -31.73 -23.54 -33.13
C GLU C 325 -32.38 -24.18 -31.95
N TRP C 326 -32.23 -23.50 -30.80
CA TRP C 326 -32.69 -24.01 -29.53
C TRP C 326 -33.67 -23.07 -28.90
N ALA C 327 -34.61 -23.68 -28.17
CA ALA C 327 -35.48 -22.92 -27.31
C ALA C 327 -34.66 -22.18 -26.26
N PRO C 328 -35.12 -21.00 -25.89
CA PRO C 328 -34.48 -20.24 -24.83
C PRO C 328 -34.50 -21.03 -23.52
N THR C 329 -33.45 -20.86 -22.70
CA THR C 329 -33.41 -21.57 -21.42
C THR C 329 -33.88 -20.67 -20.27
N TYR C 330 -34.26 -19.42 -20.57
CA TYR C 330 -34.88 -18.54 -19.59
C TYR C 330 -35.89 -17.65 -20.30
N GLU C 331 -36.73 -17.02 -19.51
CA GLU C 331 -37.70 -16.03 -19.95
C GLU C 331 -37.27 -14.67 -19.45
N GLU C 332 -37.51 -13.64 -20.24
CA GLU C 332 -37.17 -12.27 -19.89
C GLU C 332 -37.74 -11.93 -18.51
N ARG C 333 -38.97 -12.33 -18.21
CA ARG C 333 -39.53 -12.22 -16.87
C ARG C 333 -39.76 -13.63 -16.34
N ASP C 334 -38.99 -14.00 -15.31
CA ASP C 334 -39.17 -15.25 -14.60
C ASP C 334 -40.10 -14.98 -13.45
N ASP C 335 -41.33 -15.50 -13.54
CA ASP C 335 -42.33 -15.27 -12.52
C ASP C 335 -42.23 -16.25 -11.34
N PHE C 336 -41.22 -17.11 -11.29
CA PHE C 336 -41.06 -18.05 -10.21
C PHE C 336 -42.30 -18.93 -9.99
N ASP C 337 -42.90 -19.34 -11.10
CA ASP C 337 -44.10 -20.21 -11.06
C ASP C 337 -43.80 -21.67 -11.33
N LYS C 338 -42.54 -22.05 -11.25
CA LYS C 338 -42.03 -23.41 -11.39
C LYS C 338 -41.24 -23.75 -10.11
N ASP C 339 -41.22 -25.04 -9.79
N ASP C 339 -41.22 -25.03 -9.72
CA ASP C 339 -40.60 -25.55 -8.58
CA ASP C 339 -40.53 -25.43 -8.47
C ASP C 339 -39.09 -25.66 -8.67
C ASP C 339 -39.05 -25.75 -8.68
N THR C 340 -38.54 -25.58 -9.89
CA THR C 340 -37.10 -25.76 -10.21
C THR C 340 -36.54 -24.34 -10.46
N LEU C 341 -35.50 -23.97 -9.74
CA LEU C 341 -34.81 -22.70 -10.02
C LEU C 341 -34.19 -22.74 -11.40
N ASN C 342 -34.39 -21.69 -12.19
CA ASN C 342 -33.82 -21.69 -13.54
C ASN C 342 -32.33 -22.04 -13.61
N ILE C 343 -31.97 -22.80 -14.62
CA ILE C 343 -30.60 -23.25 -14.84
C ILE C 343 -29.58 -22.13 -15.00
N ASN C 344 -30.02 -20.94 -15.35
CA ASN C 344 -29.15 -19.75 -15.47
C ASN C 344 -28.83 -19.08 -14.15
N PHE C 345 -29.49 -19.49 -13.06
CA PHE C 345 -29.16 -19.01 -11.73
C PHE C 345 -28.18 -19.98 -11.09
N GLN C 346 -27.23 -19.44 -10.35
CA GLN C 346 -26.30 -20.21 -9.50
C GLN C 346 -26.35 -19.61 -8.11
N THR C 347 -25.90 -20.40 -7.16
CA THR C 347 -25.61 -19.95 -5.80
C THR C 347 -24.10 -19.93 -5.59
N LEU C 348 -23.66 -19.27 -4.51
CA LEU C 348 -22.27 -19.21 -4.15
C LEU C 348 -21.91 -20.42 -3.29
N ARG C 349 -21.00 -21.23 -3.80
CA ARG C 349 -20.25 -22.26 -3.09
C ARG C 349 -21.03 -23.51 -2.72
N ILE C 350 -22.27 -23.33 -2.29
CA ILE C 350 -23.07 -24.41 -1.71
C ILE C 350 -24.37 -24.58 -2.52
N PRO C 351 -25.00 -25.77 -2.43
CA PRO C 351 -26.25 -25.97 -3.11
C PRO C 351 -27.37 -25.06 -2.67
N PHE C 352 -28.28 -24.77 -3.58
CA PHE C 352 -29.54 -24.20 -3.23
C PHE C 352 -30.31 -25.30 -2.47
N SER C 353 -30.85 -24.94 -1.33
CA SER C 353 -31.52 -25.87 -0.45
C SER C 353 -32.57 -25.10 0.28
N GLU C 354 -33.41 -25.82 1.02
CA GLU C 354 -34.45 -25.19 1.80
C GLU C 354 -33.89 -24.24 2.87
N HIS C 355 -32.66 -24.44 3.29
CA HIS C 355 -32.02 -23.51 4.24
C HIS C 355 -31.94 -22.14 3.63
N LEU C 356 -31.63 -22.07 2.33
CA LEU C 356 -31.47 -20.75 1.65
C LEU C 356 -32.79 -20.17 1.16
N GLY C 357 -33.68 -21.04 0.70
CA GLY C 357 -34.94 -20.56 0.17
C GLY C 357 -35.82 -21.63 -0.36
N SER C 358 -36.95 -21.19 -0.89
CA SER C 358 -37.99 -22.14 -1.30
C SER C 358 -38.85 -21.58 -2.40
N LEU C 359 -39.19 -22.42 -3.39
CA LEU C 359 -40.19 -22.07 -4.41
C LEU C 359 -41.55 -22.68 -4.08
N THR C 360 -41.62 -23.48 -3.01
CA THR C 360 -42.86 -24.13 -2.62
C THR C 360 -43.53 -23.55 -1.40
N ALA C 361 -42.81 -22.79 -0.58
CA ALA C 361 -43.37 -22.22 0.65
C ALA C 361 -44.49 -21.25 0.34
N ARG C 362 -44.29 -20.51 -0.74
CA ARG C 362 -45.24 -19.54 -1.24
C ARG C 362 -45.26 -19.63 -2.76
N PRO C 363 -46.00 -20.60 -3.27
CA PRO C 363 -45.95 -20.77 -4.74
C PRO C 363 -46.23 -19.45 -5.53
N GLY C 364 -45.47 -19.26 -6.61
CA GLY C 364 -45.38 -18.04 -7.39
C GLY C 364 -44.37 -17.02 -6.92
N PHE C 365 -43.65 -17.36 -5.85
CA PHE C 365 -42.58 -16.55 -5.31
C PHE C 365 -41.38 -17.40 -5.05
N LEU C 366 -40.22 -16.79 -5.19
CA LEU C 366 -39.00 -17.32 -4.55
C LEU C 366 -38.90 -16.69 -3.17
N ARG C 367 -39.01 -17.50 -2.14
CA ARG C 367 -38.79 -17.09 -0.78
C ARG C 367 -37.34 -17.35 -0.44
N LEU C 368 -36.60 -16.29 -0.11
CA LEU C 368 -35.27 -16.47 0.44
C LEU C 368 -35.29 -16.20 1.94
N TYR C 369 -34.60 -17.02 2.70
CA TYR C 369 -34.46 -16.86 4.15
C TYR C 369 -33.18 -16.10 4.40
N GLY C 370 -33.23 -15.01 5.19
CA GLY C 370 -32.03 -14.26 5.37
C GLY C 370 -30.93 -15.07 6.05
N ARG C 371 -29.75 -15.09 5.46
CA ARG C 371 -28.59 -15.80 6.00
C ARG C 371 -27.42 -14.82 6.08
N GLU C 372 -26.20 -15.31 5.79
CA GLU C 372 -25.00 -14.50 6.03
C GLU C 372 -24.79 -13.42 4.99
N SER C 373 -23.88 -12.50 5.32
CA SER C 373 -23.69 -11.33 4.51
C SER C 373 -23.07 -11.60 3.15
N LEU C 374 -23.04 -10.54 2.36
CA LEU C 374 -22.40 -10.52 1.07
C LEU C 374 -20.87 -10.85 1.12
N GLN C 375 -20.28 -10.62 2.29
CA GLN C 375 -18.88 -10.92 2.52
C GLN C 375 -18.60 -12.38 2.77
N SER C 376 -19.64 -13.17 3.10
CA SER C 376 -19.39 -14.49 3.57
C SER C 376 -19.04 -15.50 2.48
N LYS C 377 -18.01 -16.33 2.74
N LYS C 377 -18.02 -16.35 2.76
CA LYS C 377 -17.62 -17.46 1.88
CA LYS C 377 -17.63 -17.47 1.90
C LYS C 377 -18.25 -18.78 2.36
C LYS C 377 -18.32 -18.78 2.29
N PHE C 378 -19.33 -18.70 3.15
CA PHE C 378 -20.00 -19.87 3.69
C PHE C 378 -21.44 -19.94 3.20
N THR C 379 -22.37 -19.25 3.85
CA THR C 379 -23.81 -19.48 3.61
C THR C 379 -24.57 -18.21 3.25
N GLN C 380 -24.53 -17.87 1.96
CA GLN C 380 -25.30 -16.75 1.46
C GLN C 380 -26.60 -17.22 0.83
N ALA C 381 -27.71 -16.59 1.23
CA ALA C 381 -29.04 -16.80 0.59
C ALA C 381 -29.11 -15.81 -0.54
N HIS C 382 -28.52 -16.20 -1.67
CA HIS C 382 -28.18 -15.28 -2.76
C HIS C 382 -28.17 -16.13 -4.00
N ILE C 383 -29.01 -15.78 -4.96
CA ILE C 383 -29.00 -16.46 -6.26
C ILE C 383 -28.70 -15.39 -7.29
N ALA C 384 -28.00 -15.77 -8.36
CA ALA C 384 -27.58 -14.79 -9.35
C ALA C 384 -27.41 -15.39 -10.69
N ARG C 385 -27.41 -14.53 -11.71
CA ARG C 385 -27.21 -14.91 -13.08
C ARG C 385 -26.19 -13.99 -13.74
N ARG C 386 -25.49 -14.52 -14.76
CA ARG C 386 -24.40 -13.78 -15.38
C ARG C 386 -24.87 -12.52 -16.12
N TRP C 387 -24.05 -11.47 -16.06
CA TRP C 387 -24.15 -10.43 -17.10
C TRP C 387 -23.74 -11.08 -18.42
N GLN C 388 -24.56 -11.01 -19.46
CA GLN C 388 -24.26 -11.59 -20.75
C GLN C 388 -24.35 -10.63 -21.91
N SER C 389 -24.52 -9.36 -21.58
CA SER C 389 -24.45 -8.26 -22.52
C SER C 389 -23.89 -7.05 -21.78
N PHE C 390 -23.35 -6.08 -22.51
CA PHE C 390 -22.95 -4.81 -21.94
C PHE C 390 -24.12 -3.86 -21.69
N ASN C 391 -25.30 -4.15 -22.22
CA ASN C 391 -26.44 -3.29 -22.09
C ASN C 391 -27.68 -4.12 -21.77
N PHE C 392 -28.18 -4.01 -20.55
CA PHE C 392 -29.39 -4.76 -20.15
C PHE C 392 -30.03 -4.09 -18.98
N ASP C 393 -31.32 -4.40 -18.79
CA ASP C 393 -32.04 -4.07 -17.60
C ASP C 393 -32.34 -5.37 -16.87
N ALA C 394 -32.22 -5.34 -15.55
CA ALA C 394 -32.63 -6.49 -14.75
C ALA C 394 -33.40 -5.99 -13.55
N GLY C 395 -34.26 -6.82 -12.99
CA GLY C 395 -35.01 -6.34 -11.85
C GLY C 395 -35.75 -7.41 -11.12
N THR C 396 -36.37 -6.98 -10.04
N THR C 396 -36.33 -7.00 -10.00
CA THR C 396 -37.07 -7.89 -9.18
CA THR C 396 -37.05 -7.91 -9.16
C THR C 396 -38.07 -7.11 -8.34
C THR C 396 -38.12 -7.13 -8.40
N SER C 397 -38.93 -7.81 -7.61
CA SER C 397 -39.68 -7.14 -6.54
C SER C 397 -39.54 -8.00 -5.29
N VAL C 398 -39.58 -7.36 -4.14
CA VAL C 398 -39.47 -8.05 -2.88
C VAL C 398 -40.45 -7.53 -1.83
N GLU C 399 -40.99 -8.48 -1.07
CA GLU C 399 -41.69 -8.24 0.17
C GLU C 399 -40.79 -8.62 1.32
N PHE C 400 -40.48 -7.63 2.17
CA PHE C 400 -39.57 -7.86 3.28
C PHE C 400 -39.95 -6.94 4.42
N SER C 401 -39.98 -7.48 5.63
CA SER C 401 -40.35 -6.69 6.82
C SER C 401 -39.23 -6.70 7.87
N PRO C 402 -38.10 -6.06 7.56
CA PRO C 402 -36.98 -6.04 8.51
C PRO C 402 -37.32 -5.22 9.75
N ASN C 403 -36.80 -5.65 10.87
CA ASN C 403 -36.95 -4.98 12.15
C ASN C 403 -35.66 -4.40 12.69
N SER C 404 -34.57 -4.53 11.93
CA SER C 404 -33.25 -4.07 12.31
C SER C 404 -32.43 -3.84 11.08
N PHE C 405 -31.42 -2.99 11.21
CA PHE C 405 -30.38 -2.84 10.18
C PHE C 405 -29.58 -4.13 9.96
N GLN C 406 -29.74 -5.08 10.86
CA GLN C 406 -29.14 -6.43 10.68
C GLN C 406 -29.76 -7.25 9.52
N GLN C 407 -30.94 -6.82 9.03
CA GLN C 407 -31.58 -7.56 7.97
C GLN C 407 -31.70 -6.67 6.74
N MET C 408 -31.46 -7.25 5.56
CA MET C 408 -31.64 -6.54 4.31
C MET C 408 -31.94 -7.54 3.23
N ALA C 409 -32.69 -7.13 2.22
CA ALA C 409 -32.94 -8.00 1.07
C ALA C 409 -33.15 -7.15 -0.18
N GLY C 410 -32.65 -7.63 -1.31
CA GLY C 410 -32.81 -6.89 -2.54
C GLY C 410 -32.06 -7.43 -3.72
N LEU C 411 -31.68 -6.50 -4.58
CA LEU C 411 -31.04 -6.76 -5.85
C LEU C 411 -29.54 -6.55 -5.69
N THR C 412 -28.76 -7.35 -6.38
CA THR C 412 -27.32 -7.26 -6.28
C THR C 412 -26.67 -7.21 -7.68
N CYS C 413 -25.52 -6.54 -7.78
CA CYS C 413 -24.58 -6.71 -8.87
C CYS C 413 -23.29 -7.17 -8.18
N TYR C 414 -22.76 -8.30 -8.53
CA TYR C 414 -21.81 -8.97 -7.68
C TYR C 414 -20.70 -9.57 -8.52
N TYR C 415 -19.46 -9.39 -8.07
CA TYR C 415 -18.29 -10.05 -8.64
C TYR C 415 -17.70 -11.03 -7.60
N ASN C 416 -17.32 -10.54 -6.43
CA ASN C 416 -16.76 -11.42 -5.40
C ASN C 416 -17.10 -10.84 -4.02
N THR C 417 -16.63 -11.44 -2.96
CA THR C 417 -17.11 -11.11 -1.63
C THR C 417 -16.73 -9.68 -1.21
N GLU C 418 -15.84 -9.02 -1.96
CA GLU C 418 -15.46 -7.64 -1.62
C GLU C 418 -15.58 -6.70 -2.82
N ASN C 419 -16.38 -7.13 -3.80
CA ASN C 419 -16.64 -6.34 -4.99
C ASN C 419 -18.08 -6.58 -5.42
N TRP C 420 -18.95 -5.63 -5.10
CA TRP C 420 -20.39 -5.80 -5.32
C TRP C 420 -21.08 -4.49 -5.03
N SER C 421 -22.34 -4.42 -5.42
CA SER C 421 -23.25 -3.38 -4.95
C SER C 421 -24.62 -4.00 -4.67
N SER C 422 -25.39 -3.37 -3.78
CA SER C 422 -26.64 -3.94 -3.33
C SER C 422 -27.60 -2.80 -3.05
N ILE C 423 -28.78 -2.85 -3.66
CA ILE C 423 -29.89 -1.97 -3.33
C ILE C 423 -30.91 -2.84 -2.62
N HIS C 424 -31.38 -2.42 -1.46
CA HIS C 424 -32.15 -3.32 -0.60
C HIS C 424 -33.13 -2.62 0.31
N VAL C 425 -34.08 -3.41 0.77
CA VAL C 425 -34.99 -3.07 1.84
C VAL C 425 -34.35 -3.44 3.16
N THR C 426 -34.22 -2.47 4.04
CA THR C 426 -33.66 -2.66 5.38
C THR C 426 -34.42 -1.76 6.37
N TRP C 427 -33.84 -1.50 7.53
CA TRP C 427 -34.51 -0.80 8.61
C TRP C 427 -33.58 0.18 9.29
N ASN C 428 -34.15 1.30 9.68
CA ASN C 428 -33.46 2.40 10.36
C ASN C 428 -34.24 2.78 11.61
N GLU C 429 -33.54 3.26 12.61
CA GLU C 429 -34.15 3.58 13.92
C GLU C 429 -35.15 4.72 13.81
N GLU C 430 -34.87 5.68 12.95
N GLU C 430 -34.83 5.73 13.01
CA GLU C 430 -35.73 6.86 12.85
CA GLU C 430 -35.69 6.91 12.78
C GLU C 430 -36.67 6.86 11.66
C GLU C 430 -36.78 6.62 11.74
N LYS C 431 -36.34 6.14 10.59
CA LYS C 431 -37.20 6.08 9.40
C LYS C 431 -37.98 4.79 9.23
N GLY C 432 -37.73 3.76 10.02
CA GLY C 432 -38.33 2.46 9.83
C GLY C 432 -37.81 1.77 8.59
N ARG C 433 -38.66 1.03 7.89
CA ARG C 433 -38.27 0.39 6.65
C ARG C 433 -37.80 1.42 5.67
N ILE C 434 -36.65 1.16 5.05
CA ILE C 434 -36.03 2.03 4.11
C ILE C 434 -35.40 1.28 2.95
N ILE C 435 -35.24 1.98 1.84
CA ILE C 435 -34.35 1.53 0.74
C ILE C 435 -32.97 2.14 1.00
N ASP C 436 -31.95 1.30 0.96
CA ASP C 436 -30.56 1.75 1.11
C ASP C 436 -29.67 1.09 0.05
N LEU C 437 -28.45 1.58 -0.04
CA LEU C 437 -27.43 1.17 -1.03
C LEU C 437 -26.10 0.97 -0.33
N VAL C 438 -25.50 -0.19 -0.57
CA VAL C 438 -24.13 -0.46 -0.07
C VAL C 438 -23.28 -0.93 -1.23
N THR C 439 -22.01 -0.50 -1.24
CA THR C 439 -21.06 -0.91 -2.22
C THR C 439 -19.78 -1.43 -1.59
N ALA C 440 -19.16 -2.39 -2.25
CA ALA C 440 -17.89 -2.94 -1.86
C ALA C 440 -16.94 -2.84 -3.05
N ASP C 441 -15.75 -2.26 -2.83
CA ASP C 441 -14.83 -1.90 -3.87
C ASP C 441 -13.44 -2.34 -3.39
N ASN C 442 -13.01 -3.53 -3.79
CA ASN C 442 -11.76 -4.14 -3.34
C ASN C 442 -11.62 -3.98 -1.84
N GLY C 443 -12.68 -4.27 -1.11
CA GLY C 443 -12.68 -4.29 0.34
C GLY C 443 -12.91 -2.98 1.03
N THR C 444 -13.20 -1.95 0.26
CA THR C 444 -13.63 -0.66 0.82
C THR C 444 -15.14 -0.60 0.69
N PHE C 445 -15.82 -0.46 1.82
CA PHE C 445 -17.27 -0.51 1.88
C PHE C 445 -17.80 0.89 2.02
N SER C 446 -18.79 1.23 1.20
N SER C 446 -18.75 1.27 1.16
CA SER C 446 -19.35 2.57 1.12
CA SER C 446 -19.35 2.58 1.21
C SER C 446 -20.89 2.53 1.23
C SER C 446 -20.87 2.54 1.21
N MET C 447 -21.45 3.59 1.78
CA MET C 447 -22.91 3.79 1.87
C MET C 447 -23.22 5.21 1.36
N PRO C 448 -23.26 5.34 0.02
CA PRO C 448 -23.44 6.66 -0.59
C PRO C 448 -24.80 7.35 -0.35
N LEU C 449 -25.79 6.64 0.09
N LEU C 449 -25.81 6.60 0.09
CA LEU C 449 -27.06 7.31 0.29
CA LEU C 449 -27.16 7.15 0.44
C LEU C 449 -27.21 7.63 1.78
C LEU C 449 -27.26 7.52 1.90
N ALA C 450 -26.13 7.48 2.60
CA ALA C 450 -26.20 7.72 4.04
C ALA C 450 -26.91 9.05 4.30
N GLY C 451 -27.91 9.01 5.18
CA GLY C 451 -28.71 10.20 5.50
C GLY C 451 -29.77 10.59 4.50
N ALA C 452 -29.82 9.92 3.35
CA ALA C 452 -30.83 10.13 2.31
C ALA C 452 -31.54 8.83 1.95
N GLU C 453 -31.66 7.94 2.92
CA GLU C 453 -32.28 6.65 2.70
C GLU C 453 -33.76 6.95 2.39
N ILE C 454 -34.39 6.07 1.62
CA ILE C 454 -35.76 6.33 1.15
C ILE C 454 -36.73 5.59 2.06
N PRO C 455 -37.56 6.34 2.80
CA PRO C 455 -38.51 5.62 3.62
C PRO C 455 -39.54 4.84 2.80
N ILE C 456 -39.87 3.64 3.23
CA ILE C 456 -40.88 2.82 2.56
C ILE C 456 -42.15 2.93 3.41
N PRO C 457 -43.24 3.48 2.86
CA PRO C 457 -44.50 3.54 3.64
C PRO C 457 -45.04 2.17 4.11
N ASP C 458 -45.63 2.10 5.30
CA ASP C 458 -46.21 0.87 5.80
C ASP C 458 -47.15 0.20 4.80
N GLU C 459 -47.88 1.01 4.06
CA GLU C 459 -48.82 0.51 3.04
C GLU C 459 -48.19 -0.12 1.81
N VAL C 460 -46.89 0.10 1.61
CA VAL C 460 -46.18 -0.48 0.47
C VAL C 460 -45.64 -1.84 0.89
N LYS C 461 -46.27 -2.89 0.40
N LYS C 461 -46.23 -2.94 0.43
CA LYS C 461 -45.90 -4.27 0.69
CA LYS C 461 -45.74 -4.28 0.80
C LYS C 461 -44.66 -4.63 -0.13
C LYS C 461 -44.77 -4.89 -0.21
N THR C 462 -44.76 -4.35 -1.42
CA THR C 462 -43.83 -4.81 -2.46
C THR C 462 -42.99 -3.65 -2.97
N VAL C 463 -41.66 -3.81 -2.93
CA VAL C 463 -40.76 -2.84 -3.48
C VAL C 463 -40.10 -3.47 -4.72
N HIS C 464 -40.17 -2.79 -5.85
CA HIS C 464 -39.52 -3.19 -7.09
C HIS C 464 -38.15 -2.53 -7.18
N PHE C 465 -37.15 -3.29 -7.60
CA PHE C 465 -35.81 -2.79 -7.86
C PHE C 465 -35.44 -3.09 -9.30
N LYS C 466 -34.64 -2.19 -9.86
N LYS C 466 -34.70 -2.20 -9.94
CA LYS C 466 -34.23 -2.24 -11.25
CA LYS C 466 -34.21 -2.46 -11.28
C LYS C 466 -32.76 -1.85 -11.36
C LYS C 466 -32.76 -2.00 -11.26
N VAL C 467 -32.00 -2.57 -12.17
CA VAL C 467 -30.66 -2.09 -12.52
C VAL C 467 -30.63 -1.90 -14.04
N SER C 468 -30.08 -0.78 -14.49
N SER C 468 -30.06 -0.78 -14.46
CA SER C 468 -29.88 -0.52 -15.89
CA SER C 468 -29.87 -0.50 -15.86
C SER C 468 -28.40 -0.40 -16.18
C SER C 468 -28.38 -0.44 -16.10
N VAL C 469 -27.87 -1.41 -16.83
CA VAL C 469 -26.45 -1.47 -17.18
C VAL C 469 -26.28 -0.95 -18.60
N ARG C 470 -25.44 0.06 -18.75
CA ARG C 470 -25.19 0.70 -20.03
C ARG C 470 -23.70 0.90 -20.19
N GLY C 471 -23.05 -0.13 -20.66
CA GLY C 471 -21.60 -0.09 -20.85
C GLY C 471 -20.86 0.21 -19.56
N ARG C 472 -20.14 1.31 -19.52
CA ARG C 472 -19.27 1.63 -18.38
C ARG C 472 -20.01 1.97 -17.10
N ILE C 473 -21.28 2.34 -17.20
CA ILE C 473 -22.10 2.82 -16.06
C ILE C 473 -23.29 1.92 -15.85
N TYR C 474 -23.67 1.76 -14.59
CA TYR C 474 -24.98 1.23 -14.28
C TYR C 474 -25.61 2.05 -13.18
N GLN C 475 -26.94 2.01 -13.14
CA GLN C 475 -27.72 2.70 -12.12
C GLN C 475 -28.86 1.83 -11.61
N TYR C 476 -29.20 2.05 -10.35
CA TYR C 476 -30.28 1.38 -9.68
C TYR C 476 -31.46 2.31 -9.61
N ALA C 477 -32.64 1.68 -9.64
CA ALA C 477 -33.90 2.37 -9.50
C ALA C 477 -34.85 1.53 -8.63
N TYR C 478 -35.87 2.20 -8.09
CA TYR C 478 -36.86 1.51 -7.29
C TYR C 478 -38.27 1.99 -7.64
N SER C 479 -39.28 1.22 -7.28
CA SER C 479 -40.65 1.60 -7.49
C SER C 479 -41.50 1.04 -6.39
N PHE C 480 -42.50 1.83 -6.01
CA PHE C 480 -43.53 1.44 -5.03
C PHE C 480 -44.80 0.97 -5.69
N ASP C 481 -44.87 1.04 -7.01
CA ASP C 481 -46.06 0.63 -7.71
C ASP C 481 -45.85 -0.24 -8.92
N GLY C 482 -44.61 -0.47 -9.32
CA GLY C 482 -44.34 -1.29 -10.48
C GLY C 482 -44.40 -0.58 -11.80
N GLU C 483 -44.76 0.70 -11.79
CA GLU C 483 -44.88 1.47 -13.00
C GLU C 483 -43.90 2.63 -13.06
N THR C 484 -43.89 3.45 -12.04
CA THR C 484 -42.98 4.57 -12.03
C THR C 484 -41.76 4.24 -11.19
N PHE C 485 -40.60 4.35 -11.81
CA PHE C 485 -39.32 4.06 -11.17
C PHE C 485 -38.55 5.33 -10.90
N HIS C 486 -37.86 5.36 -9.77
CA HIS C 486 -37.02 6.48 -9.33
C HIS C 486 -35.57 6.03 -9.28
N THR C 487 -34.70 6.71 -10.02
CA THR C 487 -33.30 6.28 -10.10
C THR C 487 -32.54 6.89 -8.95
N LEU C 488 -31.73 6.08 -8.27
CA LEU C 488 -30.87 6.60 -7.23
C LEU C 488 -29.81 7.46 -7.88
N PRO C 489 -29.49 8.61 -7.26
CA PRO C 489 -28.62 9.61 -7.90
C PRO C 489 -27.12 9.29 -7.70
N ILE C 490 -26.70 8.19 -8.30
CA ILE C 490 -25.34 7.69 -8.34
C ILE C 490 -25.12 6.89 -9.61
N GLU C 491 -23.99 7.13 -10.28
CA GLU C 491 -23.59 6.35 -11.45
C GLU C 491 -22.55 5.36 -10.97
N LEU C 492 -22.86 4.09 -10.97
CA LEU C 492 -21.92 3.09 -10.53
C LEU C 492 -21.07 2.55 -11.65
N PRO C 493 -19.82 2.19 -11.33
CA PRO C 493 -18.91 1.77 -12.40
C PRO C 493 -19.01 0.29 -12.74
N SER C 494 -19.51 -0.01 -13.93
CA SER C 494 -19.57 -1.38 -14.38
C SER C 494 -18.18 -2.00 -14.44
N TRP C 495 -17.22 -1.16 -14.81
CA TRP C 495 -15.84 -1.60 -15.02
C TRP C 495 -15.13 -2.08 -13.76
N LYS C 496 -15.68 -1.77 -12.59
CA LYS C 496 -15.15 -2.26 -11.34
C LYS C 496 -15.60 -3.68 -11.02
N LEU C 497 -16.65 -4.15 -11.66
CA LEU C 497 -17.10 -5.54 -11.53
C LEU C 497 -16.48 -6.37 -12.64
N SER C 498 -15.15 -6.45 -12.61
CA SER C 498 -14.44 -7.07 -13.73
C SER C 498 -13.20 -7.78 -13.30
N ASP C 499 -12.81 -8.75 -14.12
CA ASP C 499 -11.59 -9.50 -13.91
C ASP C 499 -10.41 -8.56 -13.75
N ASP C 500 -10.41 -7.46 -14.49
CA ASP C 500 -9.23 -6.59 -14.61
C ASP C 500 -9.11 -5.61 -13.46
N TYR C 501 -10.18 -5.44 -12.69
CA TYR C 501 -10.20 -4.47 -11.58
C TYR C 501 -9.98 -5.11 -10.22
N VAL C 502 -10.53 -6.28 -10.00
CA VAL C 502 -10.51 -6.85 -8.65
C VAL C 502 -9.11 -7.24 -8.23
N ARG C 503 -8.84 -7.08 -6.93
CA ARG C 503 -7.57 -7.43 -6.35
C ARG C 503 -7.53 -8.90 -5.94
N GLY C 504 -6.33 -9.39 -5.71
CA GLY C 504 -6.08 -10.71 -5.22
C GLY C 504 -5.63 -11.65 -6.31
N GLY C 505 -5.26 -12.85 -5.91
CA GLY C 505 -4.76 -13.84 -6.84
C GLY C 505 -5.75 -14.37 -7.83
N GLY C 506 -7.04 -14.32 -7.46
CA GLY C 506 -8.09 -14.96 -8.24
C GLY C 506 -9.00 -13.93 -8.86
N PHE C 507 -9.01 -13.88 -10.18
CA PHE C 507 -9.74 -12.86 -10.93
C PHE C 507 -10.40 -13.48 -12.16
N PHE C 508 -11.16 -14.56 -11.93
CA PHE C 508 -11.45 -15.54 -12.94
C PHE C 508 -12.91 -15.74 -13.26
N THR C 509 -13.79 -14.88 -12.76
CA THR C 509 -15.22 -15.07 -12.96
C THR C 509 -15.83 -14.05 -13.91
N GLY C 510 -16.58 -13.11 -13.38
CA GLY C 510 -17.30 -12.11 -14.13
C GLY C 510 -18.46 -11.57 -13.34
N ALA C 511 -19.05 -10.49 -13.83
CA ALA C 511 -20.18 -9.86 -13.13
C ALA C 511 -21.46 -10.71 -13.23
N PHE C 512 -22.18 -10.74 -12.11
CA PHE C 512 -23.50 -11.34 -11.98
C PHE C 512 -24.49 -10.25 -11.49
N VAL C 513 -25.76 -10.55 -11.71
CA VAL C 513 -26.87 -9.77 -11.17
C VAL C 513 -27.77 -10.75 -10.46
N GLY C 514 -28.13 -10.44 -9.23
CA GLY C 514 -28.90 -11.39 -8.44
C GLY C 514 -29.82 -10.80 -7.40
N ILE C 515 -30.28 -11.66 -6.51
CA ILE C 515 -31.20 -11.29 -5.44
C ILE C 515 -30.78 -12.04 -4.18
N ASN C 516 -30.87 -11.36 -3.05
CA ASN C 516 -30.40 -11.92 -1.82
C ASN C 516 -31.22 -11.49 -0.61
N ALA C 517 -31.02 -12.21 0.48
CA ALA C 517 -31.59 -11.88 1.78
C ALA C 517 -30.53 -12.12 2.81
N ILE C 518 -30.31 -11.14 3.69
CA ILE C 518 -29.34 -11.23 4.80
C ILE C 518 -30.08 -11.02 6.13
N ASP C 519 -29.81 -11.86 7.11
CA ASP C 519 -30.35 -11.63 8.46
C ASP C 519 -29.25 -12.06 9.43
N ILE C 520 -28.49 -11.05 9.88
CA ILE C 520 -27.37 -11.29 10.80
C ILE C 520 -27.88 -11.72 12.17
N THR C 521 -29.11 -11.31 12.53
CA THR C 521 -29.60 -11.61 13.87
C THR C 521 -29.69 -13.11 14.07
N GLY C 522 -30.10 -13.84 13.02
CA GLY C 522 -30.22 -15.27 13.07
C GLY C 522 -31.65 -15.78 12.87
N THR C 523 -32.59 -14.86 12.69
CA THR C 523 -34.01 -15.14 12.61
C THR C 523 -34.51 -15.57 11.22
N ALA C 524 -33.64 -15.70 10.22
CA ALA C 524 -34.04 -16.25 8.95
C ALA C 524 -35.23 -15.52 8.37
N LEU C 525 -35.28 -14.20 8.50
N LEU C 525 -35.25 -14.21 8.47
CA LEU C 525 -36.45 -13.47 8.04
CA LEU C 525 -36.39 -13.43 8.05
C LEU C 525 -36.65 -13.76 6.55
C LEU C 525 -36.66 -13.66 6.54
N PRO C 526 -37.91 -14.01 6.15
CA PRO C 526 -38.20 -14.30 4.76
C PRO C 526 -38.35 -13.10 3.87
N ALA C 527 -37.80 -13.19 2.66
CA ALA C 527 -37.95 -12.18 1.63
C ALA C 527 -38.59 -12.88 0.43
N ASP C 528 -39.73 -12.35 0.00
CA ASP C 528 -40.51 -12.99 -1.05
C ASP C 528 -40.39 -12.19 -2.34
N PHE C 529 -39.79 -12.83 -3.33
CA PHE C 529 -39.52 -12.24 -4.62
C PHE C 529 -40.48 -12.81 -5.69
N ASP C 530 -41.29 -11.92 -6.24
CA ASP C 530 -42.33 -12.27 -7.21
C ASP C 530 -41.78 -12.63 -8.56
N TYR C 531 -40.69 -12.00 -8.97
CA TYR C 531 -40.17 -12.17 -10.30
C TYR C 531 -38.68 -11.81 -10.34
N PHE C 532 -38.04 -12.21 -11.42
CA PHE C 532 -36.71 -11.76 -11.77
C PHE C 532 -36.66 -11.51 -13.26
N THR C 533 -36.33 -10.30 -13.65
N THR C 533 -36.46 -10.26 -13.66
CA THR C 533 -36.33 -9.93 -15.04
CA THR C 533 -36.35 -9.90 -15.08
C THR C 533 -34.92 -9.61 -15.53
C THR C 533 -34.90 -9.70 -15.50
N TYR C 534 -34.62 -10.05 -16.75
CA TYR C 534 -33.32 -9.83 -17.37
C TYR C 534 -33.60 -9.62 -18.86
N LYS C 535 -33.34 -8.41 -19.32
CA LYS C 535 -33.64 -8.02 -20.69
C LYS C 535 -32.44 -7.33 -21.31
N GLU C 536 -31.86 -7.96 -22.30
CA GLU C 536 -30.72 -7.35 -23.01
C GLU C 536 -31.21 -6.38 -24.04
N LEU C 537 -30.60 -5.18 -24.13
CA LEU C 537 -30.97 -4.18 -25.13
C LEU C 537 -30.55 -4.54 -26.54
N MET D 1 1.75 -20.46 48.13
CA MET D 1 2.32 -19.66 47.03
C MET D 1 1.28 -18.74 46.44
N ASN D 2 1.71 -17.57 46.01
CA ASN D 2 0.74 -16.67 45.39
C ASN D 2 0.49 -17.00 43.93
N ILE D 3 -0.59 -16.39 43.42
CA ILE D 3 -0.84 -16.41 42.00
C ILE D 3 0.30 -15.67 41.30
N GLN D 4 0.86 -16.28 40.28
CA GLN D 4 1.89 -15.69 39.46
C GLN D 4 1.39 -15.65 38.04
N ASN D 5 1.05 -14.44 37.63
CA ASN D 5 0.50 -14.24 36.30
C ASN D 5 1.53 -14.23 35.17
N PRO D 6 1.11 -14.60 33.96
CA PRO D 6 -0.18 -15.18 33.65
C PRO D 6 -0.27 -16.60 34.13
N VAL D 7 -1.45 -17.00 34.60
CA VAL D 7 -1.64 -18.38 35.06
C VAL D 7 -1.82 -19.35 33.92
N LEU D 8 -2.34 -18.90 32.77
CA LEU D 8 -2.39 -19.70 31.56
C LEU D 8 -1.53 -19.03 30.53
N LYS D 9 -0.37 -19.62 30.26
CA LYS D 9 0.63 -19.03 29.41
C LYS D 9 0.44 -19.32 27.95
N GLY D 10 1.03 -18.49 27.12
CA GLY D 10 0.82 -18.56 25.70
C GLY D 10 -0.64 -18.37 25.34
N PHE D 11 -0.96 -18.71 24.10
CA PHE D 11 -2.25 -18.41 23.49
C PHE D 11 -3.41 -18.99 24.31
N ASN D 12 -4.08 -18.11 25.03
CA ASN D 12 -5.13 -18.52 25.99
C ASN D 12 -6.00 -17.31 26.31
N PRO D 13 -6.73 -16.81 25.29
CA PRO D 13 -7.41 -15.54 25.46
C PRO D 13 -8.82 -15.70 26.03
N ASP D 14 -9.44 -14.57 26.25
CA ASP D 14 -10.87 -14.50 26.55
C ASP D 14 -11.29 -15.48 27.65
N PRO D 15 -10.65 -15.40 28.82
CA PRO D 15 -10.97 -16.38 29.83
C PRO D 15 -12.36 -16.24 30.44
N SER D 16 -13.06 -17.35 30.46
CA SER D 16 -14.34 -17.49 31.17
C SER D 16 -14.13 -18.44 32.34
N ILE D 17 -14.07 -17.88 33.54
CA ILE D 17 -13.86 -18.63 34.77
C ILE D 17 -15.19 -18.97 35.41
N VAL D 18 -15.27 -20.14 36.00
CA VAL D 18 -16.41 -20.62 36.72
C VAL D 18 -15.97 -21.46 37.89
N ARG D 19 -16.73 -21.35 38.98
CA ARG D 19 -16.63 -22.29 40.11
C ARG D 19 -17.79 -23.25 40.09
N ALA D 20 -17.50 -24.53 40.22
CA ALA D 20 -18.50 -25.60 40.40
C ALA D 20 -18.07 -26.33 41.66
N GLY D 21 -18.70 -25.99 42.79
CA GLY D 21 -18.31 -26.57 44.07
C GLY D 21 -16.89 -26.13 44.43
N ASP D 22 -16.00 -27.10 44.64
CA ASP D 22 -14.62 -26.87 44.97
C ASP D 22 -13.72 -26.77 43.75
N ASP D 23 -14.30 -26.93 42.56
CA ASP D 23 -13.50 -26.94 41.34
C ASP D 23 -13.66 -25.61 40.61
N TYR D 24 -12.54 -25.15 40.03
CA TYR D 24 -12.53 -24.00 39.16
C TYR D 24 -12.12 -24.39 37.76
N TYR D 25 -12.73 -23.77 36.77
CA TYR D 25 -12.40 -24.02 35.39
C TYR D 25 -12.30 -22.66 34.70
N ILE D 26 -11.40 -22.60 33.73
CA ILE D 26 -11.30 -21.47 32.78
C ILE D 26 -11.39 -22.04 31.37
N ALA D 27 -12.34 -21.51 30.59
CA ALA D 27 -12.43 -21.78 29.17
C ALA D 27 -11.75 -20.61 28.42
N THR D 28 -10.90 -20.94 27.44
CA THR D 28 -10.27 -19.92 26.61
C THR D 28 -10.57 -20.18 25.13
N SER D 29 -10.50 -19.11 24.34
CA SER D 29 -10.79 -19.16 22.92
C SER D 29 -9.67 -19.83 22.13
N THR D 30 -10.03 -20.56 21.07
CA THR D 30 -9.10 -21.35 20.28
C THR D 30 -9.11 -21.02 18.77
N PHE D 31 -10.04 -20.16 18.31
CA PHE D 31 -10.03 -19.68 16.93
C PHE D 31 -10.00 -20.85 15.97
N GLU D 32 -9.06 -20.89 15.05
CA GLU D 32 -9.00 -21.99 14.07
C GLU D 32 -8.35 -23.30 14.56
N TRP D 33 -7.84 -23.32 15.80
CA TRP D 33 -7.15 -24.49 16.29
C TRP D 33 -8.14 -25.53 16.85
N PHE D 34 -7.88 -26.79 16.55
CA PHE D 34 -8.82 -27.88 16.82
C PHE D 34 -8.17 -28.96 17.67
N PRO D 35 -8.89 -29.52 18.68
CA PRO D 35 -10.25 -29.28 19.10
C PRO D 35 -10.50 -27.96 19.79
N GLY D 36 -11.74 -27.53 19.78
CA GLY D 36 -12.06 -26.15 20.22
C GLY D 36 -12.44 -26.05 21.68
N VAL D 37 -12.16 -24.85 22.20
CA VAL D 37 -12.34 -24.38 23.56
C VAL D 37 -11.40 -25.12 24.51
N GLN D 38 -10.32 -24.47 24.90
CA GLN D 38 -9.43 -25.05 25.93
C GLN D 38 -10.11 -24.88 27.29
N ILE D 39 -10.06 -25.91 28.10
CA ILE D 39 -10.51 -25.83 29.47
C ILE D 39 -9.42 -26.29 30.40
N HIS D 40 -9.05 -25.37 31.32
CA HIS D 40 -8.09 -25.66 32.39
C HIS D 40 -8.85 -25.71 33.70
N HIS D 41 -8.29 -26.46 34.65
CA HIS D 41 -8.88 -26.71 35.94
C HIS D 41 -7.90 -26.32 37.05
N SER D 42 -8.43 -25.95 38.20
CA SER D 42 -7.68 -25.64 39.41
C SER D 42 -8.58 -25.84 40.63
N LYS D 43 -7.95 -26.05 41.79
CA LYS D 43 -8.68 -26.04 43.04
C LYS D 43 -8.27 -24.86 43.91
N ASP D 44 -7.33 -24.02 43.47
CA ASP D 44 -6.79 -22.97 44.34
C ASP D 44 -6.49 -21.66 43.62
N LEU D 45 -6.78 -21.60 42.30
CA LEU D 45 -6.49 -20.42 41.46
C LEU D 45 -5.01 -20.17 41.14
N VAL D 46 -4.13 -20.95 41.78
CA VAL D 46 -2.67 -20.78 41.64
C VAL D 46 -2.09 -21.78 40.66
N HIS D 47 -2.50 -23.03 40.82
CA HIS D 47 -2.04 -24.15 40.00
C HIS D 47 -3.09 -24.62 39.03
N TRP D 48 -2.73 -24.67 37.73
CA TRP D 48 -3.70 -24.96 36.68
C TRP D 48 -3.21 -26.10 35.83
N HIS D 49 -4.12 -26.90 35.28
CA HIS D 49 -3.75 -27.92 34.31
C HIS D 49 -4.79 -27.99 33.22
N LEU D 50 -4.34 -28.26 32.00
CA LEU D 50 -5.22 -28.40 30.83
C LEU D 50 -5.94 -29.73 30.85
N VAL D 51 -7.27 -29.71 30.79
CA VAL D 51 -8.01 -30.94 31.00
C VAL D 51 -9.00 -31.32 29.91
N ALA D 52 -9.44 -30.39 29.07
CA ALA D 52 -10.49 -30.73 28.13
C ALA D 52 -10.54 -29.76 26.95
N HIS D 53 -11.12 -30.25 25.86
CA HIS D 53 -11.56 -29.46 24.70
C HIS D 53 -12.89 -29.99 24.22
N PRO D 54 -14.02 -29.37 24.65
CA PRO D 54 -15.31 -29.94 24.34
C PRO D 54 -15.65 -30.09 22.87
N LEU D 55 -15.10 -29.24 22.00
CA LEU D 55 -15.59 -29.16 20.62
C LEU D 55 -14.66 -30.05 19.82
N SER D 56 -14.96 -31.35 19.87
CA SER D 56 -14.01 -32.40 19.48
C SER D 56 -14.33 -33.12 18.21
N THR D 57 -15.44 -32.80 17.57
CA THR D 57 -15.83 -33.43 16.29
C THR D 57 -16.43 -32.37 15.41
N THR D 58 -16.59 -32.68 14.13
CA THR D 58 -17.19 -31.73 13.20
C THR D 58 -18.67 -31.50 13.43
N GLU D 59 -19.31 -32.36 14.21
CA GLU D 59 -20.69 -32.11 14.59
C GLU D 59 -20.73 -30.91 15.55
N PHE D 60 -19.70 -30.75 16.35
CA PHE D 60 -19.58 -29.58 17.23
C PHE D 60 -19.05 -28.35 16.52
N LEU D 61 -18.09 -28.56 15.61
CA LEU D 61 -17.30 -27.45 15.14
C LEU D 61 -16.71 -27.82 13.77
N ASP D 62 -17.17 -27.14 12.73
CA ASP D 62 -16.78 -27.40 11.34
C ASP D 62 -16.12 -26.15 10.80
N MET D 63 -14.79 -26.16 10.80
CA MET D 63 -13.99 -24.98 10.50
C MET D 63 -13.13 -25.07 9.25
N LYS D 64 -13.23 -26.14 8.46
N LYS D 64 -13.29 -26.13 8.47
CA LYS D 64 -12.47 -26.14 7.25
CA LYS D 64 -12.62 -26.24 7.20
C LYS D 64 -12.92 -24.93 6.44
C LYS D 64 -12.95 -24.98 6.36
N GLY D 65 -11.90 -24.26 5.89
CA GLY D 65 -12.08 -23.06 5.15
C GLY D 65 -12.19 -21.78 5.98
N ASN D 66 -12.33 -21.85 7.30
CA ASN D 66 -12.48 -20.66 8.09
C ASN D 66 -11.31 -19.74 7.92
N PRO D 67 -11.52 -18.41 7.99
CA PRO D 67 -10.41 -17.49 7.92
C PRO D 67 -9.47 -17.67 9.12
N ASP D 68 -8.23 -17.28 8.96
CA ASP D 68 -7.33 -17.14 10.09
C ASP D 68 -7.91 -16.21 11.12
N SER D 69 -7.90 -16.64 12.38
CA SER D 69 -8.46 -15.90 13.51
C SER D 69 -10.00 -15.76 13.42
N GLY D 70 -10.61 -16.62 12.60
CA GLY D 70 -12.02 -16.90 12.73
C GLY D 70 -12.25 -18.08 13.65
N GLY D 71 -13.31 -18.84 13.44
CA GLY D 71 -13.59 -19.93 14.34
C GLY D 71 -13.95 -19.50 15.74
N ILE D 72 -13.43 -20.21 16.74
CA ILE D 72 -13.91 -20.07 18.11
C ILE D 72 -13.40 -18.78 18.74
N TRP D 73 -14.29 -17.83 18.89
CA TRP D 73 -14.03 -16.59 19.60
C TRP D 73 -14.30 -16.78 21.10
N ALA D 74 -14.49 -15.73 21.87
CA ALA D 74 -14.59 -15.89 23.31
C ALA D 74 -15.66 -16.89 23.70
N PRO D 75 -15.35 -17.87 24.54
CA PRO D 75 -16.37 -18.86 25.03
C PRO D 75 -16.95 -18.41 26.37
N ASP D 76 -18.05 -18.99 26.76
CA ASP D 76 -18.64 -18.69 28.06
C ASP D 76 -19.00 -20.02 28.71
N LEU D 77 -18.40 -20.29 29.85
CA LEU D 77 -18.60 -21.53 30.57
C LEU D 77 -19.22 -21.22 31.92
N SER D 78 -20.36 -21.83 32.18
CA SER D 78 -21.10 -21.61 33.43
C SER D 78 -21.54 -22.95 33.98
N TYR D 79 -22.01 -22.93 35.21
CA TYR D 79 -22.42 -24.14 35.92
C TYR D 79 -23.69 -23.87 36.69
N ALA D 80 -24.69 -24.68 36.42
CA ALA D 80 -26.02 -24.53 37.03
C ALA D 80 -26.86 -25.75 36.80
N ASP D 81 -27.77 -26.03 37.72
CA ASP D 81 -28.74 -27.11 37.57
C ASP D 81 -28.03 -28.42 37.30
N GLY D 82 -26.86 -28.62 37.94
CA GLY D 82 -26.14 -29.89 37.82
C GLY D 82 -25.38 -30.14 36.53
N LYS D 83 -25.19 -29.09 35.75
CA LYS D 83 -24.40 -29.22 34.54
C LYS D 83 -23.65 -27.96 34.16
N PHE D 84 -22.62 -28.22 33.36
CA PHE D 84 -21.91 -27.17 32.68
C PHE D 84 -22.69 -26.76 31.46
N TRP D 85 -22.62 -25.46 31.19
CA TRP D 85 -23.19 -24.86 30.01
C TRP D 85 -22.08 -24.11 29.28
N LEU D 86 -21.85 -24.44 28.01
CA LEU D 86 -20.83 -23.81 27.21
C LEU D 86 -21.52 -23.07 26.06
N ILE D 87 -21.35 -21.76 26.01
CA ILE D 87 -21.69 -20.98 24.84
C ILE D 87 -20.45 -20.79 24.01
N TYR D 88 -20.55 -21.05 22.72
CA TYR D 88 -19.41 -20.86 21.84
C TYR D 88 -19.83 -20.27 20.53
N THR D 89 -18.87 -19.67 19.84
CA THR D 89 -19.14 -18.86 18.66
C THR D 89 -18.18 -19.24 17.55
N ASP D 90 -18.74 -19.61 16.39
CA ASP D 90 -17.99 -19.88 15.15
C ASP D 90 -18.08 -18.65 14.27
N VAL D 91 -16.98 -17.92 14.13
CA VAL D 91 -16.92 -16.71 13.33
C VAL D 91 -16.39 -17.03 11.93
N LYS D 92 -17.17 -16.66 10.93
CA LYS D 92 -16.91 -16.93 9.54
C LYS D 92 -16.32 -15.79 8.76
N VAL D 93 -16.51 -14.54 9.22
CA VAL D 93 -15.99 -13.35 8.54
C VAL D 93 -15.32 -12.48 9.60
N VAL D 94 -14.05 -12.13 9.35
CA VAL D 94 -13.21 -11.46 10.36
C VAL D 94 -12.69 -10.10 9.94
N ASP D 95 -13.10 -9.59 8.78
N ASP D 95 -13.16 -9.56 8.84
CA ASP D 95 -12.70 -8.25 8.37
CA ASP D 95 -12.77 -8.23 8.47
C ASP D 95 -13.77 -7.63 7.50
C ASP D 95 -13.89 -7.61 7.66
N GLY D 96 -13.80 -6.31 7.50
CA GLY D 96 -14.76 -5.57 6.74
C GLY D 96 -15.97 -5.16 7.55
N MET D 97 -17.10 -4.91 6.89
CA MET D 97 -18.26 -4.31 7.56
C MET D 97 -19.11 -5.24 8.36
N TRP D 98 -19.05 -6.55 8.09
CA TRP D 98 -19.77 -7.53 8.87
C TRP D 98 -18.81 -8.43 9.63
N LYS D 99 -19.38 -9.20 10.58
CA LYS D 99 -18.63 -10.17 11.38
C LYS D 99 -19.48 -11.43 11.53
N ASP D 100 -19.90 -12.00 10.41
CA ASP D 100 -20.80 -13.14 10.39
C ASP D 100 -20.33 -14.24 11.31
N CYS D 101 -21.23 -14.66 12.20
CA CYS D 101 -20.92 -15.66 13.21
C CYS D 101 -22.17 -16.36 13.69
N HIS D 102 -21.97 -17.43 14.45
CA HIS D 102 -23.09 -18.21 15.00
C HIS D 102 -22.72 -18.61 16.41
N ASN D 103 -23.63 -18.39 17.34
CA ASN D 103 -23.48 -18.74 18.75
C ASN D 103 -24.29 -19.98 19.05
N TYR D 104 -23.68 -20.92 19.76
CA TYR D 104 -24.24 -22.23 20.05
C TYR D 104 -24.19 -22.49 21.56
N LEU D 105 -25.08 -23.35 22.04
CA LEU D 105 -25.07 -23.87 23.39
C LEU D 105 -24.87 -25.38 23.37
N THR D 106 -23.96 -25.85 24.21
CA THR D 106 -23.79 -27.28 24.52
C THR D 106 -23.64 -27.43 26.03
N THR D 107 -24.05 -28.56 26.55
CA THR D 107 -24.04 -28.82 27.99
C THR D 107 -23.45 -30.19 28.31
N ALA D 108 -23.00 -30.36 29.56
CA ALA D 108 -22.38 -31.64 30.00
C ALA D 108 -22.46 -31.71 31.50
N GLU D 109 -22.56 -32.93 32.02
N GLU D 109 -22.65 -32.92 32.03
CA GLU D 109 -22.45 -33.14 33.48
CA GLU D 109 -22.58 -33.16 33.47
C GLU D 109 -21.01 -33.38 33.95
C GLU D 109 -21.13 -33.04 33.98
N ASP D 110 -20.10 -33.65 33.03
N ASP D 110 -20.19 -33.48 33.16
CA ASP D 110 -18.68 -33.75 33.34
CA ASP D 110 -18.80 -33.46 33.53
C ASP D 110 -17.95 -32.86 32.35
C ASP D 110 -17.99 -32.82 32.42
N ILE D 111 -16.93 -32.16 32.81
CA ILE D 111 -16.17 -31.32 31.91
C ILE D 111 -15.58 -32.07 30.74
N LYS D 112 -15.26 -33.34 30.93
CA LYS D 112 -14.72 -34.12 29.83
C LYS D 112 -15.78 -34.65 28.87
N GLY D 113 -17.04 -34.38 29.14
CA GLY D 113 -18.08 -34.87 28.28
C GLY D 113 -18.75 -36.11 28.85
N PRO D 114 -19.73 -36.63 28.11
CA PRO D 114 -20.12 -36.15 26.77
C PRO D 114 -20.87 -34.84 26.81
N TRP D 115 -20.68 -34.06 25.75
CA TRP D 115 -21.38 -32.80 25.54
C TRP D 115 -22.58 -33.01 24.63
N SER D 116 -23.65 -32.26 24.88
CA SER D 116 -24.89 -32.41 24.13
C SER D 116 -24.79 -31.77 22.76
N LYS D 117 -25.56 -32.31 21.85
CA LYS D 117 -25.58 -31.79 20.50
C LYS D 117 -25.87 -30.28 20.54
N PRO D 118 -25.07 -29.50 19.82
CA PRO D 118 -25.27 -28.05 19.96
C PRO D 118 -26.59 -27.51 19.49
N ILE D 119 -27.02 -26.48 20.18
CA ILE D 119 -28.20 -25.70 19.87
C ILE D 119 -27.77 -24.33 19.31
N LEU D 120 -28.17 -24.01 18.09
CA LEU D 120 -27.87 -22.75 17.48
C LEU D 120 -28.78 -21.68 18.07
N LEU D 121 -28.19 -20.62 18.63
CA LEU D 121 -28.91 -19.58 19.32
C LEU D 121 -29.22 -18.39 18.43
N ASN D 122 -28.18 -17.81 17.85
CA ASN D 122 -28.29 -16.54 17.13
C ASN D 122 -26.95 -16.17 16.48
N GLY D 123 -26.93 -15.07 15.79
CA GLY D 123 -25.73 -14.52 15.14
C GLY D 123 -25.61 -13.01 15.23
N ALA D 124 -26.38 -12.38 16.13
CA ALA D 124 -26.48 -10.94 16.17
C ALA D 124 -25.20 -10.22 16.57
N GLY D 125 -24.31 -10.99 17.21
CA GLY D 125 -22.99 -10.50 17.60
C GLY D 125 -22.29 -11.66 18.26
N PHE D 126 -21.02 -11.48 18.52
CA PHE D 126 -20.18 -12.46 19.19
C PHE D 126 -20.19 -12.18 20.70
N ASP D 127 -19.39 -12.93 21.44
CA ASP D 127 -19.29 -12.78 22.88
C ASP D 127 -20.62 -13.07 23.57
N ALA D 128 -21.28 -14.12 23.13
CA ALA D 128 -22.50 -14.53 23.81
C ALA D 128 -22.13 -15.20 25.15
N SER D 129 -22.95 -14.93 26.16
CA SER D 129 -22.73 -15.39 27.53
C SER D 129 -24.08 -15.70 28.15
N LEU D 130 -24.18 -16.81 28.87
CA LEU D 130 -25.38 -17.28 29.51
C LEU D 130 -25.41 -16.98 30.98
N PHE D 131 -26.49 -16.37 31.40
CA PHE D 131 -26.71 -15.94 32.76
C PHE D 131 -27.81 -16.75 33.38
N HIS D 132 -27.56 -17.23 34.57
CA HIS D 132 -28.50 -18.06 35.34
C HIS D 132 -29.11 -17.22 36.43
N ASP D 133 -30.27 -16.65 36.15
CA ASP D 133 -30.92 -15.75 37.11
C ASP D 133 -31.38 -16.54 38.34
N PRO D 134 -31.30 -15.95 39.54
CA PRO D 134 -31.78 -16.69 40.70
C PRO D 134 -33.25 -17.12 40.65
N SER D 135 -34.02 -16.53 39.76
CA SER D 135 -35.40 -16.96 39.53
C SER D 135 -35.54 -18.34 38.89
N GLY D 136 -34.48 -18.85 38.27
CA GLY D 136 -34.52 -20.05 37.46
C GLY D 136 -34.55 -19.72 35.98
N LYS D 137 -34.94 -18.49 35.62
CA LYS D 137 -34.83 -18.10 34.20
C LYS D 137 -33.37 -18.01 33.75
N LYS D 138 -33.17 -18.17 32.44
CA LYS D 138 -31.84 -18.05 31.80
C LYS D 138 -31.88 -16.93 30.77
N TYR D 139 -30.77 -16.21 30.66
CA TYR D 139 -30.66 -15.06 29.73
C TYR D 139 -29.35 -15.12 28.97
N LEU D 140 -29.39 -14.74 27.69
CA LEU D 140 -28.21 -14.63 26.86
C LEU D 140 -27.94 -13.15 26.67
N VAL D 141 -26.69 -12.77 26.90
CA VAL D 141 -26.19 -11.46 26.51
C VAL D 141 -25.14 -11.63 25.42
N ASN D 142 -25.09 -10.72 24.47
CA ASN D 142 -24.07 -10.71 23.44
C ASN D 142 -23.82 -9.29 23.00
N MET D 143 -22.70 -9.03 22.32
CA MET D 143 -22.61 -7.71 21.68
C MET D 143 -23.56 -7.72 20.48
N TYR D 144 -23.93 -6.53 20.02
CA TYR D 144 -24.83 -6.42 18.87
C TYR D 144 -24.07 -5.66 17.78
N TRP D 145 -23.91 -6.29 16.62
CA TRP D 145 -23.13 -5.74 15.52
C TRP D 145 -23.89 -4.80 14.61
N ASP D 146 -23.37 -3.59 14.41
CA ASP D 146 -23.93 -2.62 13.46
C ASP D 146 -22.92 -2.49 12.32
N GLN D 147 -23.29 -2.97 11.14
CA GLN D 147 -22.47 -2.95 9.96
C GLN D 147 -22.33 -1.60 9.30
N ARG D 148 -23.23 -0.68 9.61
CA ARG D 148 -23.31 0.56 8.86
C ARG D 148 -22.00 1.32 8.94
N VAL D 149 -21.47 1.76 7.80
CA VAL D 149 -20.04 2.07 7.66
C VAL D 149 -19.67 3.39 8.32
N TYR D 150 -20.66 4.25 8.59
CA TYR D 150 -20.50 5.54 9.27
C TYR D 150 -20.66 5.45 10.77
N HIS D 151 -20.93 4.22 11.27
CA HIS D 151 -21.05 4.00 12.71
C HIS D 151 -19.90 3.14 13.25
N HIS D 152 -19.68 3.26 14.53
CA HIS D 152 -18.89 2.28 15.25
C HIS D 152 -19.62 0.95 15.25
N ASN D 153 -18.95 -0.16 15.08
CA ASN D 153 -19.68 -1.42 14.85
C ASN D 153 -20.32 -1.99 16.12
N PHE D 154 -19.90 -1.51 17.28
CA PHE D 154 -20.23 -2.12 18.56
C PHE D 154 -21.43 -1.31 19.13
N TYR D 155 -22.63 -1.80 18.79
CA TYR D 155 -23.89 -1.08 19.06
C TYR D 155 -24.31 -1.18 20.52
N GLY D 156 -23.64 -2.01 21.29
CA GLY D 156 -23.98 -2.24 22.68
C GLY D 156 -24.25 -3.69 22.96
N ILE D 157 -24.90 -3.95 24.11
CA ILE D 157 -25.13 -5.28 24.62
C ILE D 157 -26.63 -5.59 24.51
N ALA D 158 -26.92 -6.70 23.84
CA ALA D 158 -28.29 -7.18 23.68
C ALA D 158 -28.57 -8.25 24.71
N LEU D 159 -29.84 -8.30 25.16
CA LEU D 159 -30.34 -9.27 26.11
C LEU D 159 -31.56 -9.96 25.54
N GLN D 160 -31.61 -11.27 25.67
CA GLN D 160 -32.83 -12.03 25.48
C GLN D 160 -32.90 -13.16 26.49
N GLU D 161 -34.11 -13.50 26.91
CA GLU D 161 -34.31 -14.69 27.70
C GLU D 161 -34.12 -15.91 26.81
N TYR D 162 -33.49 -16.94 27.38
CA TYR D 162 -33.31 -18.21 26.73
C TYR D 162 -34.30 -19.20 27.31
N SER D 163 -35.14 -19.79 26.45
CA SER D 163 -36.07 -20.81 26.87
C SER D 163 -35.41 -22.16 26.88
N VAL D 164 -35.27 -22.71 28.08
CA VAL D 164 -34.85 -24.06 28.21
C VAL D 164 -36.04 -24.95 27.70
N ALA D 165 -37.29 -24.50 27.81
CA ALA D 165 -38.44 -25.32 27.34
C ALA D 165 -38.41 -25.53 25.82
N GLU D 166 -38.06 -24.50 25.08
CA GLU D 166 -38.14 -24.54 23.65
C GLU D 166 -36.78 -24.47 22.92
N GLU D 167 -35.70 -24.38 23.69
CA GLU D 167 -34.33 -24.31 23.13
C GLU D 167 -34.18 -23.21 22.12
N LYS D 168 -34.61 -22.04 22.52
CA LYS D 168 -34.54 -20.87 21.67
C LYS D 168 -34.52 -19.61 22.52
N LEU D 169 -34.02 -18.54 21.96
CA LEU D 169 -34.20 -17.23 22.49
C LEU D 169 -35.62 -16.73 22.29
N ILE D 170 -36.16 -16.14 23.33
CA ILE D 170 -37.53 -15.64 23.38
C ILE D 170 -37.58 -14.19 22.90
N GLY D 171 -38.64 -13.83 22.17
CA GLY D 171 -38.86 -12.44 21.87
C GLY D 171 -37.83 -11.91 20.90
N LYS D 172 -37.35 -10.71 21.15
CA LYS D 172 -36.43 -10.05 20.20
C LYS D 172 -35.31 -9.40 21.01
N PRO D 173 -34.17 -9.16 20.36
CA PRO D 173 -33.08 -8.49 21.06
C PRO D 173 -33.52 -7.19 21.68
N GLU D 174 -33.08 -6.94 22.91
CA GLU D 174 -33.25 -5.68 23.59
C GLU D 174 -31.87 -5.16 23.97
N ILE D 175 -31.55 -3.95 23.53
CA ILE D 175 -30.25 -3.36 23.86
C ILE D 175 -30.36 -2.75 25.26
N ILE D 176 -29.66 -3.30 26.22
CA ILE D 176 -29.74 -2.91 27.60
C ILE D 176 -28.62 -1.97 28.03
N TYR D 177 -27.59 -1.82 27.20
CA TYR D 177 -26.42 -1.07 27.59
C TYR D 177 -25.66 -0.67 26.36
N LYS D 178 -25.18 0.57 26.30
CA LYS D 178 -24.44 1.08 25.16
C LYS D 178 -22.94 1.20 25.39
N GLY D 179 -22.46 0.96 26.62
CA GLY D 179 -21.06 1.12 26.93
C GLY D 179 -20.65 2.53 27.28
N THR D 180 -19.35 2.72 27.46
CA THR D 180 -18.81 4.02 27.76
C THR D 180 -18.20 4.64 26.51
N ASP D 181 -17.62 5.83 26.66
CA ASP D 181 -16.91 6.47 25.57
C ASP D 181 -15.77 5.62 25.03
N ILE D 182 -15.22 4.71 25.83
CA ILE D 182 -14.08 3.91 25.41
C ILE D 182 -14.51 2.90 24.31
N ALA D 183 -15.78 2.50 24.32
CA ALA D 183 -16.41 1.77 23.23
C ALA D 183 -15.78 0.42 22.96
N TYR D 184 -15.93 -0.10 21.74
CA TYR D 184 -15.65 -1.53 21.48
C TYR D 184 -16.26 -2.39 22.60
N THR D 185 -17.51 -2.10 22.94
CA THR D 185 -18.14 -2.72 24.09
C THR D 185 -18.50 -4.18 23.75
N GLU D 186 -17.84 -5.11 24.43
CA GLU D 186 -18.00 -6.54 24.13
C GLU D 186 -17.83 -7.35 25.41
N GLY D 187 -17.64 -8.64 25.27
CA GLY D 187 -17.50 -9.53 26.43
C GLY D 187 -18.46 -9.35 27.55
N PRO D 188 -19.76 -9.18 27.28
CA PRO D 188 -20.70 -8.96 28.39
C PRO D 188 -20.85 -10.18 29.27
N HIS D 189 -20.90 -9.94 30.58
CA HIS D 189 -21.29 -10.95 31.54
C HIS D 189 -22.17 -10.30 32.59
N LEU D 190 -23.26 -10.98 32.93
CA LEU D 190 -24.13 -10.60 34.01
C LEU D 190 -23.87 -11.38 35.28
N TYR D 191 -24.05 -10.71 36.42
CA TYR D 191 -23.91 -11.30 37.73
C TYR D 191 -25.01 -10.73 38.60
N TYR D 192 -25.51 -11.55 39.52
CA TYR D 192 -26.46 -11.13 40.54
C TYR D 192 -25.74 -11.13 41.86
N ILE D 193 -25.51 -9.92 42.35
CA ILE D 193 -24.66 -9.68 43.55
C ILE D 193 -25.31 -8.49 44.31
N ASN D 194 -25.34 -8.51 45.61
CA ASN D 194 -25.91 -7.41 46.40
C ASN D 194 -27.36 -7.15 46.02
N ASP D 195 -28.10 -8.21 45.72
CA ASP D 195 -29.52 -8.11 45.32
C ASP D 195 -29.71 -7.19 44.14
N MET D 196 -28.72 -7.15 43.26
CA MET D 196 -28.92 -6.46 42.01
C MET D 196 -28.02 -7.03 40.92
N TYR D 197 -28.20 -6.49 39.74
CA TYR D 197 -27.52 -6.95 38.56
C TYR D 197 -26.29 -6.13 38.22
N TYR D 198 -25.20 -6.83 37.94
CA TYR D 198 -23.97 -6.23 37.47
C TYR D 198 -23.73 -6.73 36.06
N LEU D 199 -23.43 -5.80 35.17
CA LEU D 199 -23.08 -6.09 33.78
C LEU D 199 -21.65 -5.62 33.59
N MET D 200 -20.78 -6.58 33.37
CA MET D 200 -19.39 -6.32 33.16
C MET D 200 -19.06 -6.51 31.67
N THR D 201 -18.27 -5.58 31.09
CA THR D 201 -17.93 -5.57 29.69
C THR D 201 -16.44 -5.27 29.49
N ALA D 202 -15.92 -5.78 28.39
CA ALA D 202 -14.61 -5.43 27.83
C ALA D 202 -14.86 -4.20 26.94
N GLU D 203 -13.91 -3.27 26.96
CA GLU D 203 -13.92 -2.11 26.11
C GLU D 203 -12.56 -1.75 25.61
N GLY D 204 -12.55 -0.95 24.54
CA GLY D 204 -11.32 -0.42 24.00
C GLY D 204 -10.68 -1.23 22.90
N GLY D 205 -11.10 -2.49 22.75
CA GLY D 205 -10.48 -3.42 21.80
C GLY D 205 -9.31 -4.13 22.44
N THR D 206 -9.03 -5.31 21.97
CA THR D 206 -8.07 -6.22 22.57
C THR D 206 -6.58 -5.90 22.30
N THR D 207 -6.32 -4.62 22.13
CA THR D 207 -5.04 -4.04 21.86
C THR D 207 -4.49 -3.43 23.15
N TYR D 208 -3.52 -2.55 23.05
CA TYR D 208 -3.00 -1.88 24.24
C TYR D 208 -4.05 -0.97 24.91
N GLN D 209 -5.12 -0.61 24.22
CA GLN D 209 -6.19 0.22 24.70
C GLN D 209 -7.27 -0.56 25.48
N HIS D 210 -7.11 -1.88 25.59
CA HIS D 210 -8.09 -2.80 26.23
C HIS D 210 -8.35 -2.38 27.66
N SER D 211 -9.57 -2.66 28.08
CA SER D 211 -10.03 -2.36 29.44
C SER D 211 -11.24 -3.27 29.76
N GLU D 212 -11.66 -3.21 31.02
CA GLU D 212 -12.93 -3.78 31.47
C GLU D 212 -13.59 -2.77 32.37
N THR D 213 -14.93 -2.68 32.26
CA THR D 213 -15.78 -1.79 33.08
C THR D 213 -16.98 -2.58 33.57
N ILE D 214 -17.47 -2.20 34.75
CA ILE D 214 -18.69 -2.74 35.28
C ILE D 214 -19.72 -1.67 35.53
N ALA D 215 -20.97 -2.11 35.48
CA ALA D 215 -22.13 -1.26 35.64
C ALA D 215 -23.17 -2.02 36.45
N ARG D 216 -24.17 -1.35 37.03
CA ARG D 216 -25.13 -2.07 37.91
C ARG D 216 -26.53 -1.51 37.79
N SER D 217 -27.52 -2.36 38.06
CA SER D 217 -28.93 -2.01 37.89
C SER D 217 -29.71 -2.86 38.85
N LYS D 218 -30.80 -2.28 39.36
CA LYS D 218 -31.74 -3.00 40.22
C LYS D 218 -32.45 -4.10 39.46
N THR D 219 -32.70 -3.86 38.17
CA THR D 219 -33.36 -4.84 37.31
C THR D 219 -32.50 -5.23 36.14
N ILE D 220 -32.83 -6.36 35.55
CA ILE D 220 -31.92 -6.95 34.53
C ILE D 220 -31.94 -6.10 33.24
N HIS D 221 -33.06 -5.44 32.95
N HIS D 221 -33.04 -5.41 33.04
CA HIS D 221 -33.17 -4.65 31.73
CA HIS D 221 -33.25 -4.63 31.85
C HIS D 221 -32.60 -3.23 31.84
C HIS D 221 -32.49 -3.30 31.82
N GLY D 222 -32.03 -2.86 33.00
CA GLY D 222 -31.39 -1.56 33.14
C GLY D 222 -32.42 -0.44 33.32
N PRO D 223 -31.99 0.83 33.16
CA PRO D 223 -30.62 1.22 32.82
C PRO D 223 -29.55 0.89 33.85
N TYR D 224 -28.35 0.67 33.34
CA TYR D 224 -27.22 0.35 34.14
C TYR D 224 -26.41 1.61 34.42
N GLU D 225 -26.00 1.79 35.68
CA GLU D 225 -25.14 2.89 36.11
C GLU D 225 -23.71 2.39 36.04
N ILE D 226 -22.89 3.14 35.35
CA ILE D 226 -21.49 2.79 35.11
C ILE D 226 -20.70 3.12 36.39
N GLN D 227 -19.78 2.25 36.79
CA GLN D 227 -18.97 2.52 37.97
C GLN D 227 -18.27 3.87 37.87
N PRO D 228 -18.13 4.56 39.00
CA PRO D 228 -17.55 5.90 38.93
C PRO D 228 -16.13 6.01 38.44
N ASP D 229 -15.34 5.05 38.81
CA ASP D 229 -13.89 5.15 38.57
C ASP D 229 -13.46 4.35 37.35
N TYR D 230 -14.35 4.21 36.35
CA TYR D 230 -14.10 3.29 35.25
C TYR D 230 -12.83 3.73 34.49
N PRO D 231 -12.08 2.76 33.94
CA PRO D 231 -12.34 1.32 33.96
C PRO D 231 -11.91 0.63 35.24
N LEU D 232 -12.53 -0.50 35.50
CA LEU D 232 -12.14 -1.47 36.52
C LEU D 232 -10.71 -1.94 36.29
N LEU D 233 -10.40 -2.23 35.03
CA LEU D 233 -9.16 -2.88 34.66
C LEU D 233 -8.68 -2.28 33.34
N SER D 234 -7.43 -1.82 33.29
CA SER D 234 -6.76 -1.41 32.05
C SER D 234 -5.35 -1.03 32.36
N ALA D 235 -4.45 -1.48 31.51
CA ALA D 235 -3.03 -1.09 31.58
C ALA D 235 -2.65 -0.01 30.55
N TRP D 236 -3.66 0.59 29.94
CA TRP D 236 -3.37 1.51 28.84
C TRP D 236 -2.46 2.64 29.28
N LYS D 237 -2.68 3.18 30.45
CA LYS D 237 -1.90 4.36 30.85
C LYS D 237 -0.51 4.02 31.40
N GLU D 238 -0.19 2.73 31.56
CA GLU D 238 1.06 2.29 32.17
C GLU D 238 1.92 1.50 31.21
N VAL D 239 2.75 2.20 30.46
CA VAL D 239 3.44 1.59 29.34
C VAL D 239 4.47 0.58 29.76
N HIS D 240 4.89 0.58 31.03
CA HIS D 240 5.89 -0.37 31.50
C HIS D 240 5.27 -1.48 32.35
N ASN D 241 3.93 -1.53 32.43
CA ASN D 241 3.32 -2.58 33.26
C ASN D 241 3.66 -3.93 32.67
N PRO D 242 4.06 -4.91 33.48
CA PRO D 242 4.34 -6.21 32.90
C PRO D 242 3.14 -6.83 32.17
N LEU D 243 1.92 -6.63 32.66
CA LEU D 243 0.71 -7.06 31.97
C LEU D 243 0.12 -5.95 31.16
N GLN D 244 -0.05 -6.22 29.87
CA GLN D 244 -0.65 -5.25 28.94
C GLN D 244 -1.94 -5.79 28.36
N LYS D 245 -2.71 -4.95 27.69
CA LYS D 245 -3.92 -5.38 26.96
C LYS D 245 -4.92 -5.99 27.92
N CYS D 246 -5.03 -5.47 29.13
CA CYS D 246 -5.76 -6.10 30.22
C CYS D 246 -7.27 -5.82 30.07
N GLY D 247 -8.02 -6.89 29.77
CA GLY D 247 -9.45 -6.77 29.51
C GLY D 247 -10.02 -8.14 29.22
N HIS D 248 -11.26 -8.16 28.81
CA HIS D 248 -12.01 -9.39 28.54
C HIS D 248 -12.02 -10.33 29.75
N ALA D 249 -12.62 -9.84 30.81
CA ALA D 249 -12.60 -10.45 32.11
C ALA D 249 -13.84 -11.26 32.45
N SER D 250 -13.71 -12.05 33.50
CA SER D 250 -14.84 -12.73 34.09
C SER D 250 -14.57 -12.80 35.61
N LEU D 251 -15.63 -12.72 36.38
N LEU D 251 -15.63 -12.57 36.38
CA LEU D 251 -15.56 -12.53 37.81
CA LEU D 251 -15.61 -12.61 37.83
C LEU D 251 -16.04 -13.80 38.51
C LEU D 251 -15.93 -13.97 38.38
N VAL D 252 -15.26 -14.30 39.47
CA VAL D 252 -15.60 -15.50 40.23
C VAL D 252 -15.58 -15.19 41.72
N GLU D 253 -16.44 -15.86 42.46
CA GLU D 253 -16.50 -15.79 43.92
C GLU D 253 -16.16 -17.20 44.39
N THR D 254 -15.30 -17.29 45.38
CA THR D 254 -14.89 -18.57 45.93
C THR D 254 -15.96 -19.08 46.92
N GLN D 255 -15.75 -20.32 47.32
CA GLN D 255 -16.66 -20.98 48.26
C GLN D 255 -16.92 -20.18 49.51
N ASN D 256 -15.93 -19.40 49.91
CA ASN D 256 -16.02 -18.59 51.11
C ASN D 256 -16.05 -17.09 50.88
N GLY D 257 -16.42 -16.67 49.68
CA GLY D 257 -16.80 -15.31 49.49
C GLY D 257 -15.69 -14.36 49.09
N GLN D 258 -14.53 -14.89 48.69
CA GLN D 258 -13.48 -14.02 48.12
C GLN D 258 -13.73 -13.90 46.61
N TRP D 259 -13.35 -12.77 46.06
CA TRP D 259 -13.59 -12.44 44.68
C TRP D 259 -12.29 -12.29 43.91
N TYR D 260 -12.30 -12.89 42.72
CA TYR D 260 -11.20 -12.83 41.77
C TYR D 260 -11.67 -12.56 40.35
N LEU D 261 -10.78 -12.05 39.54
CA LEU D 261 -11.07 -11.60 38.18
C LEU D 261 -10.10 -12.18 37.20
N ALA D 262 -10.55 -13.12 36.37
CA ALA D 262 -9.72 -13.62 35.27
C ALA D 262 -9.79 -12.65 34.12
N HIS D 263 -8.71 -12.46 33.41
CA HIS D 263 -8.71 -11.56 32.24
C HIS D 263 -7.58 -11.94 31.30
N LEU D 264 -7.68 -11.49 30.06
CA LEU D 264 -6.58 -11.68 29.12
C LEU D 264 -5.56 -10.56 29.25
N THR D 265 -4.36 -10.87 28.79
CA THR D 265 -3.27 -9.95 28.84
C THR D 265 -2.24 -10.36 27.79
N GLY D 266 -1.51 -9.39 27.26
CA GLY D 266 -0.34 -9.64 26.45
C GLY D 266 0.91 -9.13 27.14
N ARG D 267 2.01 -9.87 26.98
CA ARG D 267 3.33 -9.56 27.55
C ARG D 267 4.25 -9.34 26.36
N PRO D 268 4.48 -8.08 25.98
CA PRO D 268 5.34 -7.87 24.83
C PRO D 268 6.80 -8.20 25.10
N LEU D 269 7.47 -8.56 24.02
CA LEU D 269 8.94 -8.64 24.05
C LEU D 269 9.48 -7.22 24.31
N PRO D 270 10.61 -7.09 25.00
CA PRO D 270 11.27 -5.79 25.13
C PRO D 270 11.51 -5.20 23.75
N ALA D 271 11.23 -3.89 23.59
CA ALA D 271 11.58 -3.20 22.36
C ALA D 271 13.09 -3.00 22.31
N PRO D 272 13.62 -2.68 21.13
CA PRO D 272 15.03 -2.32 21.07
C PRO D 272 15.35 -1.16 22.02
N ALA D 273 16.58 -1.14 22.54
CA ALA D 273 16.94 -0.13 23.49
C ALA D 273 16.78 1.29 22.90
N GLY D 274 16.27 2.16 23.72
CA GLY D 274 16.09 3.56 23.40
C GLY D 274 14.83 3.89 22.63
N PHE D 275 14.05 2.88 22.22
CA PHE D 275 12.85 3.21 21.43
C PHE D 275 11.80 3.85 22.31
N PRO D 276 10.90 4.69 21.75
CA PRO D 276 9.92 5.42 22.54
C PRO D 276 8.93 4.56 23.28
N SER D 277 8.88 4.68 24.60
CA SER D 277 8.07 3.76 25.41
C SER D 277 6.56 3.86 25.13
N ARG D 278 6.04 5.01 24.69
CA ARG D 278 4.60 5.08 24.44
C ARG D 278 4.22 4.43 23.10
N GLU D 279 5.18 4.12 22.25
CA GLU D 279 4.96 3.50 20.96
C GLU D 279 4.82 1.97 21.05
N ARG D 280 3.92 1.51 21.93
CA ARG D 280 3.67 0.06 22.01
C ARG D 280 3.11 -0.47 20.70
N GLU D 281 2.22 0.31 20.08
CA GLU D 281 1.59 -0.15 18.82
C GLU D 281 2.56 -0.32 17.69
N GLN D 282 3.73 0.28 17.77
CA GLN D 282 4.77 0.15 16.77
C GLN D 282 5.82 -0.88 17.16
N HIS D 283 6.12 -1.00 18.44
CA HIS D 283 7.36 -1.72 18.84
C HIS D 283 7.14 -2.85 19.86
N ALA D 284 5.93 -3.06 20.35
CA ALA D 284 5.61 -4.03 21.37
C ALA D 284 4.94 -5.24 20.73
N PHE D 285 5.66 -6.35 20.62
CA PHE D 285 5.20 -7.56 19.93
C PHE D 285 5.04 -8.72 20.89
N CYS D 286 3.90 -9.39 20.80
CA CYS D 286 3.51 -10.44 21.74
C CYS D 286 3.44 -11.81 21.02
N PRO D 287 4.57 -12.54 20.93
CA PRO D 287 4.52 -13.85 20.26
C PRO D 287 3.74 -14.91 21.03
N LEU D 288 3.58 -14.68 22.33
N LEU D 288 3.58 -14.71 22.33
CA LEU D 288 2.82 -15.59 23.20
CA LEU D 288 2.82 -15.66 23.13
C LEU D 288 1.33 -15.23 23.17
C LEU D 288 1.31 -15.35 23.04
N GLY D 289 0.93 -14.36 22.25
CA GLY D 289 -0.44 -13.97 22.08
C GLY D 289 -1.03 -13.35 23.32
N ARG D 290 -2.31 -13.63 23.54
CA ARG D 290 -3.05 -13.19 24.72
C ARG D 290 -3.21 -14.38 25.64
N GLU D 291 -2.76 -14.16 26.87
CA GLU D 291 -2.65 -15.11 27.94
C GLU D 291 -3.68 -14.78 29.01
N THR D 292 -3.86 -15.65 30.01
CA THR D 292 -4.84 -15.44 31.06
C THR D 292 -4.16 -15.18 32.38
N ALA D 293 -4.55 -14.08 32.99
CA ALA D 293 -4.16 -13.68 34.32
C ALA D 293 -5.37 -13.64 35.25
N ILE D 294 -5.11 -13.61 36.54
CA ILE D 294 -6.12 -13.46 37.59
C ILE D 294 -5.70 -12.37 38.56
N GLN D 295 -6.60 -11.43 38.78
CA GLN D 295 -6.43 -10.39 39.80
C GLN D 295 -7.34 -10.64 40.96
N LYS D 296 -7.03 -10.02 42.09
N LYS D 296 -7.00 -10.06 42.11
CA LYS D 296 -7.88 -10.08 43.26
CA LYS D 296 -7.88 -10.09 43.28
C LYS D 296 -8.79 -8.86 43.28
C LYS D 296 -8.80 -8.87 43.24
N ILE D 297 -10.02 -9.06 43.75
CA ILE D 297 -11.04 -8.02 43.80
C ILE D 297 -11.41 -7.76 45.26
N GLU D 298 -11.56 -6.48 45.58
CA GLU D 298 -12.19 -6.07 46.83
C GLU D 298 -13.37 -5.17 46.46
N TRP D 299 -14.28 -5.01 47.39
CA TRP D 299 -15.51 -4.26 47.15
C TRP D 299 -15.56 -3.02 48.03
N GLN D 300 -15.99 -1.90 47.46
CA GLN D 300 -16.12 -0.63 48.14
C GLN D 300 -17.39 0.01 47.61
N ASP D 301 -18.36 0.25 48.50
CA ASP D 301 -19.60 0.94 48.16
C ASP D 301 -20.34 0.25 47.02
N GLY D 302 -20.31 -1.09 47.03
CA GLY D 302 -21.03 -1.87 46.03
C GLY D 302 -20.37 -1.90 44.68
N TRP D 303 -19.09 -1.51 44.60
CA TRP D 303 -18.32 -1.59 43.34
C TRP D 303 -17.05 -2.39 43.58
N PRO D 304 -16.67 -3.19 42.61
CA PRO D 304 -15.45 -3.94 42.73
C PRO D 304 -14.27 -3.08 42.36
N VAL D 305 -13.11 -3.36 42.97
N VAL D 305 -13.10 -3.44 42.92
CA VAL D 305 -11.86 -2.68 42.65
CA VAL D 305 -11.85 -2.70 42.75
C VAL D 305 -10.78 -3.74 42.55
C VAL D 305 -10.72 -3.71 42.61
N VAL D 306 -9.90 -3.59 41.58
CA VAL D 306 -8.76 -4.47 41.43
C VAL D 306 -7.68 -4.16 42.45
N VAL D 307 -7.38 -5.16 43.27
CA VAL D 307 -6.30 -4.99 44.25
C VAL D 307 -4.97 -4.73 43.58
N GLY D 308 -4.29 -3.69 44.04
CA GLY D 308 -3.02 -3.29 43.46
C GLY D 308 -3.07 -2.29 42.36
N GLY D 309 -4.29 -1.94 41.92
CA GLY D 309 -4.48 -0.96 40.85
C GLY D 309 -5.03 -1.53 39.57
N GLN D 310 -5.63 -0.66 38.78
CA GLN D 310 -6.39 -1.09 37.61
C GLN D 310 -5.53 -1.67 36.51
N GLN D 311 -4.22 -1.46 36.56
CA GLN D 311 -3.36 -1.99 35.55
C GLN D 311 -3.16 -3.48 35.58
N GLY D 312 -3.42 -4.10 36.73
CA GLY D 312 -3.20 -5.51 36.87
C GLY D 312 -1.77 -5.86 37.26
N SER D 313 -1.62 -6.80 38.20
CA SER D 313 -0.35 -7.10 38.81
C SER D 313 0.10 -8.50 38.47
N LEU D 314 1.40 -8.72 38.47
CA LEU D 314 1.98 -10.06 38.30
C LEU D 314 1.76 -11.01 39.44
N GLU D 315 1.95 -10.53 40.65
CA GLU D 315 1.81 -11.37 41.85
C GLU D 315 0.59 -10.96 42.58
N VAL D 316 -0.26 -11.94 42.85
CA VAL D 316 -1.54 -11.68 43.42
C VAL D 316 -1.75 -12.65 44.59
N GLU D 317 -2.29 -12.14 45.70
CA GLU D 317 -2.54 -12.96 46.89
C GLU D 317 -3.50 -14.08 46.55
N ALA D 318 -3.06 -15.30 46.80
CA ALA D 318 -3.87 -16.48 46.58
C ALA D 318 -5.07 -16.52 47.50
N PRO D 319 -6.14 -17.18 47.08
CA PRO D 319 -7.28 -17.32 47.93
C PRO D 319 -6.93 -18.18 49.11
N ASP D 320 -7.70 -18.05 50.16
CA ASP D 320 -7.53 -18.84 51.35
C ASP D 320 -8.16 -20.23 51.17
N LEU D 321 -7.48 -21.02 50.36
CA LEU D 321 -7.89 -22.36 49.97
C LEU D 321 -6.67 -23.28 50.05
N PRO D 322 -6.89 -24.57 50.34
CA PRO D 322 -5.81 -25.54 50.34
C PRO D 322 -5.23 -25.59 48.94
N GLN D 323 -3.93 -25.67 48.86
CA GLN D 323 -3.30 -25.68 47.54
C GLN D 323 -3.05 -27.09 47.06
N GLN D 324 -3.10 -27.24 45.73
N GLN D 324 -3.14 -27.24 45.74
CA GLN D 324 -3.07 -28.53 45.07
CA GLN D 324 -2.97 -28.52 45.12
C GLN D 324 -2.39 -28.42 43.72
C GLN D 324 -2.31 -28.31 43.79
N GLU D 325 -1.19 -29.02 43.60
CA GLU D 325 -0.43 -28.99 42.36
C GLU D 325 -0.86 -30.15 41.51
N TRP D 326 -0.58 -30.04 40.22
CA TRP D 326 -0.97 -31.01 39.22
C TRP D 326 0.20 -31.61 38.52
N ALA D 327 0.06 -32.84 38.06
CA ALA D 327 1.06 -33.45 37.18
C ALA D 327 1.11 -32.69 35.87
N PRO D 328 2.29 -32.53 35.29
CA PRO D 328 2.38 -31.95 33.96
C PRO D 328 1.54 -32.73 32.97
N THR D 329 1.01 -32.05 31.96
CA THR D 329 0.22 -32.73 30.93
C THR D 329 1.04 -33.03 29.68
N TYR D 330 2.35 -32.79 29.72
CA TYR D 330 3.26 -33.16 28.65
C TYR D 330 4.59 -33.49 29.26
N GLU D 331 5.39 -34.20 28.48
CA GLU D 331 6.79 -34.50 28.77
C GLU D 331 7.69 -33.67 27.90
N GLU D 332 8.81 -33.23 28.45
CA GLU D 332 9.76 -32.42 27.68
C GLU D 332 10.13 -33.13 26.38
N ARG D 333 10.36 -34.43 26.43
CA ARG D 333 10.52 -35.22 25.22
C ARG D 333 9.36 -36.19 25.11
N ASP D 334 8.57 -36.03 24.06
CA ASP D 334 7.47 -36.91 23.75
C ASP D 334 7.98 -37.90 22.74
N ASP D 335 8.08 -39.17 23.16
CA ASP D 335 8.60 -40.20 22.30
C ASP D 335 7.52 -40.88 21.46
N PHE D 336 6.32 -40.30 21.44
CA PHE D 336 5.22 -40.89 20.67
C PHE D 336 4.98 -42.38 21.04
N ASP D 337 5.01 -42.63 22.33
CA ASP D 337 4.75 -43.94 22.91
C ASP D 337 3.30 -44.16 23.37
N LYS D 338 2.46 -43.14 23.31
N LYS D 338 2.49 -43.10 23.37
CA LYS D 338 1.09 -43.30 23.73
CA LYS D 338 1.05 -43.13 23.75
C LYS D 338 0.18 -43.27 22.50
C LYS D 338 0.20 -43.31 22.49
N ASP D 339 -0.99 -43.88 22.66
CA ASP D 339 -1.95 -44.11 21.57
C ASP D 339 -2.74 -42.88 21.16
N THR D 340 -2.68 -41.85 21.99
CA THR D 340 -3.44 -40.62 21.78
C THR D 340 -2.42 -39.49 21.68
N LEU D 341 -2.63 -38.56 20.73
N LEU D 341 -2.71 -38.53 20.82
CA LEU D 341 -1.77 -37.35 20.64
CA LEU D 341 -1.84 -37.39 20.63
C LEU D 341 -1.93 -36.54 21.91
C LEU D 341 -1.96 -36.45 21.83
N ASN D 342 -0.84 -35.97 22.37
CA ASN D 342 -0.83 -35.17 23.57
C ASN D 342 -1.87 -34.04 23.49
N ILE D 343 -2.55 -33.80 24.61
CA ILE D 343 -3.58 -32.77 24.72
C ILE D 343 -3.05 -31.34 24.41
N ASN D 344 -1.74 -31.12 24.51
CA ASN D 344 -1.11 -29.84 24.17
C ASN D 344 -0.90 -29.65 22.69
N PHE D 345 -1.14 -30.67 21.86
CA PHE D 345 -1.08 -30.53 20.41
C PHE D 345 -2.46 -30.24 19.87
N GLN D 346 -2.53 -29.34 18.89
CA GLN D 346 -3.74 -29.12 18.13
C GLN D 346 -3.45 -29.22 16.65
N THR D 347 -4.51 -29.43 15.90
CA THR D 347 -4.47 -29.37 14.43
C THR D 347 -5.15 -28.07 13.99
N LEU D 348 -4.96 -27.73 12.74
CA LEU D 348 -5.64 -26.58 12.17
C LEU D 348 -6.99 -26.97 11.59
N ARG D 349 -8.05 -26.44 12.19
CA ARG D 349 -9.41 -26.40 11.69
C ARG D 349 -10.19 -27.72 11.75
N ILE D 350 -9.53 -28.83 11.45
CA ILE D 350 -10.18 -30.14 11.27
C ILE D 350 -9.61 -31.12 12.28
N PRO D 351 -10.36 -32.18 12.61
CA PRO D 351 -9.87 -33.20 13.52
C PRO D 351 -8.64 -33.91 13.04
N PHE D 352 -7.82 -34.33 13.99
CA PHE D 352 -6.78 -35.31 13.70
C PHE D 352 -7.48 -36.61 13.34
N SER D 353 -7.04 -37.23 12.28
CA SER D 353 -7.64 -38.44 11.75
C SER D 353 -6.57 -39.20 11.00
N GLU D 354 -6.88 -40.45 10.64
CA GLU D 354 -5.93 -41.26 9.86
C GLU D 354 -5.57 -40.65 8.52
N HIS D 355 -6.42 -39.75 8.00
CA HIS D 355 -6.09 -39.01 6.80
C HIS D 355 -4.81 -38.18 6.99
N LEU D 356 -4.71 -37.55 8.14
CA LEU D 356 -3.58 -36.70 8.45
C LEU D 356 -2.38 -37.49 8.96
N GLY D 357 -2.61 -38.52 9.77
CA GLY D 357 -1.48 -39.27 10.34
C GLY D 357 -1.95 -40.36 11.26
N SER D 358 -0.97 -41.00 11.91
CA SER D 358 -1.21 -42.24 12.63
C SER D 358 -0.16 -42.49 13.67
N LEU D 359 -0.61 -42.88 14.87
CA LEU D 359 0.29 -43.35 15.92
C LEU D 359 0.35 -44.87 15.93
N THR D 360 -0.45 -45.51 15.09
CA THR D 360 -0.46 -46.97 15.05
C THR D 360 0.21 -47.59 13.84
N ALA D 361 0.42 -46.84 12.75
CA ALA D 361 0.94 -47.40 11.51
C ALA D 361 2.36 -47.87 11.75
N ARG D 362 3.11 -47.10 12.53
CA ARG D 362 4.46 -47.43 12.91
C ARG D 362 4.66 -47.11 14.39
N PRO D 363 4.34 -48.09 15.27
CA PRO D 363 4.43 -47.84 16.70
C PRO D 363 5.77 -47.23 17.14
N GLY D 364 5.68 -46.24 18.02
CA GLY D 364 6.79 -45.47 18.48
C GLY D 364 7.09 -44.24 17.66
N PHE D 365 6.32 -44.01 16.59
CA PHE D 365 6.47 -42.80 15.75
C PHE D 365 5.11 -42.19 15.55
N LEU D 366 5.11 -40.89 15.27
CA LEU D 366 3.94 -40.25 14.67
C LEU D 366 4.23 -40.24 13.19
N ARG D 367 3.38 -40.90 12.40
CA ARG D 367 3.49 -40.85 10.96
C ARG D 367 2.52 -39.80 10.49
N LEU D 368 3.01 -38.79 9.77
CA LEU D 368 2.12 -37.83 9.11
C LEU D 368 2.17 -38.15 7.61
N TYR D 369 0.99 -38.08 6.99
CA TYR D 369 0.89 -38.25 5.56
C TYR D 369 0.88 -36.87 4.89
N GLY D 370 1.71 -36.67 3.86
CA GLY D 370 1.82 -35.36 3.28
C GLY D 370 0.49 -34.91 2.69
N ARG D 371 0.04 -33.74 3.08
CA ARG D 371 -1.22 -33.18 2.56
C ARG D 371 -0.94 -31.77 2.06
N GLU D 372 -1.86 -30.85 2.31
CA GLU D 372 -1.77 -29.50 1.69
C GLU D 372 -0.75 -28.62 2.35
N SER D 373 -0.39 -27.54 1.65
CA SER D 373 0.63 -26.63 2.11
C SER D 373 0.30 -25.85 3.36
N LEU D 374 1.32 -25.18 3.87
CA LEU D 374 1.19 -24.29 5.01
C LEU D 374 0.26 -23.10 4.75
N GLN D 375 -0.03 -22.82 3.48
CA GLN D 375 -0.95 -21.78 3.12
C GLN D 375 -2.40 -22.21 3.18
N SER D 376 -2.68 -23.49 3.34
CA SER D 376 -4.03 -23.98 3.16
C SER D 376 -4.89 -23.86 4.40
N LYS D 377 -6.10 -23.32 4.21
CA LYS D 377 -7.15 -23.23 5.25
C LYS D 377 -8.04 -24.45 5.26
N PHE D 378 -7.61 -25.55 4.64
CA PHE D 378 -8.42 -26.74 4.46
C PHE D 378 -7.79 -27.94 5.16
N THR D 379 -6.86 -28.64 4.53
CA THR D 379 -6.34 -29.92 5.04
C THR D 379 -4.83 -29.98 5.16
N GLN D 380 -4.34 -29.47 6.29
CA GLN D 380 -2.90 -29.55 6.60
C GLN D 380 -2.64 -30.75 7.53
N ALA D 381 -1.67 -31.58 7.16
CA ALA D 381 -1.13 -32.61 8.04
C ALA D 381 -0.04 -31.93 8.87
N HIS D 382 -0.44 -31.29 9.97
CA HIS D 382 0.36 -30.36 10.70
C HIS D 382 -0.21 -30.41 12.13
N ILE D 383 0.62 -30.76 13.09
CA ILE D 383 0.24 -30.70 14.49
C ILE D 383 1.18 -29.72 15.15
N ALA D 384 0.70 -29.02 16.16
CA ALA D 384 1.52 -28.00 16.78
C ALA D 384 1.11 -27.70 18.20
N ARG D 385 2.01 -27.07 18.96
CA ARG D 385 1.79 -26.72 20.35
C ARG D 385 2.19 -25.28 20.55
N ARG D 386 1.61 -24.63 21.54
CA ARG D 386 1.85 -23.22 21.79
C ARG D 386 3.26 -22.92 22.24
N TRP D 387 3.82 -21.79 21.76
CA TRP D 387 4.92 -21.15 22.51
C TRP D 387 4.33 -20.72 23.87
N GLN D 388 4.94 -21.14 24.97
CA GLN D 388 4.49 -20.77 26.30
C GLN D 388 5.58 -20.18 27.17
N SER D 389 6.70 -19.89 26.54
CA SER D 389 7.78 -19.15 27.17
C SER D 389 8.46 -18.35 26.05
N PHE D 390 9.14 -17.27 26.44
CA PHE D 390 9.94 -16.51 25.51
C PHE D 390 11.27 -17.17 25.18
N ASN D 391 11.65 -18.14 26.01
N ASN D 391 11.64 -18.19 25.92
CA ASN D 391 12.91 -18.86 25.84
CA ASN D 391 12.99 -18.73 25.79
C ASN D 391 12.70 -20.33 25.91
C ASN D 391 12.89 -20.26 25.93
N PHE D 392 12.98 -21.01 24.82
CA PHE D 392 12.78 -22.46 24.78
C PHE D 392 13.50 -23.07 23.60
N ASP D 393 13.78 -24.36 23.71
CA ASP D 393 14.25 -25.17 22.60
C ASP D 393 13.18 -26.18 22.28
N ALA D 394 12.90 -26.38 20.99
CA ALA D 394 11.96 -27.42 20.59
C ALA D 394 12.56 -28.19 19.43
N GLY D 395 12.15 -29.41 19.20
CA GLY D 395 12.79 -30.20 18.15
C GLY D 395 12.06 -31.47 17.87
N THR D 396 12.51 -32.12 16.80
CA THR D 396 11.96 -33.38 16.34
C THR D 396 13.00 -34.10 15.53
N SER D 397 12.67 -35.31 15.12
CA SER D 397 13.40 -35.94 14.05
C SER D 397 12.41 -36.50 13.07
N VAL D 398 12.82 -36.57 11.80
CA VAL D 398 11.98 -37.09 10.77
C VAL D 398 12.72 -37.98 9.75
N GLU D 399 12.00 -39.01 9.34
CA GLU D 399 12.41 -39.87 8.25
C GLU D 399 11.45 -39.57 7.12
N PHE D 400 11.99 -39.12 6.00
CA PHE D 400 11.21 -38.72 4.84
C PHE D 400 12.00 -38.93 3.57
N SER D 401 11.35 -39.49 2.56
CA SER D 401 11.98 -39.82 1.28
C SER D 401 11.31 -39.11 0.12
N PRO D 402 11.48 -37.80 0.06
CA PRO D 402 10.83 -37.06 -1.02
C PRO D 402 11.51 -37.34 -2.36
N ASN D 403 10.72 -37.29 -3.41
CA ASN D 403 11.17 -37.46 -4.77
C ASN D 403 10.97 -36.23 -5.64
N SER D 404 10.45 -35.17 -5.03
CA SER D 404 10.17 -33.95 -5.74
C SER D 404 10.17 -32.81 -4.74
N PHE D 405 10.45 -31.58 -5.23
CA PHE D 405 10.27 -30.36 -4.43
C PHE D 405 8.79 -30.18 -4.00
N GLN D 406 7.85 -30.92 -4.60
CA GLN D 406 6.46 -30.91 -4.21
C GLN D 406 6.22 -31.52 -2.81
N GLN D 407 7.21 -32.22 -2.24
CA GLN D 407 7.03 -32.85 -0.94
C GLN D 407 8.01 -32.27 0.00
N MET D 408 7.58 -31.99 1.24
CA MET D 408 8.49 -31.52 2.28
C MET D 408 7.91 -31.90 3.64
N ALA D 409 8.76 -32.15 4.61
CA ALA D 409 8.34 -32.46 5.98
C ALA D 409 9.34 -31.98 6.96
N GLY D 410 8.89 -31.44 8.10
CA GLY D 410 9.84 -30.94 9.10
C GLY D 410 9.18 -30.21 10.23
N LEU D 411 9.92 -29.26 10.79
CA LEU D 411 9.57 -28.47 11.97
C LEU D 411 9.05 -27.12 11.51
N THR D 412 8.08 -26.61 12.23
CA THR D 412 7.46 -25.34 11.92
C THR D 412 7.43 -24.44 13.13
N CYS D 413 7.46 -23.13 12.87
CA CYS D 413 7.08 -22.08 13.80
C CYS D 413 5.96 -21.32 13.04
N TYR D 414 4.78 -21.24 13.59
CA TYR D 414 3.59 -20.92 12.80
C TYR D 414 2.68 -20.00 13.57
N TYR D 415 2.22 -18.96 12.90
CA TYR D 415 1.19 -18.08 13.41
C TYR D 415 -0.12 -18.27 12.60
N ASN D 416 -0.04 -17.98 11.31
CA ASN D 416 -1.21 -18.17 10.46
C ASN D 416 -0.74 -18.58 9.06
N THR D 417 -1.66 -18.68 8.12
CA THR D 417 -1.32 -19.27 6.82
C THR D 417 -0.38 -18.44 5.98
N GLU D 418 -0.10 -17.22 6.41
CA GLU D 418 0.86 -16.38 5.73
C GLU D 418 1.97 -15.82 6.61
N ASN D 419 2.14 -16.41 7.78
CA ASN D 419 3.13 -15.97 8.77
C ASN D 419 3.62 -17.24 9.48
N TRP D 420 4.79 -17.66 9.08
CA TRP D 420 5.38 -18.94 9.54
C TRP D 420 6.80 -19.09 9.03
N SER D 421 7.48 -20.13 9.53
CA SER D 421 8.74 -20.54 9.00
C SER D 421 8.76 -22.06 9.13
N SER D 422 9.56 -22.66 8.27
CA SER D 422 9.61 -24.10 8.13
C SER D 422 11.01 -24.52 7.73
N ILE D 423 11.57 -25.44 8.52
CA ILE D 423 12.84 -26.13 8.18
C ILE D 423 12.44 -27.57 7.85
N HIS D 424 12.87 -28.11 6.73
CA HIS D 424 12.30 -29.37 6.27
C HIS D 424 13.21 -30.15 5.34
N VAL D 425 12.90 -31.43 5.25
CA VAL D 425 13.49 -32.34 4.30
C VAL D 425 12.64 -32.29 3.03
N THR D 426 13.29 -31.99 1.92
CA THR D 426 12.68 -31.93 0.60
C THR D 426 13.68 -32.48 -0.44
N TRP D 427 13.45 -32.19 -1.71
CA TRP D 427 14.23 -32.76 -2.82
C TRP D 427 14.54 -31.69 -3.83
N ASN D 428 15.71 -31.82 -4.44
CA ASN D 428 16.22 -30.93 -5.46
C ASN D 428 16.77 -31.73 -6.63
N GLU D 429 16.65 -31.21 -7.84
CA GLU D 429 17.06 -31.94 -9.07
C GLU D 429 18.56 -32.33 -9.08
N GLU D 430 19.39 -31.42 -8.58
CA GLU D 430 20.87 -31.59 -8.63
C GLU D 430 21.36 -32.29 -7.37
N LYS D 431 20.79 -31.95 -6.21
CA LYS D 431 21.30 -32.37 -4.91
C LYS D 431 20.57 -33.56 -4.27
N GLY D 432 19.44 -33.95 -4.81
CA GLY D 432 18.62 -35.01 -4.24
C GLY D 432 17.99 -34.53 -2.94
N ARG D 433 17.93 -35.40 -1.94
CA ARG D 433 17.32 -35.02 -0.65
C ARG D 433 18.14 -33.93 -0.03
N ILE D 434 17.45 -32.90 0.45
CA ILE D 434 18.06 -31.71 1.02
C ILE D 434 17.27 -31.21 2.21
N ILE D 435 17.97 -30.44 3.04
CA ILE D 435 17.34 -29.57 4.04
C ILE D 435 17.21 -28.18 3.43
N ASP D 436 16.01 -27.61 3.57
CA ASP D 436 15.72 -26.26 3.10
C ASP D 436 14.87 -25.52 4.12
N LEU D 437 14.74 -24.22 3.89
CA LEU D 437 14.10 -23.32 4.79
C LEU D 437 13.19 -22.39 3.96
N VAL D 438 11.93 -22.28 4.38
CA VAL D 438 10.99 -21.31 3.79
C VAL D 438 10.36 -20.46 4.88
N THR D 439 10.16 -19.18 4.58
CA THR D 439 9.49 -18.27 5.50
C THR D 439 8.35 -17.54 4.78
N ALA D 440 7.33 -17.24 5.57
CA ALA D 440 6.20 -16.46 5.14
C ALA D 440 6.04 -15.28 6.09
N ASP D 441 5.94 -14.06 5.55
CA ASP D 441 5.98 -12.82 6.29
C ASP D 441 4.87 -11.95 5.72
N ASN D 442 3.68 -11.95 6.33
CA ASN D 442 2.50 -11.24 5.83
C ASN D 442 2.39 -11.43 4.32
N GLY D 443 2.45 -12.68 3.93
CA GLY D 443 2.21 -13.06 2.55
C GLY D 443 3.36 -12.92 1.57
N THR D 444 4.52 -12.48 2.08
CA THR D 444 5.75 -12.49 1.29
C THR D 444 6.55 -13.75 1.64
N PHE D 445 6.81 -14.58 0.63
CA PHE D 445 7.47 -15.89 0.84
C PHE D 445 8.91 -15.75 0.44
N SER D 446 9.80 -16.26 1.29
CA SER D 446 11.23 -16.23 1.05
C SER D 446 11.87 -17.58 1.28
N MET D 447 12.98 -17.77 0.57
CA MET D 447 13.80 -19.00 0.66
C MET D 447 15.26 -18.61 0.87
N PRO D 448 15.62 -18.31 2.13
CA PRO D 448 16.97 -17.79 2.41
C PRO D 448 18.14 -18.74 2.23
N LEU D 449 17.89 -20.03 2.10
CA LEU D 449 18.98 -20.98 1.84
C LEU D 449 19.12 -21.29 0.37
N ALA D 450 18.43 -20.56 -0.50
CA ALA D 450 18.43 -20.87 -1.89
C ALA D 450 19.87 -20.94 -2.41
N GLY D 451 20.22 -22.04 -3.05
CA GLY D 451 21.58 -22.20 -3.54
C GLY D 451 22.53 -22.80 -2.51
N ALA D 452 22.14 -22.85 -1.25
CA ALA D 452 22.96 -23.32 -0.14
C ALA D 452 22.23 -24.38 0.68
N GLU D 453 21.34 -25.09 0.01
CA GLU D 453 20.57 -26.15 0.65
C GLU D 453 21.51 -27.27 1.11
N ILE D 454 21.16 -27.95 2.20
N ILE D 454 21.17 -27.96 2.18
CA ILE D 454 22.04 -28.99 2.79
CA ILE D 454 22.12 -28.90 2.78
C ILE D 454 21.73 -30.33 2.18
C ILE D 454 21.80 -30.30 2.29
N PRO D 455 22.69 -30.93 1.47
CA PRO D 455 22.44 -32.28 1.00
C PRO D 455 22.38 -33.28 2.15
N ILE D 456 21.42 -34.18 2.08
CA ILE D 456 21.29 -35.26 3.06
C ILE D 456 21.86 -36.52 2.41
N PRO D 457 22.89 -37.12 3.04
CA PRO D 457 23.43 -38.37 2.57
C PRO D 457 22.38 -39.49 2.48
N ASP D 458 22.44 -40.34 1.46
CA ASP D 458 21.51 -41.50 1.33
C ASP D 458 21.54 -42.39 2.55
N GLU D 459 22.70 -42.48 3.20
CA GLU D 459 22.83 -43.27 4.43
C GLU D 459 22.21 -42.64 5.67
N VAL D 460 21.91 -41.33 5.64
CA VAL D 460 21.22 -40.68 6.75
C VAL D 460 19.71 -40.83 6.53
N LYS D 461 19.09 -41.69 7.33
CA LYS D 461 17.64 -41.92 7.25
C LYS D 461 16.84 -40.94 8.12
N THR D 462 17.43 -40.46 9.21
CA THR D 462 16.73 -39.65 10.21
C THR D 462 17.43 -38.31 10.29
N VAL D 463 16.68 -37.21 10.13
CA VAL D 463 17.21 -35.90 10.24
C VAL D 463 16.54 -35.28 11.46
N HIS D 464 17.35 -34.71 12.34
CA HIS D 464 16.87 -34.03 13.56
C HIS D 464 16.82 -32.52 13.29
N PHE D 465 15.75 -31.85 13.69
CA PHE D 465 15.64 -30.41 13.60
C PHE D 465 15.40 -29.85 14.99
N LYS D 466 15.93 -28.67 15.23
CA LYS D 466 15.77 -27.96 16.50
C LYS D 466 15.49 -26.51 16.21
N VAL D 467 14.66 -25.88 17.02
CA VAL D 467 14.53 -24.46 17.01
C VAL D 467 14.88 -23.95 18.38
N SER D 468 15.67 -22.88 18.42
CA SER D 468 16.07 -22.24 19.66
C SER D 468 15.49 -20.84 19.67
N VAL D 469 14.47 -20.66 20.51
CA VAL D 469 13.79 -19.36 20.63
C VAL D 469 14.39 -18.61 21.81
N ARG D 470 14.87 -17.40 21.54
CA ARG D 470 15.55 -16.56 22.55
C ARG D 470 14.98 -15.17 22.44
N GLY D 471 13.79 -14.98 22.98
CA GLY D 471 13.17 -13.66 22.96
C GLY D 471 12.92 -13.21 21.56
N ARG D 472 13.53 -12.12 21.16
CA ARG D 472 13.27 -11.50 19.87
C ARG D 472 13.74 -12.27 18.68
N ILE D 473 14.65 -13.23 18.89
CA ILE D 473 15.28 -13.98 17.80
C ILE D 473 15.04 -15.48 17.97
N TYR D 474 14.93 -16.19 16.86
CA TYR D 474 15.05 -17.63 16.91
C TYR D 474 15.88 -18.16 15.76
N GLN D 475 16.43 -19.37 15.95
CA GLN D 475 17.28 -20.00 14.92
C GLN D 475 16.96 -21.46 14.85
N TYR D 476 17.14 -21.99 13.64
CA TYR D 476 16.98 -23.39 13.40
C TYR D 476 18.32 -24.05 13.28
N ALA D 477 18.36 -25.32 13.70
CA ALA D 477 19.50 -26.19 13.53
C ALA D 477 19.08 -27.58 13.09
N TYR D 478 20.05 -28.30 12.55
CA TYR D 478 19.82 -29.67 12.14
C TYR D 478 20.94 -30.59 12.61
N SER D 479 20.66 -31.87 12.63
CA SER D 479 21.68 -32.87 12.98
C SER D 479 21.41 -34.15 12.24
N PHE D 480 22.50 -34.83 11.83
CA PHE D 480 22.41 -36.13 11.21
C PHE D 480 22.73 -37.25 12.19
N ASP D 481 23.06 -36.93 13.44
CA ASP D 481 23.29 -37.97 14.44
C ASP D 481 22.49 -37.81 15.73
N GLY D 482 21.74 -36.71 15.89
CA GLY D 482 21.00 -36.46 17.11
C GLY D 482 21.80 -35.86 18.23
N GLU D 483 23.09 -35.68 18.01
CA GLU D 483 23.95 -35.14 19.05
C GLU D 483 24.59 -33.77 18.74
N THR D 484 25.25 -33.69 17.60
CA THR D 484 25.92 -32.52 17.11
C THR D 484 24.95 -31.79 16.19
N PHE D 485 24.66 -30.52 16.50
CA PHE D 485 23.72 -29.71 15.72
C PHE D 485 24.45 -28.56 15.07
N HIS D 486 24.05 -28.28 13.85
CA HIS D 486 24.57 -27.21 13.03
C HIS D 486 23.49 -26.16 12.85
N THR D 487 23.78 -24.94 13.26
CA THR D 487 22.78 -23.88 13.16
C THR D 487 22.81 -23.22 11.81
N LEU D 488 21.63 -23.08 11.18
CA LEU D 488 21.56 -22.35 9.90
C LEU D 488 21.84 -20.92 10.20
N PRO D 489 22.65 -20.29 9.33
CA PRO D 489 23.09 -18.96 9.71
C PRO D 489 22.10 -17.88 9.25
N ILE D 490 21.00 -17.81 9.97
CA ILE D 490 19.93 -16.83 9.77
C ILE D 490 19.27 -16.60 11.14
N GLU D 491 19.06 -15.35 11.53
CA GLU D 491 18.36 -15.03 12.76
C GLU D 491 16.95 -14.67 12.37
N LEU D 492 15.98 -15.46 12.78
CA LEU D 492 14.61 -15.20 12.42
C LEU D 492 13.91 -14.39 13.50
N PRO D 493 12.97 -13.51 13.09
CA PRO D 493 12.32 -12.61 14.05
C PRO D 493 11.14 -13.27 14.76
N SER D 494 11.29 -13.53 16.04
CA SER D 494 10.18 -14.02 16.85
C SER D 494 9.02 -13.05 16.88
N TRP D 495 9.37 -11.76 16.88
CA TRP D 495 8.37 -10.71 16.96
C TRP D 495 7.43 -10.66 15.77
N LYS D 496 7.79 -11.27 14.63
CA LYS D 496 6.86 -11.33 13.52
C LYS D 496 5.82 -12.42 13.65
N LEU D 497 6.00 -13.37 14.55
CA LEU D 497 5.00 -14.40 14.82
C LEU D 497 4.17 -13.93 15.99
N SER D 498 3.46 -12.81 15.81
CA SER D 498 2.79 -12.18 16.94
C SER D 498 1.50 -11.48 16.49
N ASP D 499 0.59 -11.33 17.44
CA ASP D 499 -0.64 -10.66 17.24
C ASP D 499 -0.42 -9.27 16.66
N ASP D 500 0.67 -8.62 17.10
CA ASP D 500 0.90 -7.21 16.81
C ASP D 500 1.51 -6.98 15.43
N TYR D 501 2.07 -8.04 14.84
CA TYR D 501 2.70 -7.93 13.54
C TYR D 501 1.79 -8.31 12.38
N VAL D 502 1.01 -9.37 12.56
CA VAL D 502 0.33 -9.97 11.43
C VAL D 502 -0.72 -8.99 10.87
N ARG D 503 -0.88 -9.03 9.56
CA ARG D 503 -1.88 -8.19 8.91
C ARG D 503 -3.24 -8.89 8.87
N GLY D 504 -4.25 -8.11 8.56
CA GLY D 504 -5.57 -8.62 8.39
C GLY D 504 -6.43 -8.31 9.60
N GLY D 505 -7.69 -8.64 9.47
CA GLY D 505 -8.65 -8.36 10.55
C GLY D 505 -8.58 -9.22 11.78
N GLY D 506 -7.93 -10.37 11.62
CA GLY D 506 -7.88 -11.36 12.66
C GLY D 506 -6.48 -11.62 13.17
N PHE D 507 -6.25 -11.25 14.42
CA PHE D 507 -4.90 -11.22 15.00
C PHE D 507 -4.95 -11.75 16.44
N PHE D 508 -5.56 -12.94 16.59
CA PHE D 508 -6.13 -13.36 17.87
C PHE D 508 -5.61 -14.63 18.48
N THR D 509 -4.55 -15.15 17.90
CA THR D 509 -3.98 -16.42 18.36
C THR D 509 -2.64 -16.28 19.10
N GLY D 510 -1.54 -16.66 18.46
CA GLY D 510 -0.25 -16.71 19.11
C GLY D 510 0.62 -17.65 18.35
N ALA D 511 1.92 -17.62 18.63
CA ALA D 511 2.88 -18.53 17.95
C ALA D 511 2.78 -19.95 18.47
N PHE D 512 2.93 -20.87 17.52
CA PHE D 512 3.01 -22.28 17.78
C PHE D 512 4.32 -22.81 17.20
N VAL D 513 4.69 -23.97 17.69
CA VAL D 513 5.79 -24.75 17.15
C VAL D 513 5.26 -26.14 16.87
N GLY D 514 5.56 -26.63 15.69
CA GLY D 514 4.95 -27.88 15.26
C GLY D 514 5.73 -28.68 14.25
N ILE D 515 5.08 -29.74 13.76
CA ILE D 515 5.63 -30.62 12.74
C ILE D 515 4.60 -30.91 11.67
N ASN D 516 5.05 -31.00 10.43
CA ASN D 516 4.15 -31.16 9.30
C ASN D 516 4.74 -32.01 8.18
N ALA D 517 3.85 -32.40 7.29
CA ALA D 517 4.23 -33.06 6.05
C ALA D 517 3.33 -32.52 4.95
N ILE D 518 3.94 -32.16 3.85
CA ILE D 518 3.29 -31.60 2.67
C ILE D 518 3.60 -32.51 1.50
N ASP D 519 2.59 -32.81 0.71
CA ASP D 519 2.80 -33.56 -0.56
C ASP D 519 1.77 -33.06 -1.56
N ILE D 520 2.23 -32.08 -2.34
CA ILE D 520 1.38 -31.44 -3.33
C ILE D 520 1.03 -32.41 -4.44
N THR D 521 1.92 -33.35 -4.73
CA THR D 521 1.68 -34.26 -5.85
C THR D 521 0.38 -35.02 -5.67
N GLY D 522 0.10 -35.43 -4.44
CA GLY D 522 -1.11 -36.15 -4.06
C GLY D 522 -0.84 -37.56 -3.53
N THR D 523 0.44 -37.94 -3.43
CA THR D 523 0.83 -39.30 -3.07
C THR D 523 0.87 -39.57 -1.56
N ALA D 524 0.53 -38.59 -0.73
CA ALA D 524 0.44 -38.83 0.72
C ALA D 524 1.71 -39.43 1.29
N LEU D 525 2.86 -38.96 0.83
N LEU D 525 2.86 -38.96 0.83
CA LEU D 525 4.11 -39.54 1.30
CA LEU D 525 4.15 -39.50 1.25
C LEU D 525 4.22 -39.46 2.81
C LEU D 525 4.30 -39.42 2.76
N PRO D 526 4.63 -40.56 3.44
CA PRO D 526 4.71 -40.57 4.90
C PRO D 526 5.99 -39.98 5.46
N ALA D 527 5.86 -39.22 6.56
CA ALA D 527 6.98 -38.67 7.30
C ALA D 527 6.84 -39.24 8.68
N ASP D 528 7.91 -39.89 9.15
CA ASP D 528 7.88 -40.55 10.45
C ASP D 528 8.68 -39.75 11.43
N PHE D 529 8.00 -39.26 12.47
CA PHE D 529 8.61 -38.42 13.52
C PHE D 529 8.75 -39.27 14.78
N ASP D 530 9.99 -39.44 15.21
CA ASP D 530 10.30 -40.29 16.36
C ASP D 530 9.97 -39.61 17.68
N TYR D 531 10.04 -38.29 17.73
CA TYR D 531 9.84 -37.57 19.00
C TYR D 531 9.48 -36.11 18.74
N PHE D 532 9.01 -35.44 19.77
CA PHE D 532 8.80 -34.01 19.72
C PHE D 532 9.18 -33.52 21.08
N THR D 533 10.12 -32.58 21.08
N THR D 533 10.19 -32.66 21.12
CA THR D 533 10.73 -32.04 22.27
CA THR D 533 10.67 -32.08 22.35
C THR D 533 10.38 -30.56 22.43
C THR D 533 10.31 -30.59 22.43
N TYR D 534 10.01 -30.17 23.65
CA TYR D 534 9.71 -28.79 23.97
C TYR D 534 10.27 -28.58 25.36
N LYS D 535 11.30 -27.74 25.47
CA LYS D 535 12.00 -27.50 26.73
C LYS D 535 12.11 -25.99 27.03
N GLU D 536 11.36 -25.50 28.00
CA GLU D 536 11.46 -24.11 28.39
C GLU D 536 12.74 -23.81 29.17
N LEU D 537 13.39 -22.69 28.84
CA LEU D 537 14.73 -22.36 29.40
C LEU D 537 14.68 -21.14 30.30
C1 B3P E . 7.19 12.32 -19.97
C2 B3P E . 6.52 11.66 -18.79
C3 B3P E . 8.67 12.14 -19.92
N1 B3P E . 9.27 12.85 -21.04
C4 B3P E . 10.50 12.39 -21.64
C5 B3P E . 10.98 13.33 -22.71
C6 B3P E . 11.60 12.40 -20.57
C7 B3P E . 10.20 11.07 -22.35
N2 B3P E . 6.72 10.23 -18.78
C8 B3P E . 5.94 9.27 -19.54
C9 B3P E . 5.97 9.50 -21.06
C10 B3P E . 4.43 9.29 -19.17
C11 B3P E . 6.53 7.94 -19.13
O1 B3P E . 7.23 9.26 -21.71
O2 B3P E . 4.28 9.26 -17.72
O3 B3P E . 6.08 6.92 -20.01
O4 B3P E . 11.08 14.70 -22.12
O5 B3P E . 12.74 11.63 -20.94
O6 B3P E . 10.45 9.94 -21.53
O6 B3P E . 11.21 10.11 -22.94
C1 B3P F . 10.63 16.41 14.70
C2 B3P F . 10.17 15.23 13.88
C3 B3P F . 9.81 17.62 14.37
N1 B3P F . 10.22 18.78 15.18
C4 B3P F . 9.32 19.81 15.69
C5 B3P F . 8.45 19.12 16.69
C6 B3P F . 8.63 20.48 14.52
C7 B3P F . 10.14 20.86 16.41
N2 B3P F . 8.81 14.89 14.18
C8 B3P F . 8.49 13.94 15.26
C9 B3P F . 6.99 13.76 15.06
C10 B3P F . 8.86 14.47 16.66
C11 B3P F . 9.17 12.59 15.09
O1 B3P F . 6.46 13.21 16.23
O2 B3P F . 8.11 15.65 17.10
O3 B3P F . 8.94 12.08 13.73
O4 B3P F . 7.32 19.84 17.40
O4 B3P F . 7.21 18.62 16.26
O5 B3P F . 7.49 21.23 14.89
O6 B3P F . 11.18 21.40 15.51
C1 B3P G . -3.90 -20.04 -13.45
C2 B3P G . -5.38 -19.87 -13.65
C3 B3P G . -3.31 -18.95 -12.58
N1 B3P G . -3.44 -17.66 -13.21
C4 B3P G . -2.52 -17.12 -14.19
C5 B3P G . -2.34 -18.01 -15.43
C6 B3P G . -1.15 -16.95 -13.55
C7 B3P G . -3.13 -15.76 -14.49
N2 B3P G . -5.82 -21.05 -14.44
C8 B3P G . -6.87 -20.96 -15.43
C9 B3P G . -7.16 -22.31 -16.00
C10 B3P G . -8.11 -20.53 -14.65
C11 B3P G . -6.35 -20.05 -16.52
O1 B3P G . -7.44 -23.29 -14.94
O2 B3P G . -9.17 -20.04 -15.50
O3 B3P G . -7.23 -19.75 -17.72
O3 B3P G . -6.70 -18.69 -16.30
O4 B3P G . -3.48 -18.07 -16.30
O5 B3P G . -1.24 -16.22 -12.29
O6 B3P G . -2.43 -15.15 -15.55
C1 B3P H . -13.42 -8.50 18.32
C2 B3P H . -12.67 -9.72 18.72
C3 B3P H . -12.82 -7.79 17.14
N1 B3P H . -11.58 -7.19 17.47
C4 B3P H . -11.39 -5.89 18.06
C5 B3P H . -11.95 -4.76 17.18
C6 B3P H . -9.88 -5.79 18.21
C7 B3P H . -12.09 -5.81 19.41
N2 B3P H . -13.34 -10.28 19.91
C8 B3P H . -12.63 -10.97 20.98
C9 B3P H . -11.82 -12.16 20.35
C10 B3P H . -11.79 -9.93 21.78
C11 B3P H . -13.57 -11.56 22.01
O1 B3P H . -10.71 -12.59 21.16
O2 B3P H . -10.53 -9.64 21.16
O2 B3P H . -10.83 -10.17 22.97
O3 B3P H . -13.86 -10.36 22.84
O3 B3P H . -14.27 -12.56 21.15
O4 B3P H . -11.55 -4.97 15.80
O5 B3P H . -9.51 -4.64 18.92
O6 B3P H . -11.48 -6.59 20.50
#